data_3ABR
#
_entry.id   3ABR
#
_cell.length_a   244.120
_cell.length_b   244.120
_cell.length_c   77.150
_cell.angle_alpha   90.00
_cell.angle_beta   90.00
_cell.angle_gamma   120.00
#
_symmetry.space_group_name_H-M   'P 63'
#
loop_
_entity.id
_entity.type
_entity.pdbx_description
1 polymer 'Ethanolamine ammonia-lyase heavy chain'
2 polymer 'Ethanolamine ammonia-lyase light chain'
3 non-polymer GLYCEROL
4 non-polymer 'SODIUM ION'
5 non-polymer COBALAMIN
6 water water
#
loop_
_entity_poly.entity_id
_entity_poly.type
_entity_poly.pdbx_seq_one_letter_code
_entity_poly.pdbx_strand_id
1 'polypeptide(L)'
;MKLKTTLFGNVYQFKDVKEVLAKANELRSGDVLAGVAAASSQERVAAKQVLSEMTVADIRNNPVIAYEDDCVTRLIQDDV
NETAYNQIKNWSISELREYVLSDETSVDDIAFTRKGLTSEVVAAVAKICSNADLIYGAKKMPVIKKANTTIGIPGTFSAR
LQPNDTRDDVQSIAAQIYEGLSFGVGDAVIGVNPVTDDVENLSRVLDTIYGVIDKFNIPTQGCVLAHVTTQIEAIRRGAP
GGLIFQSICGSEKGLKEFGVELAMLDEARAVGAEFNRIAGENCLYFETGQGSALSAGANFGADQVTMEARNYGLARHYDP
FIVNTVVGFIGPEYLYNDRQIIRAGLEDHFMGKLSGISMGCDCCYTNHADADQNLNENLMILLATAGCNYIMGMPLGDDI
MLNYQTTAFHDTATVRQLLNLRPSPEFERWLESMGIMANGRLTKRAGDPSLFF
;
A,C
2 'polypeptide(L)'
;MDQSSHHHHHHMDQKQIEEIVRSVMASMGQAAPAPSEAKCATTNCAAPVTSESCALDLGSAEAKAWIGVENPHRADVLTE
LRRSTVARVCTGRAGPRPRTQALLRFLADHSRSKDTVLKEVPEEWVKAQGLLEVRSEISDKNLYLTRPDMGRRLCAEAVE
ALKAQCVANPDVQVVISDGLSTDAITVNYEEILPPLMAGLKQAGLKVGTPFFVRYGRVKIEDQIGEILGAKVVILLVGER
PGLGQSESLSCYAVYSPRMATTVEADRTCISNIHQGGTPPVEAAAVIVDLAKRMLEQKASGINMTR
;
B,D
#
loop_
_chem_comp.id
_chem_comp.type
_chem_comp.name
_chem_comp.formula
B12 non-polymer COBALAMIN 'C62 H89 Co N13 O14 P 2'
GOL non-polymer GLYCEROL 'C3 H8 O3'
NA non-polymer 'SODIUM ION' 'Na 1'
#
# COMPACT_ATOMS: atom_id res chain seq x y z
N MET A 1 -13.55 -34.88 -1.85
CA MET A 1 -12.61 -33.80 -1.43
C MET A 1 -12.24 -33.86 0.05
N LYS A 2 -11.07 -33.31 0.36
CA LYS A 2 -10.62 -33.11 1.72
C LYS A 2 -11.05 -31.73 2.23
N LEU A 3 -11.53 -31.66 3.46
CA LEU A 3 -11.76 -30.38 4.13
C LEU A 3 -10.81 -30.19 5.30
N LYS A 4 -9.63 -30.79 5.17
CA LYS A 4 -8.74 -30.98 6.30
C LYS A 4 -7.30 -30.98 5.80
N THR A 5 -6.43 -30.27 6.49
CA THR A 5 -4.99 -30.47 6.31
C THR A 5 -4.28 -30.38 7.67
N THR A 6 -3.07 -30.94 7.72
CA THR A 6 -2.19 -30.72 8.86
C THR A 6 -1.10 -29.71 8.50
N LEU A 7 -0.84 -28.76 9.39
CA LEU A 7 0.21 -27.77 9.16
C LEU A 7 1.01 -27.55 10.43
N PHE A 8 2.33 -27.73 10.32
CA PHE A 8 3.22 -27.87 11.47
C PHE A 8 2.63 -28.80 12.53
N GLY A 9 2.10 -29.94 12.08
CA GLY A 9 1.76 -31.03 12.99
C GLY A 9 0.41 -30.84 13.67
N ASN A 10 -0.24 -29.73 13.36
CA ASN A 10 -1.57 -29.44 13.91
C ASN A 10 -2.64 -29.58 12.83
N VAL A 11 -3.65 -30.39 13.12
CA VAL A 11 -4.70 -30.66 12.16
C VAL A 11 -5.62 -29.45 12.03
N TYR A 12 -5.86 -29.01 10.79
CA TYR A 12 -6.80 -27.93 10.52
C TYR A 12 -8.01 -28.43 9.75
N GLN A 13 -9.14 -28.57 10.43
CA GLN A 13 -10.34 -29.06 9.77
C GLN A 13 -11.33 -27.94 9.48
N PHE A 14 -12.08 -28.09 8.39
CA PHE A 14 -13.08 -27.08 8.04
C PHE A 14 -14.42 -27.76 7.78
N LYS A 15 -15.50 -27.01 7.99
CA LYS A 15 -16.86 -27.56 7.94
C LYS A 15 -17.29 -27.83 6.51
N ASP A 16 -17.09 -26.86 5.64
CA ASP A 16 -17.57 -26.95 4.27
C ASP A 16 -16.78 -26.05 3.33
N VAL A 17 -16.96 -26.26 2.03
CA VAL A 17 -16.30 -25.44 1.02
C VAL A 17 -16.42 -23.97 1.35
N LYS A 18 -17.63 -23.53 1.69
CA LYS A 18 -17.87 -22.15 2.09
C LYS A 18 -16.90 -21.64 3.16
N GLU A 19 -16.69 -22.43 4.21
CA GLU A 19 -15.77 -22.04 5.29
C GLU A 19 -14.35 -21.89 4.75
N VAL A 20 -13.92 -22.86 3.96
CA VAL A 20 -12.60 -22.85 3.34
C VAL A 20 -12.36 -21.59 2.51
N LEU A 21 -13.36 -21.24 1.69
CA LEU A 21 -13.28 -20.08 0.79
C LEU A 21 -13.18 -18.77 1.56
N ALA A 22 -13.92 -18.69 2.67
CA ALA A 22 -13.92 -17.51 3.53
C ALA A 22 -12.57 -17.30 4.23
N LYS A 23 -12.07 -18.36 4.87
CA LYS A 23 -10.85 -18.26 5.67
C LYS A 23 -9.59 -18.10 4.82
N ALA A 24 -9.65 -18.53 3.57
CA ALA A 24 -8.51 -18.39 2.65
C ALA A 24 -8.18 -16.93 2.35
N ASN A 25 -9.20 -16.08 2.46
CA ASN A 25 -9.01 -14.65 2.24
C ASN A 25 -7.87 -14.08 3.07
N GLU A 26 -7.09 -13.20 2.46
CA GLU A 26 -6.33 -12.21 3.20
C GLU A 26 -7.22 -11.46 4.19
N LEU A 27 -6.67 -11.11 5.35
CA LEU A 27 -7.43 -10.49 6.42
C LEU A 27 -8.09 -9.19 5.97
N ARG A 28 -9.38 -9.06 6.24
CA ARG A 28 -10.06 -7.77 6.12
C ARG A 28 -11.11 -7.59 7.21
N SER A 29 -11.46 -6.34 7.49
CA SER A 29 -12.43 -6.07 8.55
C SER A 29 -13.79 -6.68 8.24
N GLY A 30 -14.09 -6.84 6.94
CA GLY A 30 -15.37 -7.34 6.50
C GLY A 30 -15.63 -8.78 6.93
N ASP A 31 -14.67 -9.64 6.69
CA ASP A 31 -14.78 -11.06 7.01
C ASP A 31 -14.84 -11.27 8.52
N VAL A 32 -14.15 -10.42 9.26
CA VAL A 32 -14.25 -10.41 10.72
C VAL A 32 -15.67 -10.06 11.17
N LEU A 33 -16.21 -8.98 10.62
CA LEU A 33 -17.57 -8.56 10.94
C LEU A 33 -18.57 -9.67 10.60
N ALA A 34 -18.43 -10.25 9.41
CA ALA A 34 -19.28 -11.36 8.99
C ALA A 34 -19.02 -12.63 9.82
N GLY A 35 -17.93 -12.62 10.57
CA GLY A 35 -17.61 -13.73 11.47
C GLY A 35 -17.13 -14.99 10.75
N VAL A 36 -16.60 -14.81 9.55
CA VAL A 36 -16.22 -15.95 8.72
C VAL A 36 -14.71 -16.05 8.51
N ALA A 37 -13.95 -15.14 9.12
CA ALA A 37 -12.51 -15.00 8.85
C ALA A 37 -11.67 -16.03 9.59
N ALA A 38 -10.48 -16.30 9.09
CA ALA A 38 -9.53 -17.18 9.78
C ALA A 38 -9.25 -16.72 11.22
N ALA A 39 -8.85 -17.64 12.07
CA ALA A 39 -8.57 -17.33 13.49
C ALA A 39 -7.12 -16.88 13.68
N SER A 40 -6.27 -17.27 12.73
CA SER A 40 -4.85 -16.92 12.77
C SER A 40 -4.28 -17.05 11.36
N SER A 41 -3.02 -16.67 11.19
CA SER A 41 -2.34 -16.80 9.92
C SER A 41 -2.16 -18.26 9.53
N GLN A 42 -1.85 -19.09 10.51
CA GLN A 42 -1.75 -20.54 10.30
C GLN A 42 -3.04 -21.12 9.68
N GLU A 43 -4.19 -20.68 10.16
CA GLU A 43 -5.46 -21.24 9.69
C GLU A 43 -5.87 -20.61 8.36
N ARG A 44 -5.45 -19.36 8.16
CA ARG A 44 -5.56 -18.73 6.84
C ARG A 44 -4.79 -19.53 5.81
N VAL A 45 -3.55 -19.90 6.12
CA VAL A 45 -2.71 -20.65 5.19
C VAL A 45 -3.22 -22.07 4.99
N ALA A 46 -3.66 -22.71 6.08
CA ALA A 46 -4.19 -24.07 6.02
C ALA A 46 -5.43 -24.14 5.12
N ALA A 47 -6.28 -23.12 5.23
CA ALA A 47 -7.46 -22.97 4.38
C ALA A 47 -7.08 -22.78 2.90
N LYS A 48 -6.03 -21.99 2.68
CA LYS A 48 -5.50 -21.78 1.33
C LYS A 48 -5.02 -23.09 0.70
N GLN A 49 -4.33 -23.93 1.48
CA GLN A 49 -3.84 -25.21 0.97
C GLN A 49 -4.97 -26.19 0.68
N VAL A 50 -5.91 -26.32 1.64
CA VAL A 50 -7.12 -27.11 1.42
C VAL A 50 -7.84 -26.67 0.14
N LEU A 51 -8.04 -25.36 -0.02
CA LEU A 51 -8.66 -24.81 -1.21
C LEU A 51 -7.86 -25.14 -2.47
N SER A 52 -6.56 -24.87 -2.42
CA SER A 52 -5.68 -25.13 -3.56
C SER A 52 -5.73 -26.58 -4.03
N GLU A 53 -6.19 -27.47 -3.15
CA GLU A 53 -6.22 -28.90 -3.44
C GLU A 53 -7.58 -29.42 -3.92
N MET A 54 -8.63 -28.65 -3.64
CA MET A 54 -9.96 -28.95 -4.18
C MET A 54 -9.99 -28.76 -5.69
N THR A 55 -10.88 -29.47 -6.36
CA THR A 55 -10.95 -29.40 -7.80
C THR A 55 -11.94 -28.32 -8.24
N VAL A 56 -11.92 -28.01 -9.52
CA VAL A 56 -12.91 -27.14 -10.13
C VAL A 56 -14.32 -27.69 -9.86
N ALA A 57 -14.51 -28.98 -10.10
CA ALA A 57 -15.76 -29.67 -9.73
C ALA A 57 -16.17 -29.42 -8.28
N ASP A 58 -15.25 -29.67 -7.34
CA ASP A 58 -15.52 -29.50 -5.92
C ASP A 58 -16.17 -28.14 -5.65
N ILE A 59 -15.58 -27.10 -6.22
CA ILE A 59 -16.03 -25.74 -6.01
C ILE A 59 -17.25 -25.38 -6.87
N ARG A 60 -17.25 -25.79 -8.13
CA ARG A 60 -18.39 -25.54 -9.02
C ARG A 60 -19.68 -26.11 -8.45
N ASN A 61 -19.61 -27.28 -7.82
CA ASN A 61 -20.81 -27.97 -7.33
C ASN A 61 -21.24 -27.54 -5.93
N ASN A 62 -20.55 -26.55 -5.38
CA ASN A 62 -20.80 -26.10 -4.02
C ASN A 62 -20.89 -24.58 -3.94
N PRO A 63 -21.91 -24.01 -4.59
CA PRO A 63 -22.05 -22.55 -4.61
C PRO A 63 -22.56 -22.04 -3.28
N VAL A 64 -22.23 -20.80 -2.95
CA VAL A 64 -22.55 -20.26 -1.64
C VAL A 64 -24.05 -20.31 -1.38
N ILE A 65 -24.83 -20.11 -2.43
CA ILE A 65 -26.28 -20.20 -2.34
C ILE A 65 -26.83 -21.17 -3.39
N ALA A 66 -27.75 -22.04 -2.97
CA ALA A 66 -28.16 -23.18 -3.79
C ALA A 66 -28.91 -22.76 -5.06
N TYR A 67 -28.68 -23.52 -6.12
CA TYR A 67 -29.39 -23.34 -7.40
C TYR A 67 -30.88 -23.06 -7.27
N GLU A 68 -31.60 -23.92 -6.58
CA GLU A 68 -33.06 -23.78 -6.55
C GLU A 68 -33.51 -22.64 -5.64
N ASP A 69 -32.56 -22.06 -4.90
CA ASP A 69 -32.86 -21.02 -3.91
C ASP A 69 -32.53 -19.61 -4.41
N ASP A 70 -31.67 -19.52 -5.42
CA ASP A 70 -31.09 -18.22 -5.80
C ASP A 70 -31.03 -18.04 -7.32
N CYS A 71 -31.72 -17.02 -7.82
CA CYS A 71 -31.76 -16.74 -9.25
C CYS A 71 -30.39 -16.41 -9.84
N VAL A 72 -29.51 -15.81 -9.03
CA VAL A 72 -28.17 -15.47 -9.50
C VAL A 72 -27.29 -16.72 -9.61
N THR A 73 -27.41 -17.63 -8.66
CA THR A 73 -26.77 -18.94 -8.80
C THR A 73 -27.21 -19.62 -10.09
N ARG A 74 -28.51 -19.57 -10.39
CA ARG A 74 -29.01 -20.25 -11.58
C ARG A 74 -28.48 -19.61 -12.86
N LEU A 75 -28.46 -18.28 -12.89
CA LEU A 75 -27.90 -17.53 -14.00
C LEU A 75 -26.44 -17.93 -14.24
N ILE A 76 -25.66 -18.00 -13.16
CA ILE A 76 -24.24 -18.30 -13.26
C ILE A 76 -24.02 -19.71 -13.79
N GLN A 77 -24.69 -20.67 -13.17
CA GLN A 77 -24.57 -22.08 -13.53
C GLN A 77 -25.10 -22.38 -14.91
N ASP A 78 -26.19 -21.71 -15.29
CA ASP A 78 -26.85 -21.98 -16.59
C ASP A 78 -25.97 -21.45 -17.73
N ASP A 79 -25.06 -20.55 -17.43
CA ASP A 79 -24.23 -19.92 -18.46
C ASP A 79 -22.92 -20.66 -18.75
N VAL A 80 -22.68 -21.75 -18.03
CA VAL A 80 -21.47 -22.54 -18.20
C VAL A 80 -21.45 -23.27 -19.56
N ASN A 81 -20.33 -23.14 -20.26
CA ASN A 81 -20.04 -24.05 -21.36
C ASN A 81 -19.56 -25.40 -20.82
N GLU A 82 -20.43 -26.41 -20.89
CA GLU A 82 -20.19 -27.70 -20.24
C GLU A 82 -19.07 -28.51 -20.92
N THR A 83 -18.80 -28.23 -22.19
CA THR A 83 -17.62 -28.78 -22.85
C THR A 83 -16.31 -28.20 -22.30
N ALA A 84 -16.28 -26.90 -22.05
CA ALA A 84 -15.13 -26.28 -21.41
C ALA A 84 -15.01 -26.71 -19.95
N TYR A 85 -16.15 -26.84 -19.27
CA TYR A 85 -16.12 -27.30 -17.88
C TYR A 85 -15.56 -28.72 -17.75
N ASN A 86 -15.95 -29.57 -18.70
CA ASN A 86 -15.56 -30.97 -18.63
C ASN A 86 -14.05 -31.19 -18.82
N GLN A 87 -13.39 -30.23 -19.46
CA GLN A 87 -11.94 -30.31 -19.72
C GLN A 87 -11.14 -29.97 -18.47
N ILE A 88 -11.73 -29.20 -17.57
CA ILE A 88 -10.98 -28.63 -16.45
C ILE A 88 -11.51 -29.06 -15.08
N LYS A 89 -12.64 -29.76 -15.05
CA LYS A 89 -13.36 -30.01 -13.80
C LYS A 89 -12.53 -30.81 -12.81
N ASN A 90 -11.56 -31.56 -13.31
CA ASN A 90 -10.68 -32.35 -12.46
C ASN A 90 -9.36 -31.67 -12.09
N TRP A 91 -9.17 -30.43 -12.56
CA TRP A 91 -8.02 -29.63 -12.16
C TRP A 91 -8.17 -29.21 -10.71
N SER A 92 -7.07 -29.20 -9.98
CA SER A 92 -7.03 -28.52 -8.68
C SER A 92 -7.05 -27.02 -8.92
N ILE A 93 -7.46 -26.27 -7.91
CA ILE A 93 -7.40 -24.82 -7.96
C ILE A 93 -5.93 -24.36 -8.04
N SER A 94 -5.04 -25.15 -7.44
CA SER A 94 -3.61 -24.93 -7.60
C SER A 94 -3.23 -24.93 -9.07
N GLU A 95 -3.71 -25.96 -9.77
CA GLU A 95 -3.41 -26.13 -11.19
C GLU A 95 -4.05 -25.06 -12.07
N LEU A 96 -5.22 -24.57 -11.67
CA LEU A 96 -5.90 -23.49 -12.39
C LEU A 96 -5.18 -22.14 -12.21
N ARG A 97 -4.71 -21.88 -11.01
CA ARG A 97 -3.87 -20.73 -10.78
C ARG A 97 -2.66 -20.73 -11.71
N GLU A 98 -1.97 -21.87 -11.78
CA GLU A 98 -0.72 -21.93 -12.51
C GLU A 98 -0.97 -21.84 -14.01
N TYR A 99 -2.09 -22.39 -14.44
CA TYR A 99 -2.54 -22.27 -15.82
C TYR A 99 -2.77 -20.82 -16.23
N VAL A 100 -3.50 -20.08 -15.40
CA VAL A 100 -3.84 -18.67 -15.67
C VAL A 100 -2.57 -17.84 -15.80
N LEU A 101 -1.60 -18.14 -14.94
CA LEU A 101 -0.39 -17.34 -14.82
C LEU A 101 0.67 -17.72 -15.86
N SER A 102 0.48 -18.85 -16.53
CA SER A 102 1.53 -19.37 -17.40
C SER A 102 1.69 -18.48 -18.63
N ASP A 103 2.94 -18.25 -19.05
CA ASP A 103 3.20 -17.50 -20.27
C ASP A 103 2.85 -18.32 -21.53
N GLU A 104 2.62 -19.61 -21.36
CA GLU A 104 2.22 -20.48 -22.47
C GLU A 104 0.70 -20.58 -22.60
N THR A 105 0.00 -19.97 -21.65
CA THR A 105 -1.44 -19.82 -21.77
C THR A 105 -1.76 -18.48 -22.44
N SER A 106 -2.36 -18.53 -23.62
CA SER A 106 -2.65 -17.32 -24.39
C SER A 106 -4.02 -16.72 -24.05
N VAL A 107 -4.25 -15.51 -24.52
CA VAL A 107 -5.58 -14.89 -24.45
C VAL A 107 -6.67 -15.80 -25.04
N ASP A 108 -6.38 -16.46 -26.17
CA ASP A 108 -7.37 -17.34 -26.79
C ASP A 108 -7.61 -18.61 -25.96
N ASP A 109 -6.56 -19.12 -25.32
CA ASP A 109 -6.69 -20.25 -24.42
C ASP A 109 -7.65 -19.92 -23.30
N ILE A 110 -7.39 -18.81 -22.62
CA ILE A 110 -8.22 -18.33 -21.51
C ILE A 110 -9.64 -18.04 -21.96
N ALA A 111 -9.80 -17.60 -23.21
CA ALA A 111 -11.12 -17.28 -23.75
C ALA A 111 -12.06 -18.47 -23.69
N PHE A 112 -11.54 -19.66 -23.97
CA PHE A 112 -12.37 -20.85 -23.90
C PHE A 112 -12.45 -21.38 -22.47
N THR A 113 -11.31 -21.43 -21.78
CA THR A 113 -11.25 -21.97 -20.44
C THR A 113 -12.16 -21.25 -19.47
N ARG A 114 -12.23 -19.92 -19.58
CA ARG A 114 -13.02 -19.15 -18.65
C ARG A 114 -14.52 -19.47 -18.73
N LYS A 115 -14.96 -19.98 -19.87
CA LYS A 115 -16.35 -20.40 -20.05
C LYS A 115 -16.76 -21.63 -19.25
N GLY A 116 -15.78 -22.37 -18.76
CA GLY A 116 -16.04 -23.53 -17.91
C GLY A 116 -16.00 -23.21 -16.42
N LEU A 117 -15.86 -21.93 -16.09
CA LEU A 117 -15.77 -21.49 -14.70
C LEU A 117 -17.13 -20.99 -14.18
N THR A 118 -17.31 -21.10 -12.87
CA THR A 118 -18.34 -20.35 -12.17
C THR A 118 -17.66 -19.35 -11.23
N SER A 119 -18.42 -18.37 -10.77
CA SER A 119 -17.88 -17.29 -9.94
C SER A 119 -17.10 -17.79 -8.71
N GLU A 120 -17.63 -18.83 -8.07
CA GLU A 120 -16.98 -19.44 -6.93
C GLU A 120 -15.58 -19.95 -7.28
N VAL A 121 -15.44 -20.56 -8.46
CA VAL A 121 -14.12 -21.03 -8.91
C VAL A 121 -13.18 -19.86 -9.20
N VAL A 122 -13.70 -18.83 -9.87
CA VAL A 122 -12.98 -17.57 -10.05
C VAL A 122 -12.48 -17.02 -8.71
N ALA A 123 -13.36 -16.97 -7.71
CA ALA A 123 -12.99 -16.56 -6.36
C ALA A 123 -11.87 -17.42 -5.78
N ALA A 124 -12.00 -18.73 -5.89
CA ALA A 124 -11.03 -19.64 -5.29
C ALA A 124 -9.64 -19.36 -5.83
N VAL A 125 -9.55 -19.07 -7.12
CA VAL A 125 -8.27 -18.75 -7.73
C VAL A 125 -7.68 -17.47 -7.13
N ALA A 126 -8.50 -16.42 -7.06
CA ALA A 126 -8.05 -15.15 -6.51
C ALA A 126 -7.50 -15.29 -5.09
N LYS A 127 -8.07 -16.24 -4.34
CA LYS A 127 -7.75 -16.42 -2.92
C LYS A 127 -6.35 -16.97 -2.69
N ILE A 128 -5.80 -17.65 -3.69
CA ILE A 128 -4.46 -18.22 -3.56
C ILE A 128 -3.45 -17.50 -4.44
N CYS A 129 -3.77 -16.26 -4.81
CA CYS A 129 -2.84 -15.41 -5.54
C CYS A 129 -2.25 -14.32 -4.66
N SER A 130 -0.94 -14.12 -4.77
CA SER A 130 -0.29 -12.93 -4.21
C SER A 130 -0.70 -11.69 -4.99
N ASN A 131 -0.27 -10.52 -4.50
CA ASN A 131 -0.66 -9.26 -5.12
C ASN A 131 -0.12 -9.16 -6.54
N ALA A 132 1.13 -9.61 -6.71
CA ALA A 132 1.74 -9.66 -8.02
C ALA A 132 1.06 -10.67 -8.94
N ASP A 133 0.59 -11.79 -8.38
CA ASP A 133 -0.14 -12.80 -9.15
C ASP A 133 -1.39 -12.18 -9.74
N LEU A 134 -2.10 -11.42 -8.91
CA LEU A 134 -3.36 -10.78 -9.29
C LEU A 134 -3.13 -9.74 -10.38
N ILE A 135 -2.02 -9.01 -10.28
CA ILE A 135 -1.72 -7.99 -11.27
C ILE A 135 -1.29 -8.61 -12.60
N TYR A 136 -0.39 -9.58 -12.54
CA TYR A 136 0.16 -10.14 -13.77
C TYR A 136 -0.89 -10.99 -14.48
N GLY A 137 -1.59 -11.81 -13.70
CA GLY A 137 -2.70 -12.60 -14.24
C GLY A 137 -3.77 -11.76 -14.91
N ALA A 138 -4.20 -10.69 -14.23
CA ALA A 138 -5.18 -9.81 -14.83
C ALA A 138 -4.68 -9.16 -16.12
N LYS A 139 -3.39 -8.84 -16.17
CA LYS A 139 -2.83 -8.15 -17.33
C LYS A 139 -2.84 -9.05 -18.57
N LYS A 140 -2.70 -10.35 -18.37
CA LYS A 140 -2.69 -11.28 -19.52
C LYS A 140 -4.10 -11.76 -19.87
N MET A 141 -5.10 -11.12 -19.27
CA MET A 141 -6.49 -11.39 -19.62
C MET A 141 -7.25 -10.11 -20.05
N PRO A 142 -6.87 -9.53 -21.20
CA PRO A 142 -7.58 -8.34 -21.68
C PRO A 142 -9.04 -8.63 -22.03
N VAL A 143 -9.89 -7.63 -21.84
CA VAL A 143 -11.30 -7.74 -22.18
C VAL A 143 -11.68 -6.43 -22.82
N ILE A 144 -12.06 -6.51 -24.09
CA ILE A 144 -12.27 -5.34 -24.92
C ILE A 144 -13.74 -5.25 -25.29
N LYS A 145 -14.31 -4.06 -25.10
CA LYS A 145 -15.69 -3.80 -25.47
C LYS A 145 -15.76 -2.48 -26.25
N LYS A 146 -16.92 -2.22 -26.83
CA LYS A 146 -17.09 -1.05 -27.69
C LYS A 146 -18.48 -0.44 -27.53
N ALA A 147 -18.54 0.83 -27.15
CA ALA A 147 -19.75 1.61 -27.36
C ALA A 147 -19.54 2.63 -28.47
N ASN A 148 -19.27 3.86 -28.11
CA ASN A 148 -18.80 4.85 -29.07
C ASN A 148 -17.29 5.00 -28.94
N THR A 149 -16.77 4.50 -27.82
CA THR A 149 -15.34 4.30 -27.68
C THR A 149 -15.04 2.81 -27.52
N THR A 150 -13.79 2.44 -27.81
CA THR A 150 -13.32 1.10 -27.53
C THR A 150 -12.50 1.11 -26.25
N ILE A 151 -12.84 0.21 -25.33
CA ILE A 151 -12.18 0.18 -24.04
C ILE A 151 -11.54 -1.18 -23.85
N GLY A 152 -10.40 -1.23 -23.16
CA GLY A 152 -9.81 -2.50 -22.79
C GLY A 152 -8.66 -2.98 -23.64
N ILE A 153 -8.36 -2.27 -24.73
CA ILE A 153 -7.22 -2.65 -25.57
C ILE A 153 -5.90 -2.43 -24.84
N PRO A 154 -5.05 -3.46 -24.79
CA PRO A 154 -3.75 -3.32 -24.11
C PRO A 154 -3.00 -2.13 -24.69
N GLY A 155 -2.43 -1.31 -23.80
CA GLY A 155 -1.75 -0.10 -24.24
C GLY A 155 -2.65 1.11 -24.10
N THR A 156 -3.87 0.89 -23.64
CA THR A 156 -4.80 1.99 -23.45
C THR A 156 -5.30 2.03 -22.00
N PHE A 157 -5.92 3.14 -21.62
CA PHE A 157 -6.39 3.38 -20.26
C PHE A 157 -7.49 4.44 -20.35
N SER A 158 -8.71 4.07 -19.96
CA SER A 158 -9.85 4.98 -20.05
C SER A 158 -10.26 5.54 -18.70
N ALA A 159 -11.21 6.47 -18.70
CA ALA A 159 -11.65 7.17 -17.50
C ALA A 159 -13.11 7.66 -17.59
N ARG A 160 -13.88 7.39 -16.55
CA ARG A 160 -15.19 8.01 -16.36
C ARG A 160 -15.07 9.44 -15.84
N LEU A 161 -15.73 10.39 -16.51
CA LEU A 161 -15.85 11.75 -16.00
C LEU A 161 -17.08 11.80 -15.11
N GLN A 162 -16.89 12.20 -13.86
CA GLN A 162 -17.94 12.14 -12.84
C GLN A 162 -18.25 13.53 -12.32
N PRO A 163 -19.13 14.27 -13.04
CA PRO A 163 -19.40 15.67 -12.72
C PRO A 163 -20.64 15.81 -11.84
N ASN A 164 -20.54 15.34 -10.61
CA ASN A 164 -21.69 15.31 -9.72
C ASN A 164 -21.86 16.67 -9.06
N ASP A 165 -23.11 17.03 -8.77
CA ASP A 165 -23.42 18.29 -8.08
C ASP A 165 -24.49 18.09 -7.03
N THR A 166 -24.31 18.74 -5.88
CA THR A 166 -25.20 18.54 -4.75
C THR A 166 -26.64 18.92 -5.08
N ARG A 167 -26.80 19.83 -6.05
CA ARG A 167 -28.14 20.26 -6.47
C ARG A 167 -28.47 19.84 -7.91
N ASP A 168 -27.61 19.02 -8.52
CA ASP A 168 -27.76 18.70 -9.94
C ASP A 168 -27.79 19.95 -10.81
N ASP A 169 -27.08 21.00 -10.39
CA ASP A 169 -27.07 22.27 -11.12
C ASP A 169 -26.29 22.13 -12.43
N VAL A 170 -26.97 22.41 -13.55
CA VAL A 170 -26.43 22.11 -14.88
C VAL A 170 -25.16 22.90 -15.17
N GLN A 171 -24.98 24.01 -14.45
CA GLN A 171 -23.79 24.84 -14.60
C GLN A 171 -22.60 24.18 -13.93
N SER A 172 -22.82 23.65 -12.74
CA SER A 172 -21.77 22.97 -11.98
C SER A 172 -21.36 21.69 -12.71
N ILE A 173 -22.37 20.96 -13.18
CA ILE A 173 -22.15 19.75 -13.97
C ILE A 173 -21.33 20.05 -15.21
N ALA A 174 -21.77 21.03 -16.00
CA ALA A 174 -21.04 21.45 -17.19
C ALA A 174 -19.62 21.90 -16.87
N ALA A 175 -19.46 22.65 -15.78
CA ALA A 175 -18.15 23.17 -15.39
C ALA A 175 -17.14 22.03 -15.24
N GLN A 176 -17.55 20.96 -14.55
CA GLN A 176 -16.67 19.83 -14.31
C GLN A 176 -16.40 19.00 -15.56
N ILE A 177 -17.37 18.98 -16.47
CA ILE A 177 -17.20 18.30 -17.75
C ILE A 177 -16.09 18.95 -18.60
N TYR A 178 -16.12 20.28 -18.71
CA TYR A 178 -15.07 20.99 -19.44
C TYR A 178 -13.70 20.79 -18.79
N GLU A 179 -13.68 20.71 -17.46
CA GLU A 179 -12.46 20.48 -16.71
C GLU A 179 -11.91 19.06 -16.97
N GLY A 180 -12.80 18.07 -16.96
CA GLY A 180 -12.39 16.68 -17.15
C GLY A 180 -11.91 16.43 -18.57
N LEU A 181 -12.68 16.89 -19.53
CA LEU A 181 -12.29 16.82 -20.93
C LEU A 181 -10.92 17.44 -21.21
N SER A 182 -10.56 18.49 -20.45
CA SER A 182 -9.29 19.17 -20.64
C SER A 182 -8.09 18.34 -20.14
N PHE A 183 -8.37 17.37 -19.28
CA PHE A 183 -7.34 16.48 -18.82
C PHE A 183 -7.39 15.15 -19.57
N GLY A 184 -8.34 15.04 -20.50
CA GLY A 184 -8.47 13.86 -21.34
C GLY A 184 -9.26 12.76 -20.66
N VAL A 185 -10.20 13.16 -19.80
CA VAL A 185 -11.06 12.22 -19.10
C VAL A 185 -12.43 12.16 -19.79
N GLY A 186 -13.06 10.98 -19.77
CA GLY A 186 -14.41 10.85 -20.30
C GLY A 186 -14.58 9.83 -21.43
N ASP A 187 -13.48 9.17 -21.82
CA ASP A 187 -13.56 8.14 -22.86
C ASP A 187 -14.33 6.88 -22.47
N ALA A 188 -14.39 6.58 -21.17
CA ALA A 188 -15.25 5.50 -20.69
C ALA A 188 -16.72 5.92 -20.72
N VAL A 189 -17.00 7.08 -20.13
CA VAL A 189 -18.36 7.58 -19.99
C VAL A 189 -18.34 8.92 -19.27
N ILE A 190 -19.35 9.74 -19.56
CA ILE A 190 -19.65 10.91 -18.74
C ILE A 190 -20.87 10.60 -17.88
N GLY A 191 -20.61 10.26 -16.63
CA GLY A 191 -21.60 9.60 -15.79
C GLY A 191 -21.89 10.43 -14.55
N VAL A 192 -23.18 10.71 -14.33
CA VAL A 192 -23.58 11.49 -13.18
C VAL A 192 -24.49 10.68 -12.27
N ASN A 193 -24.11 10.58 -11.00
CA ASN A 193 -25.07 10.31 -9.94
C ASN A 193 -25.91 11.55 -9.60
N PRO A 194 -27.20 11.54 -9.97
CA PRO A 194 -28.09 12.68 -9.77
C PRO A 194 -28.72 12.70 -8.39
N VAL A 195 -29.25 13.85 -7.98
CA VAL A 195 -29.87 14.01 -6.68
C VAL A 195 -31.32 13.51 -6.70
N THR A 196 -32.12 14.02 -7.64
CA THR A 196 -33.47 13.51 -7.82
C THR A 196 -33.60 12.43 -8.89
N ASP A 197 -34.34 11.39 -8.53
CA ASP A 197 -34.50 10.18 -9.31
C ASP A 197 -35.84 10.34 -10.01
N ASP A 198 -35.83 11.08 -11.12
CA ASP A 198 -37.03 11.78 -11.58
C ASP A 198 -36.89 12.14 -13.06
N VAL A 199 -37.91 11.81 -13.85
CA VAL A 199 -37.78 11.85 -15.31
C VAL A 199 -37.33 13.22 -15.82
N GLU A 200 -38.01 14.28 -15.37
CA GLU A 200 -37.69 15.64 -15.78
C GLU A 200 -36.23 15.97 -15.47
N ASN A 201 -35.77 15.57 -14.29
CA ASN A 201 -34.42 15.85 -13.86
C ASN A 201 -33.38 15.05 -14.62
N LEU A 202 -33.68 13.76 -14.83
CA LEU A 202 -32.77 12.89 -15.56
C LEU A 202 -32.50 13.40 -16.97
N SER A 203 -33.56 13.76 -17.68
CA SER A 203 -33.46 14.30 -19.04
C SER A 203 -32.70 15.63 -19.05
N ARG A 204 -32.88 16.43 -18.02
CA ARG A 204 -32.18 17.71 -17.90
C ARG A 204 -30.69 17.49 -17.75
N VAL A 205 -30.31 16.59 -16.85
CA VAL A 205 -28.91 16.21 -16.71
C VAL A 205 -28.37 15.62 -18.01
N LEU A 206 -29.05 14.60 -18.53
CA LEU A 206 -28.70 14.02 -19.84
C LEU A 206 -28.59 15.06 -20.95
N ASP A 207 -29.59 15.94 -21.04
CA ASP A 207 -29.51 17.08 -21.97
C ASP A 207 -28.24 17.89 -21.76
N THR A 208 -27.85 18.10 -20.50
CA THR A 208 -26.63 18.83 -20.20
C THR A 208 -25.43 18.11 -20.77
N ILE A 209 -25.30 16.82 -20.44
CA ILE A 209 -24.17 16.03 -20.87
C ILE A 209 -24.06 16.01 -22.40
N TYR A 210 -25.19 15.72 -23.05
CA TYR A 210 -25.19 15.57 -24.49
C TYR A 210 -25.08 16.89 -25.27
N GLY A 211 -25.47 17.99 -24.63
CA GLY A 211 -25.16 19.32 -25.16
C GLY A 211 -23.67 19.53 -25.40
N VAL A 212 -22.85 19.10 -24.44
CA VAL A 212 -21.39 19.17 -24.60
C VAL A 212 -20.85 18.13 -25.59
N ILE A 213 -21.36 16.90 -25.52
CA ILE A 213 -21.02 15.86 -26.50
C ILE A 213 -21.35 16.28 -27.94
N ASP A 214 -22.57 16.78 -28.15
CA ASP A 214 -23.03 17.13 -29.49
C ASP A 214 -22.34 18.38 -30.03
N LYS A 215 -21.99 19.30 -29.13
CA LYS A 215 -21.44 20.58 -29.54
C LYS A 215 -20.03 20.37 -30.09
N PHE A 216 -19.24 19.57 -29.37
CA PHE A 216 -17.86 19.32 -29.74
C PHE A 216 -17.69 17.99 -30.48
N ASN A 217 -18.82 17.35 -30.79
CA ASN A 217 -18.84 16.05 -31.46
C ASN A 217 -17.92 15.02 -30.81
N ILE A 218 -18.07 14.84 -29.51
CA ILE A 218 -17.18 13.97 -28.75
C ILE A 218 -17.56 12.50 -28.91
N PRO A 219 -16.62 11.67 -29.37
CA PRO A 219 -16.85 10.23 -29.38
C PRO A 219 -16.83 9.68 -27.96
N THR A 220 -17.98 9.70 -27.31
CA THR A 220 -18.15 9.09 -26.00
C THR A 220 -19.64 8.82 -25.80
N GLN A 221 -20.03 8.54 -24.56
CA GLN A 221 -21.43 8.27 -24.21
C GLN A 221 -21.72 8.85 -22.83
N GLY A 222 -22.97 9.24 -22.61
CA GLY A 222 -23.37 9.78 -21.31
C GLY A 222 -24.25 8.81 -20.53
N CYS A 223 -24.38 9.05 -19.24
CA CYS A 223 -25.10 8.14 -18.35
C CYS A 223 -25.58 8.92 -17.13
N VAL A 224 -26.76 8.57 -16.63
CA VAL A 224 -27.21 9.08 -15.34
C VAL A 224 -27.52 7.91 -14.39
N LEU A 225 -26.79 7.86 -13.28
CA LEU A 225 -26.75 6.65 -12.45
C LEU A 225 -27.84 6.63 -11.39
N ALA A 226 -29.09 6.77 -11.86
CA ALA A 226 -30.27 6.62 -11.02
C ALA A 226 -30.72 5.18 -11.10
N HIS A 227 -31.87 4.83 -10.51
CA HIS A 227 -32.35 3.47 -10.64
C HIS A 227 -32.60 3.14 -12.11
N VAL A 228 -32.30 1.91 -12.50
CA VAL A 228 -32.47 1.48 -13.88
C VAL A 228 -33.89 1.72 -14.40
N THR A 229 -34.88 1.58 -13.52
CA THR A 229 -36.28 1.81 -13.91
C THR A 229 -36.51 3.24 -14.40
N THR A 230 -35.92 4.20 -13.68
CA THR A 230 -36.11 5.61 -14.01
C THR A 230 -35.35 6.05 -15.26
N GLN A 231 -34.15 5.51 -15.45
CA GLN A 231 -33.40 5.73 -16.69
C GLN A 231 -34.16 5.21 -17.90
N ILE A 232 -34.75 4.03 -17.76
CA ILE A 232 -35.56 3.46 -18.82
C ILE A 232 -36.78 4.33 -19.13
N GLU A 233 -37.47 4.79 -18.08
CA GLU A 233 -38.59 5.71 -18.26
C GLU A 233 -38.14 6.92 -19.08
N ALA A 234 -37.06 7.56 -18.65
CA ALA A 234 -36.61 8.82 -19.26
C ALA A 234 -36.22 8.64 -20.72
N ILE A 235 -35.46 7.59 -21.00
CA ILE A 235 -35.05 7.23 -22.36
C ILE A 235 -36.23 6.89 -23.27
N ARG A 236 -37.19 6.13 -22.74
CA ARG A 236 -38.43 5.86 -23.46
C ARG A 236 -39.19 7.13 -23.80
N ARG A 237 -39.06 8.13 -22.93
CA ARG A 237 -39.82 9.35 -23.07
C ARG A 237 -39.04 10.41 -23.83
N GLY A 238 -37.87 10.05 -24.31
CA GLY A 238 -37.21 10.86 -25.33
C GLY A 238 -35.83 11.36 -24.97
N ALA A 239 -35.37 11.11 -23.76
CA ALA A 239 -34.06 11.59 -23.33
C ALA A 239 -32.95 10.77 -24.00
N PRO A 240 -31.78 11.39 -24.24
CA PRO A 240 -30.71 10.70 -24.96
C PRO A 240 -30.15 9.51 -24.17
N GLY A 241 -30.18 8.34 -24.80
CA GLY A 241 -29.67 7.11 -24.19
C GLY A 241 -28.22 6.83 -24.58
N GLY A 242 -27.37 6.69 -23.57
CA GLY A 242 -26.00 6.27 -23.79
C GLY A 242 -25.73 4.92 -23.17
N LEU A 243 -25.18 4.93 -21.95
CA LEU A 243 -25.09 3.72 -21.16
C LEU A 243 -26.25 3.65 -20.18
N ILE A 244 -26.75 2.45 -19.94
CA ILE A 244 -27.75 2.23 -18.90
C ILE A 244 -27.09 1.54 -17.71
N PHE A 245 -27.29 2.14 -16.53
CA PHE A 245 -26.56 1.77 -15.33
C PHE A 245 -27.43 0.98 -14.36
N GLN A 246 -26.86 -0.03 -13.71
CA GLN A 246 -27.44 -0.54 -12.48
C GLN A 246 -26.37 -1.07 -11.53
N SER A 247 -26.50 -0.73 -10.26
CA SER A 247 -25.75 -1.41 -9.20
C SER A 247 -26.27 -2.84 -9.09
N ILE A 248 -25.37 -3.79 -8.85
CA ILE A 248 -25.78 -5.17 -8.67
C ILE A 248 -25.24 -5.83 -7.40
N CYS A 249 -25.80 -6.99 -7.09
CA CYS A 249 -25.41 -7.75 -5.91
C CYS A 249 -25.46 -9.23 -6.27
N GLY A 250 -24.65 -10.04 -5.59
CA GLY A 250 -24.42 -11.42 -6.04
C GLY A 250 -25.36 -12.48 -5.48
N SER A 251 -26.48 -12.06 -4.90
CA SER A 251 -27.52 -13.00 -4.53
C SER A 251 -28.88 -12.44 -4.88
N GLU A 252 -29.89 -13.31 -4.92
CA GLU A 252 -31.26 -12.87 -5.16
C GLU A 252 -31.69 -11.88 -4.06
N LYS A 253 -31.39 -12.21 -2.82
CA LYS A 253 -31.75 -11.34 -1.70
C LYS A 253 -31.05 -9.98 -1.83
N GLY A 254 -29.78 -10.01 -2.21
CA GLY A 254 -29.04 -8.79 -2.50
C GLY A 254 -29.73 -7.93 -3.54
N LEU A 255 -30.16 -8.53 -4.65
CA LEU A 255 -30.85 -7.81 -5.70
C LEU A 255 -32.18 -7.20 -5.22
N LYS A 256 -32.91 -7.94 -4.40
CA LYS A 256 -34.13 -7.43 -3.78
C LYS A 256 -33.86 -6.20 -2.92
N GLU A 257 -32.79 -6.25 -2.13
CA GLU A 257 -32.35 -5.09 -1.36
C GLU A 257 -32.24 -3.83 -2.23
N PHE A 258 -31.77 -4.01 -3.46
CA PHE A 258 -31.51 -2.89 -4.36
C PHE A 258 -32.73 -2.55 -5.21
N GLY A 259 -33.76 -3.38 -5.09
CA GLY A 259 -34.98 -3.20 -5.86
C GLY A 259 -34.78 -3.57 -7.32
N VAL A 260 -33.95 -4.58 -7.55
CA VAL A 260 -33.60 -5.01 -8.90
C VAL A 260 -34.13 -6.39 -9.23
N GLU A 261 -34.89 -6.48 -10.32
CA GLU A 261 -35.27 -7.75 -10.90
C GLU A 261 -34.38 -8.01 -12.11
N LEU A 262 -34.03 -9.28 -12.32
CA LEU A 262 -33.28 -9.68 -13.50
C LEU A 262 -33.96 -9.17 -14.77
N ALA A 263 -35.29 -9.26 -14.82
CA ALA A 263 -36.04 -8.82 -16.00
C ALA A 263 -35.88 -7.33 -16.32
N MET A 264 -35.48 -6.53 -15.33
CA MET A 264 -35.16 -5.13 -15.58
C MET A 264 -33.89 -4.99 -16.44
N LEU A 265 -32.96 -5.94 -16.28
CA LEU A 265 -31.70 -5.88 -17.04
C LEU A 265 -31.93 -6.38 -18.46
N ASP A 266 -32.77 -7.39 -18.60
CA ASP A 266 -33.27 -7.78 -19.91
C ASP A 266 -33.86 -6.58 -20.64
N GLU A 267 -34.70 -5.82 -19.92
CA GLU A 267 -35.40 -4.68 -20.51
C GLU A 267 -34.45 -3.54 -20.85
N ALA A 268 -33.43 -3.35 -20.03
CA ALA A 268 -32.42 -2.32 -20.29
C ALA A 268 -31.64 -2.65 -21.58
N ARG A 269 -31.33 -3.92 -21.80
CA ARG A 269 -30.73 -4.34 -23.06
C ARG A 269 -31.62 -4.02 -24.25
N ALA A 270 -32.90 -4.39 -24.13
CA ALA A 270 -33.90 -4.13 -25.17
C ALA A 270 -34.10 -2.64 -25.45
N VAL A 271 -34.14 -1.82 -24.40
CA VAL A 271 -34.30 -0.39 -24.56
C VAL A 271 -33.05 0.19 -25.21
N GLY A 272 -31.88 -0.22 -24.72
CA GLY A 272 -30.62 0.14 -25.35
C GLY A 272 -30.70 -0.06 -26.86
N ALA A 273 -31.15 -1.24 -27.26
CA ALA A 273 -31.15 -1.61 -28.67
C ALA A 273 -32.16 -0.84 -29.53
N GLU A 274 -33.22 -0.32 -28.89
CA GLU A 274 -34.22 0.46 -29.63
C GLU A 274 -33.89 1.95 -29.66
N PHE A 275 -33.22 2.45 -28.63
CA PHE A 275 -33.17 3.88 -28.35
C PHE A 275 -31.78 4.51 -28.30
N ASN A 276 -30.77 3.75 -27.90
CA ASN A 276 -29.52 4.36 -27.43
C ASN A 276 -28.60 4.78 -28.57
N ARG A 277 -27.88 5.87 -28.33
CA ARG A 277 -26.96 6.47 -29.29
C ARG A 277 -25.57 5.85 -29.16
N ILE A 278 -25.49 4.58 -29.52
CA ILE A 278 -24.29 3.77 -29.33
C ILE A 278 -23.97 3.06 -30.64
N ALA A 279 -22.75 3.26 -31.15
CA ALA A 279 -22.31 2.60 -32.39
C ALA A 279 -22.02 1.11 -32.20
N GLY A 280 -21.26 0.78 -31.16
CA GLY A 280 -20.85 -0.59 -30.90
C GLY A 280 -22.00 -1.40 -30.30
N GLU A 281 -21.71 -2.60 -29.81
CA GLU A 281 -22.80 -3.45 -29.40
C GLU A 281 -22.95 -3.53 -27.90
N ASN A 282 -22.13 -2.80 -27.16
CA ASN A 282 -22.21 -2.80 -25.70
C ASN A 282 -22.73 -1.48 -25.16
N CYS A 283 -23.73 -1.55 -24.27
CA CYS A 283 -24.34 -0.34 -23.76
C CYS A 283 -24.70 -0.33 -22.27
N LEU A 284 -24.40 -1.42 -21.56
CA LEU A 284 -24.70 -1.51 -20.12
C LEU A 284 -23.51 -1.17 -19.24
N TYR A 285 -23.80 -0.69 -18.04
CA TYR A 285 -22.80 -0.26 -17.09
C TYR A 285 -23.20 -0.79 -15.73
N PHE A 286 -22.40 -1.70 -15.17
CA PHE A 286 -22.66 -2.20 -13.83
C PHE A 286 -21.63 -1.71 -12.81
N GLU A 287 -22.05 -1.62 -11.56
CA GLU A 287 -21.13 -1.25 -10.49
C GLU A 287 -21.31 -2.18 -9.29
N THR A 288 -20.19 -2.49 -8.65
CA THR A 288 -20.13 -3.55 -7.64
C THR A 288 -19.26 -3.04 -6.50
N GLY A 289 -18.92 -3.90 -5.55
CA GLY A 289 -17.99 -3.52 -4.48
C GLY A 289 -18.12 -4.40 -3.27
N GLN A 290 -16.99 -4.84 -2.73
CA GLN A 290 -16.98 -5.74 -1.58
C GLN A 290 -17.78 -5.18 -0.42
N GLY A 291 -18.74 -5.96 0.06
CA GLY A 291 -19.45 -5.62 1.29
C GLY A 291 -20.93 -5.37 1.09
N SER A 292 -21.35 -5.21 -0.16
CA SER A 292 -22.77 -4.92 -0.44
C SER A 292 -23.66 -6.03 0.06
N ALA A 293 -23.34 -7.28 -0.28
CA ALA A 293 -24.16 -8.41 0.13
C ALA A 293 -24.24 -8.46 1.65
N LEU A 294 -23.11 -8.31 2.32
CA LEU A 294 -23.04 -8.30 3.78
C LEU A 294 -23.97 -7.24 4.38
N SER A 295 -23.87 -6.02 3.87
CA SER A 295 -24.73 -4.92 4.29
C SER A 295 -26.21 -5.32 4.20
N ALA A 296 -26.53 -6.09 3.17
CA ALA A 296 -27.91 -6.43 2.86
C ALA A 296 -28.39 -7.69 3.58
N GLY A 297 -27.50 -8.29 4.38
CA GLY A 297 -27.80 -9.58 5.01
C GLY A 297 -28.07 -10.65 3.98
N ALA A 298 -27.33 -10.60 2.87
CA ALA A 298 -27.62 -11.43 1.71
C ALA A 298 -26.38 -12.20 1.28
N ASN A 299 -25.40 -12.32 2.18
CA ASN A 299 -24.18 -13.07 1.90
C ASN A 299 -24.32 -14.56 2.27
N PHE A 300 -25.38 -14.89 3.01
CA PHE A 300 -25.64 -16.26 3.45
C PHE A 300 -24.40 -16.99 3.95
N GLY A 301 -23.62 -16.32 4.80
CA GLY A 301 -22.47 -16.95 5.46
C GLY A 301 -21.20 -16.95 4.60
N ALA A 302 -21.24 -16.27 3.46
CA ALA A 302 -20.11 -16.23 2.56
C ALA A 302 -19.28 -14.96 2.74
N ASP A 303 -17.97 -15.07 2.54
CA ASP A 303 -17.09 -13.92 2.55
C ASP A 303 -17.39 -12.96 1.40
N GLN A 304 -16.90 -11.73 1.52
CA GLN A 304 -17.26 -10.67 0.60
C GLN A 304 -16.57 -10.80 -0.76
N VAL A 305 -15.41 -11.46 -0.80
CA VAL A 305 -14.72 -11.72 -2.06
C VAL A 305 -15.51 -12.71 -2.93
N THR A 306 -15.90 -13.84 -2.34
CA THR A 306 -16.72 -14.81 -3.05
C THR A 306 -18.04 -14.21 -3.56
N MET A 307 -18.68 -13.40 -2.73
CA MET A 307 -19.86 -12.64 -3.12
C MET A 307 -19.62 -11.65 -4.28
N GLU A 308 -18.51 -10.92 -4.21
CA GLU A 308 -18.16 -9.96 -5.25
C GLU A 308 -17.93 -10.67 -6.59
N ALA A 309 -17.36 -11.86 -6.54
CA ALA A 309 -17.11 -12.65 -7.76
C ALA A 309 -18.42 -13.06 -8.41
N ARG A 310 -19.45 -13.25 -7.58
CA ARG A 310 -20.77 -13.64 -8.08
C ARG A 310 -21.43 -12.50 -8.84
N ASN A 311 -21.07 -11.26 -8.48
CA ASN A 311 -21.52 -10.08 -9.21
C ASN A 311 -21.05 -10.08 -10.67
N TYR A 312 -19.75 -10.34 -10.85
CA TYR A 312 -19.14 -10.43 -12.18
C TYR A 312 -19.78 -11.54 -13.02
N GLY A 313 -20.11 -12.66 -12.38
CA GLY A 313 -20.77 -13.77 -13.04
C GLY A 313 -22.14 -13.38 -13.53
N LEU A 314 -22.85 -12.61 -12.72
CA LEU A 314 -24.13 -12.03 -13.10
C LEU A 314 -23.92 -11.04 -14.27
N ALA A 315 -23.00 -10.11 -14.07
CA ALA A 315 -22.72 -9.09 -15.07
C ALA A 315 -22.40 -9.71 -16.43
N ARG A 316 -21.62 -10.79 -16.44
CA ARG A 316 -21.15 -11.37 -17.69
C ARG A 316 -22.32 -11.78 -18.59
N HIS A 317 -23.43 -12.16 -17.97
CA HIS A 317 -24.61 -12.59 -18.70
C HIS A 317 -25.14 -11.50 -19.63
N TYR A 318 -24.92 -10.24 -19.25
CA TYR A 318 -25.48 -9.10 -19.98
C TYR A 318 -24.47 -8.37 -20.86
N ASP A 319 -23.25 -8.90 -20.96
CA ASP A 319 -22.20 -8.33 -21.81
C ASP A 319 -22.16 -6.80 -21.77
N PRO A 320 -21.87 -6.24 -20.58
CA PRO A 320 -21.85 -4.79 -20.40
C PRO A 320 -20.62 -4.16 -21.05
N PHE A 321 -20.71 -2.86 -21.35
CA PHE A 321 -19.59 -2.12 -21.90
C PHE A 321 -18.50 -1.96 -20.86
N ILE A 322 -18.92 -1.70 -19.62
CA ILE A 322 -18.02 -1.51 -18.50
C ILE A 322 -18.62 -2.00 -17.19
N VAL A 323 -17.77 -2.58 -16.34
CA VAL A 323 -18.09 -2.78 -14.94
C VAL A 323 -16.96 -2.20 -14.10
N ASN A 324 -17.30 -1.61 -12.95
CA ASN A 324 -16.28 -1.35 -11.95
C ASN A 324 -16.74 -1.66 -10.53
N THR A 325 -15.79 -2.12 -9.73
CA THR A 325 -15.94 -2.12 -8.30
C THR A 325 -15.74 -0.70 -7.79
N VAL A 326 -16.48 -0.34 -6.76
CA VAL A 326 -16.29 0.95 -6.13
C VAL A 326 -15.57 0.66 -4.82
N VAL A 327 -14.24 0.54 -4.93
CA VAL A 327 -13.49 -0.35 -4.05
C VAL A 327 -13.59 0.02 -2.56
N GLY A 328 -13.43 1.30 -2.24
CA GLY A 328 -13.49 1.76 -0.86
C GLY A 328 -14.71 2.64 -0.56
N PHE A 329 -15.79 2.41 -1.28
CA PHE A 329 -16.91 3.34 -1.32
C PHE A 329 -17.73 3.43 -0.03
N ILE A 330 -17.72 2.37 0.78
CA ILE A 330 -18.67 2.26 1.90
C ILE A 330 -18.03 2.66 3.22
N GLY A 331 -17.03 1.91 3.67
CA GLY A 331 -16.30 2.32 4.85
C GLY A 331 -15.51 1.21 5.53
N PRO A 332 -14.94 1.52 6.70
CA PRO A 332 -13.90 0.72 7.36
C PRO A 332 -14.46 -0.59 7.87
N GLU A 333 -15.81 -0.65 8.05
CA GLU A 333 -16.44 -1.87 8.53
C GLU A 333 -16.21 -3.05 7.58
N TYR A 334 -16.03 -2.73 6.28
CA TYR A 334 -15.80 -3.81 5.32
C TYR A 334 -14.36 -3.87 4.81
N LEU A 335 -13.75 -2.69 4.64
CA LEU A 335 -12.34 -2.60 4.26
C LEU A 335 -11.73 -1.44 5.05
N TYR A 336 -10.81 -1.78 5.95
CA TYR A 336 -10.39 -0.88 7.03
C TYR A 336 -9.38 0.18 6.59
N ASN A 337 -8.36 -0.22 5.85
CA ASN A 337 -7.21 0.64 5.60
C ASN A 337 -6.68 0.56 4.17
N ASP A 338 -5.59 1.28 3.93
CA ASP A 338 -4.78 1.15 2.71
C ASP A 338 -4.56 -0.28 2.29
N ARG A 339 -3.90 -1.04 3.16
CA ARG A 339 -3.53 -2.42 2.90
C ARG A 339 -4.71 -3.18 2.32
N GLN A 340 -5.81 -3.22 3.08
CA GLN A 340 -6.98 -4.04 2.72
C GLN A 340 -7.68 -3.53 1.47
N ILE A 341 -7.72 -2.21 1.29
CA ILE A 341 -8.36 -1.64 0.13
C ILE A 341 -7.59 -1.95 -1.17
N ILE A 342 -6.26 -1.87 -1.13
CA ILE A 342 -5.41 -2.24 -2.26
C ILE A 342 -5.63 -3.69 -2.66
N ARG A 343 -5.53 -4.59 -1.69
CA ARG A 343 -5.80 -6.02 -1.91
C ARG A 343 -7.16 -6.28 -2.56
N ALA A 344 -8.20 -5.64 -2.04
CA ALA A 344 -9.56 -5.81 -2.56
C ALA A 344 -9.70 -5.34 -4.00
N GLY A 345 -9.13 -4.18 -4.29
CA GLY A 345 -9.08 -3.65 -5.65
C GLY A 345 -8.39 -4.59 -6.63
N LEU A 346 -7.27 -5.15 -6.20
CA LEU A 346 -6.52 -6.09 -7.05
C LEU A 346 -7.32 -7.38 -7.24
N GLU A 347 -7.98 -7.82 -6.16
CA GLU A 347 -8.82 -9.01 -6.19
C GLU A 347 -10.01 -8.80 -7.12
N ASP A 348 -10.75 -7.71 -6.89
CA ASP A 348 -11.92 -7.38 -7.69
C ASP A 348 -11.57 -7.32 -9.19
N HIS A 349 -10.50 -6.60 -9.52
CA HIS A 349 -10.13 -6.45 -10.91
C HIS A 349 -9.73 -7.79 -11.57
N PHE A 350 -8.96 -8.60 -10.84
CA PHE A 350 -8.52 -9.88 -11.38
C PHE A 350 -9.72 -10.81 -11.61
N MET A 351 -10.63 -10.86 -10.64
CA MET A 351 -11.80 -11.70 -10.79
C MET A 351 -12.69 -11.24 -11.94
N GLY A 352 -12.85 -9.92 -12.09
CA GLY A 352 -13.61 -9.38 -13.20
C GLY A 352 -13.02 -9.79 -14.54
N LYS A 353 -11.72 -9.63 -14.68
CA LYS A 353 -11.07 -10.05 -15.93
C LYS A 353 -11.14 -11.56 -16.17
N LEU A 354 -10.93 -12.35 -15.11
CA LEU A 354 -11.11 -13.80 -15.24
C LEU A 354 -12.54 -14.21 -15.64
N SER A 355 -13.54 -13.48 -15.16
CA SER A 355 -14.93 -13.72 -15.54
C SER A 355 -15.21 -13.23 -16.96
N GLY A 356 -14.25 -12.52 -17.55
CA GLY A 356 -14.38 -12.05 -18.92
C GLY A 356 -15.29 -10.83 -19.06
N ILE A 357 -15.23 -9.92 -18.09
CA ILE A 357 -15.93 -8.64 -18.20
C ILE A 357 -14.98 -7.44 -18.23
N SER A 358 -15.53 -6.31 -18.69
CA SER A 358 -14.75 -5.11 -18.96
C SER A 358 -14.47 -4.35 -17.68
N MET A 359 -13.52 -4.85 -16.91
CA MET A 359 -13.44 -4.53 -15.52
C MET A 359 -12.58 -3.28 -15.28
N GLY A 360 -13.19 -2.28 -14.66
CA GLY A 360 -12.46 -1.12 -14.15
C GLY A 360 -12.53 -1.06 -12.64
N CYS A 361 -12.00 0.02 -12.07
CA CYS A 361 -12.03 0.22 -10.63
C CYS A 361 -12.16 1.70 -10.31
N ASP A 362 -13.14 2.03 -9.46
CA ASP A 362 -13.12 3.30 -8.77
C ASP A 362 -12.21 3.20 -7.55
N CYS A 363 -10.98 3.67 -7.70
CA CYS A 363 -10.02 3.73 -6.61
C CYS A 363 -10.37 4.88 -5.69
N CYS A 364 -10.93 4.54 -4.54
CA CYS A 364 -11.58 5.52 -3.68
C CYS A 364 -11.53 5.09 -2.23
N TYR A 365 -11.87 6.00 -1.34
CA TYR A 365 -11.90 5.73 0.08
C TYR A 365 -12.78 6.78 0.74
N THR A 366 -13.13 6.56 2.01
CA THR A 366 -14.03 7.44 2.74
C THR A 366 -13.30 8.02 3.95
N ASN A 367 -13.85 9.10 4.51
CA ASN A 367 -13.13 9.84 5.54
C ASN A 367 -13.23 9.22 6.93
N HIS A 368 -14.06 8.18 7.07
CA HIS A 368 -14.13 7.42 8.31
C HIS A 368 -13.32 6.12 8.27
N ALA A 369 -12.67 5.87 7.13
CA ALA A 369 -11.75 4.75 6.97
C ALA A 369 -10.31 5.20 7.19
N ASP A 370 -9.42 4.26 7.48
CA ASP A 370 -8.02 4.58 7.78
C ASP A 370 -7.21 4.67 6.48
N ALA A 371 -7.35 5.79 5.78
CA ALA A 371 -6.99 5.89 4.37
C ALA A 371 -6.77 7.36 3.98
N ASP A 372 -6.04 7.59 2.89
CA ASP A 372 -5.91 8.95 2.36
C ASP A 372 -5.64 8.97 0.86
N GLN A 373 -5.39 10.15 0.29
CA GLN A 373 -5.31 10.28 -1.16
C GLN A 373 -4.12 9.52 -1.75
N ASN A 374 -3.06 9.37 -0.97
CA ASN A 374 -1.89 8.58 -1.37
C ASN A 374 -2.24 7.11 -1.59
N LEU A 375 -3.30 6.64 -0.93
CA LEU A 375 -3.80 5.30 -1.16
C LEU A 375 -4.35 5.18 -2.57
N ASN A 376 -5.19 6.15 -2.96
CA ASN A 376 -5.78 6.13 -4.30
C ASN A 376 -4.71 6.18 -5.39
N GLU A 377 -3.62 6.90 -5.11
CA GLU A 377 -2.51 7.01 -6.04
C GLU A 377 -1.69 5.73 -6.12
N ASN A 378 -1.40 5.10 -4.98
CA ASN A 378 -0.81 3.77 -5.02
C ASN A 378 -1.67 2.83 -5.84
N LEU A 379 -2.96 2.77 -5.53
CA LEU A 379 -3.83 1.75 -6.09
C LEU A 379 -4.07 1.96 -7.58
N MET A 380 -4.32 3.20 -7.98
CA MET A 380 -4.58 3.47 -9.39
C MET A 380 -3.39 3.04 -10.29
N ILE A 381 -2.17 3.17 -9.77
CA ILE A 381 -0.99 2.84 -10.55
C ILE A 381 -0.79 1.33 -10.67
N LEU A 382 -0.90 0.64 -9.54
CA LEU A 382 -0.92 -0.82 -9.54
C LEU A 382 -1.98 -1.40 -10.50
N LEU A 383 -3.22 -0.94 -10.38
CA LEU A 383 -4.28 -1.44 -11.25
C LEU A 383 -4.01 -1.11 -12.71
N ALA A 384 -3.46 0.06 -12.99
CA ALA A 384 -3.09 0.43 -14.35
C ALA A 384 -2.09 -0.54 -14.96
N THR A 385 -1.07 -0.93 -14.19
CA THR A 385 -0.13 -1.95 -14.65
C THR A 385 -0.82 -3.31 -14.83
N ALA A 386 -1.89 -3.54 -14.09
CA ALA A 386 -2.75 -4.73 -14.26
C ALA A 386 -3.64 -4.68 -15.52
N GLY A 387 -3.61 -3.56 -16.23
CA GLY A 387 -4.47 -3.34 -17.40
C GLY A 387 -5.91 -2.98 -17.06
N CYS A 388 -6.13 -2.51 -15.82
CA CYS A 388 -7.44 -1.97 -15.42
C CYS A 388 -8.05 -1.15 -16.56
N ASN A 389 -9.30 -1.49 -16.91
CA ASN A 389 -9.96 -0.85 -18.05
C ASN A 389 -10.18 0.67 -17.91
N TYR A 390 -10.55 1.12 -16.72
CA TYR A 390 -10.78 2.54 -16.51
C TYR A 390 -10.84 2.88 -15.01
N ILE A 391 -10.60 4.14 -14.68
CA ILE A 391 -10.85 4.67 -13.34
C ILE A 391 -11.82 5.85 -13.45
N MET A 392 -12.15 6.47 -12.30
CA MET A 392 -12.94 7.69 -12.29
C MET A 392 -12.08 8.95 -12.40
N GLY A 393 -12.73 10.07 -12.69
CA GLY A 393 -12.14 11.38 -12.51
C GLY A 393 -13.16 12.36 -11.98
N MET A 394 -12.77 13.08 -10.92
CA MET A 394 -13.42 14.31 -10.51
C MET A 394 -12.32 15.35 -10.22
N PRO A 395 -12.70 16.63 -10.17
CA PRO A 395 -11.71 17.67 -9.85
C PRO A 395 -11.01 17.38 -8.52
N LEU A 396 -9.75 16.98 -8.61
CA LEU A 396 -8.91 16.61 -7.46
C LEU A 396 -9.38 15.38 -6.66
N GLY A 397 -10.38 14.68 -7.18
CA GLY A 397 -10.90 13.50 -6.51
C GLY A 397 -11.99 13.77 -5.47
N ASP A 398 -12.42 15.03 -5.37
CA ASP A 398 -13.40 15.41 -4.34
C ASP A 398 -14.82 15.37 -4.88
N ASP A 399 -15.59 14.36 -4.48
CA ASP A 399 -17.01 14.34 -4.77
C ASP A 399 -17.77 15.16 -3.74
N ILE A 400 -18.42 16.22 -4.20
CA ILE A 400 -19.06 17.20 -3.33
C ILE A 400 -20.42 16.73 -2.81
N MET A 401 -20.78 15.48 -3.12
CA MET A 401 -22.15 15.03 -2.90
C MET A 401 -22.31 13.54 -2.58
N LEU A 402 -21.40 12.71 -3.07
CA LEU A 402 -21.35 11.31 -2.64
C LEU A 402 -20.44 11.15 -1.43
N ASN A 403 -19.68 12.19 -1.14
CA ASN A 403 -19.00 12.31 0.14
C ASN A 403 -17.88 11.28 0.27
N TYR A 404 -16.97 11.30 -0.69
CA TYR A 404 -15.79 10.47 -0.64
C TYR A 404 -14.76 11.03 -1.58
N GLN A 405 -13.59 10.41 -1.62
CA GLN A 405 -12.54 10.86 -2.53
C GLN A 405 -12.18 9.75 -3.49
N THR A 406 -12.33 10.07 -4.78
CA THR A 406 -11.90 9.18 -5.81
C THR A 406 -10.66 9.79 -6.44
N THR A 407 -10.40 9.45 -7.70
CA THR A 407 -9.19 9.90 -8.36
C THR A 407 -9.43 11.25 -9.06
N ALA A 408 -8.38 12.07 -9.14
CA ALA A 408 -8.44 13.34 -9.87
C ALA A 408 -8.38 13.13 -11.38
N PHE A 409 -8.81 14.16 -12.12
CA PHE A 409 -8.53 14.25 -13.54
C PHE A 409 -7.02 14.15 -13.79
N HIS A 410 -6.24 14.75 -12.89
CA HIS A 410 -4.79 14.71 -12.93
C HIS A 410 -4.27 13.28 -12.99
N ASP A 411 -4.97 12.38 -12.31
CA ASP A 411 -4.45 11.05 -12.09
C ASP A 411 -4.48 10.19 -13.35
N THR A 412 -5.51 10.37 -14.17
CA THR A 412 -5.59 9.74 -15.48
C THR A 412 -4.45 10.17 -16.43
N ALA A 413 -4.18 11.47 -16.49
CA ALA A 413 -3.06 11.98 -17.27
C ALA A 413 -1.70 11.48 -16.75
N THR A 414 -1.58 11.43 -15.42
CA THR A 414 -0.42 10.88 -14.76
C THR A 414 -0.17 9.44 -15.15
N VAL A 415 -1.15 8.58 -14.92
CA VAL A 415 -1.06 7.17 -15.29
C VAL A 415 -0.68 7.00 -16.75
N ARG A 416 -1.36 7.73 -17.63
CA ARG A 416 -1.15 7.60 -19.08
C ARG A 416 0.27 7.97 -19.47
N GLN A 417 0.77 9.08 -18.93
CA GLN A 417 2.08 9.58 -19.31
C GLN A 417 3.21 8.86 -18.59
N LEU A 418 2.91 8.36 -17.39
CA LEU A 418 3.82 7.47 -16.66
C LEU A 418 4.05 6.12 -17.37
N LEU A 419 2.98 5.50 -17.84
CA LEU A 419 3.06 4.12 -18.33
C LEU A 419 3.02 4.04 -19.87
N ASN A 420 3.11 5.19 -20.52
CA ASN A 420 2.92 5.25 -21.97
C ASN A 420 1.66 4.55 -22.42
N LEU A 421 0.54 4.89 -21.80
CA LEU A 421 -0.76 4.39 -22.24
C LEU A 421 -1.54 5.51 -22.94
N ARG A 422 -2.43 5.12 -23.85
CA ARG A 422 -3.24 6.08 -24.59
C ARG A 422 -4.72 5.96 -24.19
N PRO A 423 -5.51 7.00 -24.49
CA PRO A 423 -6.98 6.88 -24.35
C PRO A 423 -7.56 5.89 -25.35
N SER A 424 -8.83 5.55 -25.17
CA SER A 424 -9.60 4.92 -26.25
C SER A 424 -9.21 5.60 -27.55
N PRO A 425 -8.94 4.81 -28.60
CA PRO A 425 -8.41 5.37 -29.85
C PRO A 425 -9.30 6.42 -30.50
N GLU A 426 -10.63 6.22 -30.41
CA GLU A 426 -11.60 7.19 -30.95
C GLU A 426 -11.51 8.52 -30.21
N PHE A 427 -11.47 8.44 -28.88
CA PHE A 427 -11.40 9.63 -28.02
C PHE A 427 -10.06 10.35 -28.18
N GLU A 428 -8.98 9.59 -28.29
CA GLU A 428 -7.65 10.15 -28.54
C GLU A 428 -7.64 11.00 -29.79
N ARG A 429 -8.28 10.51 -30.86
CA ARG A 429 -8.46 11.27 -32.08
C ARG A 429 -9.10 12.64 -31.78
N TRP A 430 -10.19 12.60 -31.02
CA TRP A 430 -10.90 13.83 -30.65
C TRP A 430 -10.03 14.78 -29.81
N LEU A 431 -9.30 14.26 -28.83
CA LEU A 431 -8.40 15.10 -28.03
C LEU A 431 -7.35 15.78 -28.90
N GLU A 432 -6.81 15.03 -29.85
CA GLU A 432 -5.80 15.56 -30.75
C GLU A 432 -6.35 16.72 -31.58
N SER A 433 -7.56 16.57 -32.10
CA SER A 433 -8.17 17.61 -32.94
C SER A 433 -8.53 18.86 -32.13
N MET A 434 -8.73 18.69 -30.84
CA MET A 434 -9.03 19.80 -29.95
C MET A 434 -7.76 20.48 -29.45
N GLY A 435 -6.61 19.90 -29.81
CA GLY A 435 -5.33 20.38 -29.30
C GLY A 435 -5.12 20.12 -27.82
N ILE A 436 -5.71 19.05 -27.30
CA ILE A 436 -5.53 18.74 -25.89
C ILE A 436 -4.42 17.72 -25.67
N MET A 437 -4.18 16.88 -26.66
CA MET A 437 -3.23 15.78 -26.55
C MET A 437 -2.37 15.65 -27.80
N ALA A 438 -1.08 15.43 -27.61
CA ALA A 438 -0.20 15.09 -28.71
C ALA A 438 0.72 13.94 -28.28
N ASN A 439 0.79 12.91 -29.11
CA ASN A 439 1.52 11.68 -28.79
C ASN A 439 1.26 11.18 -27.38
N GLY A 440 -0.01 11.16 -26.98
CA GLY A 440 -0.41 10.63 -25.67
C GLY A 440 -0.21 11.58 -24.51
N ARG A 441 0.37 12.75 -24.77
CA ARG A 441 0.64 13.72 -23.71
C ARG A 441 -0.21 14.98 -23.81
N LEU A 442 -0.63 15.48 -22.65
CA LEU A 442 -1.31 16.76 -22.58
C LEU A 442 -0.42 17.85 -23.17
N THR A 443 -0.97 18.62 -24.10
CA THR A 443 -0.29 19.79 -24.64
C THR A 443 -0.18 20.89 -23.58
N LYS A 444 0.60 21.91 -23.88
CA LYS A 444 0.74 23.08 -22.99
C LYS A 444 -0.64 23.63 -22.60
N ARG A 445 -1.54 23.71 -23.56
CA ARG A 445 -2.83 24.32 -23.27
C ARG A 445 -3.92 23.38 -22.75
N ALA A 446 -3.54 22.16 -22.34
CA ALA A 446 -4.47 21.25 -21.66
C ALA A 446 -4.67 21.59 -20.19
N GLY A 447 -5.70 20.99 -19.57
CA GLY A 447 -6.02 21.24 -18.17
C GLY A 447 -6.67 22.60 -17.95
N ASP A 448 -7.19 23.17 -19.02
CA ASP A 448 -7.79 24.49 -18.97
C ASP A 448 -9.20 24.45 -19.59
N PRO A 449 -10.24 24.48 -18.75
CA PRO A 449 -11.62 24.38 -19.24
C PRO A 449 -12.04 25.54 -20.14
N SER A 450 -11.41 26.70 -19.97
CA SER A 450 -11.72 27.87 -20.79
C SER A 450 -11.31 27.66 -22.25
N LEU A 451 -10.62 26.56 -22.51
CA LEU A 451 -10.20 26.20 -23.85
C LEU A 451 -11.41 25.93 -24.73
N PHE A 452 -12.53 25.63 -24.07
CA PHE A 452 -13.75 25.24 -24.75
C PHE A 452 -14.65 26.43 -25.05
N PHE A 453 -14.18 27.64 -24.75
CA PHE A 453 -14.96 28.86 -24.94
C PHE A 453 -14.20 29.86 -25.80
N ALA B 55 0.95 35.55 2.15
CA ALA B 55 0.27 34.87 3.29
C ALA B 55 -1.14 34.44 2.88
N LEU B 56 -1.41 33.14 2.95
CA LEU B 56 -2.76 32.63 2.75
C LEU B 56 -3.15 31.65 3.84
N ASP B 57 -4.41 31.71 4.26
CA ASP B 57 -5.00 30.70 5.10
C ASP B 57 -5.75 29.74 4.20
N LEU B 58 -5.38 28.46 4.25
CA LEU B 58 -5.87 27.48 3.28
C LEU B 58 -7.37 27.26 3.47
N GLY B 59 -7.89 27.72 4.61
CA GLY B 59 -9.32 27.64 4.90
C GLY B 59 -10.09 28.87 4.45
N SER B 60 -9.38 29.90 4.03
CA SER B 60 -10.02 31.15 3.64
C SER B 60 -10.94 30.98 2.42
N ALA B 61 -11.84 31.93 2.23
CA ALA B 61 -12.64 31.99 1.00
C ALA B 61 -11.75 32.32 -0.19
N GLU B 62 -10.71 33.11 0.04
CA GLU B 62 -9.71 33.40 -0.98
C GLU B 62 -9.04 32.13 -1.51
N ALA B 63 -8.64 31.24 -0.59
CA ALA B 63 -8.06 29.96 -0.96
C ALA B 63 -9.00 29.14 -1.85
N LYS B 64 -10.26 29.07 -1.44
CA LYS B 64 -11.26 28.30 -2.17
C LYS B 64 -11.52 28.86 -3.55
N ALA B 65 -11.31 30.17 -3.71
CA ALA B 65 -11.63 30.83 -4.97
C ALA B 65 -10.44 30.91 -5.93
N TRP B 66 -9.31 30.33 -5.54
CA TRP B 66 -8.06 30.50 -6.27
C TRP B 66 -8.10 29.86 -7.65
N ILE B 67 -7.68 30.63 -8.66
CA ILE B 67 -7.53 30.11 -10.01
C ILE B 67 -6.05 29.83 -10.29
N GLY B 68 -5.75 28.60 -10.66
CA GLY B 68 -4.36 28.14 -10.81
C GLY B 68 -3.89 27.92 -12.24
N VAL B 69 -4.83 27.92 -13.18
CA VAL B 69 -4.48 27.79 -14.60
C VAL B 69 -3.50 28.88 -15.03
N GLU B 70 -2.46 28.51 -15.78
CA GLU B 70 -1.31 29.39 -15.95
C GLU B 70 -1.46 30.44 -17.06
N ASN B 71 -1.50 30.02 -18.31
CA ASN B 71 -1.76 30.97 -19.40
C ASN B 71 -3.14 30.73 -20.00
N PRO B 72 -4.19 31.19 -19.32
CA PRO B 72 -5.55 30.77 -19.64
C PRO B 72 -5.99 31.25 -21.00
N HIS B 73 -6.73 30.42 -21.72
CA HIS B 73 -7.25 30.80 -23.02
C HIS B 73 -8.11 32.05 -22.88
N ARG B 74 -8.72 32.21 -21.71
CA ARG B 74 -9.85 33.10 -21.53
C ARG B 74 -10.25 33.07 -20.06
N ALA B 75 -9.56 33.86 -19.24
CA ALA B 75 -9.69 33.76 -17.78
C ALA B 75 -10.97 34.41 -17.21
N ASP B 76 -11.67 35.20 -18.01
CA ASP B 76 -12.99 35.70 -17.61
C ASP B 76 -13.99 34.54 -17.55
N VAL B 77 -13.94 33.70 -18.58
CA VAL B 77 -14.62 32.41 -18.55
C VAL B 77 -14.21 31.60 -17.33
N LEU B 78 -12.91 31.61 -17.01
CA LEU B 78 -12.41 30.85 -15.87
C LEU B 78 -13.03 31.26 -14.54
N THR B 79 -13.11 32.55 -14.28
CA THR B 79 -13.73 33.04 -13.03
C THR B 79 -15.19 32.61 -12.96
N GLU B 80 -15.86 32.61 -14.10
CA GLU B 80 -17.27 32.24 -14.15
C GLU B 80 -17.46 30.76 -13.82
N LEU B 81 -16.52 29.92 -14.27
CA LEU B 81 -16.53 28.50 -13.95
C LEU B 81 -16.35 28.26 -12.45
N ARG B 82 -15.36 28.91 -11.85
CA ARG B 82 -15.04 28.66 -10.44
C ARG B 82 -16.23 28.92 -9.53
N ARG B 83 -16.94 30.01 -9.77
CA ARG B 83 -18.13 30.32 -8.98
C ARG B 83 -19.40 29.70 -9.58
N SER B 84 -19.22 28.93 -10.65
CA SER B 84 -20.29 28.11 -11.22
C SER B 84 -20.55 26.90 -10.33
N THR B 85 -19.61 26.64 -9.41
CA THR B 85 -19.51 25.32 -8.79
C THR B 85 -18.69 25.31 -7.52
N VAL B 86 -18.91 24.30 -6.70
CA VAL B 86 -18.16 24.13 -5.46
C VAL B 86 -17.12 23.01 -5.61
N ALA B 87 -17.18 22.29 -6.73
CA ALA B 87 -16.12 21.38 -7.11
C ALA B 87 -14.82 22.15 -7.34
N ARG B 88 -13.69 21.46 -7.16
CA ARG B 88 -12.38 22.11 -7.17
C ARG B 88 -11.83 22.24 -8.58
N VAL B 89 -12.51 23.04 -9.40
CA VAL B 89 -12.12 23.25 -10.79
C VAL B 89 -11.08 24.37 -10.90
N CYS B 90 -10.46 24.50 -12.07
CA CYS B 90 -9.65 25.67 -12.43
C CYS B 90 -8.37 25.87 -11.60
N THR B 91 -7.90 24.81 -10.94
CA THR B 91 -6.64 24.90 -10.18
C THR B 91 -5.40 24.61 -11.02
N GLY B 92 -5.60 24.23 -12.28
CA GLY B 92 -4.50 23.99 -13.19
C GLY B 92 -3.67 22.77 -12.83
N ARG B 93 -2.37 22.85 -13.09
CA ARG B 93 -1.52 21.66 -13.07
C ARG B 93 -0.03 22.00 -13.07
N ALA B 94 0.77 21.08 -12.56
CA ALA B 94 2.22 21.06 -12.81
C ALA B 94 2.56 19.75 -13.50
N GLY B 95 2.81 19.81 -14.81
CA GLY B 95 2.74 18.62 -15.66
C GLY B 95 1.36 17.99 -15.59
N PRO B 96 1.28 16.68 -15.27
CA PRO B 96 -0.02 16.04 -15.08
C PRO B 96 -0.46 16.05 -13.62
N ARG B 97 0.33 16.66 -12.74
CA ARG B 97 0.08 16.61 -11.30
C ARG B 97 -0.67 17.86 -10.81
N PRO B 98 -1.31 17.78 -9.64
CA PRO B 98 -1.91 18.98 -9.07
C PRO B 98 -0.88 20.04 -8.72
N ARG B 99 -1.28 21.30 -8.78
CA ARG B 99 -0.47 22.42 -8.32
C ARG B 99 -0.37 22.39 -6.79
N THR B 100 0.72 22.94 -6.25
CA THR B 100 1.05 22.81 -4.84
C THR B 100 -0.01 23.38 -3.90
N GLN B 101 -0.58 24.53 -4.26
CA GLN B 101 -1.59 25.17 -3.42
C GLN B 101 -2.87 24.33 -3.37
N ALA B 102 -3.17 23.64 -4.46
CA ALA B 102 -4.33 22.75 -4.52
C ALA B 102 -4.14 21.51 -3.66
N LEU B 103 -2.96 20.89 -3.77
CA LEU B 103 -2.63 19.76 -2.92
C LEU B 103 -2.68 20.15 -1.45
N LEU B 104 -2.14 21.32 -1.14
CA LEU B 104 -2.11 21.82 0.24
C LEU B 104 -3.51 22.02 0.82
N ARG B 105 -4.38 22.67 0.06
CA ARG B 105 -5.74 22.93 0.52
C ARG B 105 -6.59 21.67 0.58
N PHE B 106 -6.32 20.73 -0.34
CA PHE B 106 -6.87 19.38 -0.26
C PHE B 106 -6.47 18.72 1.06
N LEU B 107 -5.17 18.74 1.35
CA LEU B 107 -4.64 18.17 2.59
C LEU B 107 -5.18 18.84 3.86
N ALA B 108 -5.30 20.17 3.83
CA ALA B 108 -5.89 20.92 4.95
C ALA B 108 -7.33 20.46 5.18
N ASP B 109 -8.16 20.57 4.14
CA ASP B 109 -9.54 20.11 4.19
C ASP B 109 -9.70 18.67 4.68
N HIS B 110 -8.74 17.81 4.36
CA HIS B 110 -8.84 16.42 4.78
C HIS B 110 -8.61 16.25 6.27
N SER B 111 -7.67 17.03 6.80
CA SER B 111 -7.38 17.02 8.23
C SER B 111 -8.62 17.42 9.03
N ARG B 112 -9.35 18.43 8.54
CA ARG B 112 -10.58 18.89 9.17
C ARG B 112 -11.70 17.87 8.97
N SER B 113 -11.75 17.24 7.80
CA SER B 113 -12.81 16.26 7.53
C SER B 113 -12.74 15.11 8.55
N LYS B 114 -11.52 14.56 8.71
CA LYS B 114 -11.28 13.46 9.64
C LYS B 114 -11.82 13.76 11.03
N ASP B 115 -11.63 15.00 11.46
CA ASP B 115 -12.06 15.44 12.77
C ASP B 115 -13.58 15.44 12.93
N THR B 116 -14.30 15.65 11.83
CA THR B 116 -15.74 15.70 11.89
C THR B 116 -16.34 14.31 12.08
N VAL B 117 -15.61 13.31 11.63
CA VAL B 117 -16.06 11.91 11.73
C VAL B 117 -16.23 11.52 13.19
N LEU B 118 -15.30 11.95 14.03
CA LEU B 118 -15.25 11.46 15.41
C LEU B 118 -16.02 12.32 16.39
N LYS B 119 -16.47 13.49 15.94
CA LYS B 119 -17.05 14.46 16.85
C LYS B 119 -18.52 14.21 17.17
N GLU B 120 -18.88 14.48 18.43
CA GLU B 120 -20.18 14.09 18.96
C GLU B 120 -20.88 15.29 19.53
N VAL B 121 -22.21 15.29 19.43
CA VAL B 121 -23.03 16.34 20.02
C VAL B 121 -23.21 16.11 21.52
N PRO B 122 -23.08 17.17 22.33
CA PRO B 122 -23.24 17.00 23.77
C PRO B 122 -24.61 16.40 24.11
N GLU B 123 -24.62 15.50 25.10
CA GLU B 123 -25.85 15.12 25.81
C GLU B 123 -26.64 16.35 26.20
N GLU B 124 -25.91 17.43 26.48
CA GLU B 124 -26.50 18.68 26.94
C GLU B 124 -27.28 19.36 25.82
N TRP B 125 -26.75 19.24 24.59
CA TRP B 125 -27.34 19.89 23.44
C TRP B 125 -28.67 19.26 23.06
N VAL B 126 -28.72 17.93 23.09
CA VAL B 126 -29.94 17.21 22.80
C VAL B 126 -30.97 17.45 23.90
N LYS B 127 -30.49 17.51 25.15
CA LYS B 127 -31.34 17.82 26.28
C LYS B 127 -31.97 19.20 26.13
N ALA B 128 -31.19 20.15 25.61
CA ALA B 128 -31.67 21.52 25.45
C ALA B 128 -32.60 21.68 24.25
N GLN B 129 -32.60 20.68 23.37
CA GLN B 129 -33.58 20.62 22.28
C GLN B 129 -34.88 20.02 22.76
N GLY B 130 -34.91 19.60 24.02
CA GLY B 130 -36.08 18.96 24.61
C GLY B 130 -36.36 17.57 24.05
N LEU B 131 -35.36 16.99 23.39
CA LEU B 131 -35.49 15.66 22.80
C LEU B 131 -35.13 14.57 23.82
N LEU B 132 -35.94 13.53 23.86
CA LEU B 132 -35.49 12.25 24.41
C LEU B 132 -34.20 11.80 23.72
N GLU B 133 -33.22 11.39 24.52
CA GLU B 133 -32.08 10.68 23.98
C GLU B 133 -32.11 9.20 24.32
N VAL B 134 -32.04 8.38 23.28
CA VAL B 134 -31.83 6.95 23.41
C VAL B 134 -30.62 6.58 22.54
N ARG B 135 -30.13 5.35 22.65
CA ARG B 135 -29.11 4.88 21.73
C ARG B 135 -29.31 3.46 21.20
N SER B 136 -28.55 3.13 20.15
CA SER B 136 -28.47 1.75 19.65
C SER B 136 -27.64 0.90 20.59
N GLU B 137 -27.28 -0.31 20.15
CA GLU B 137 -26.44 -1.20 20.94
C GLU B 137 -24.99 -0.71 21.01
N ILE B 138 -24.65 0.25 20.16
CA ILE B 138 -23.30 0.86 20.15
C ILE B 138 -23.07 1.78 21.36
N SER B 139 -21.90 1.65 21.99
CA SER B 139 -21.62 2.36 23.23
C SER B 139 -20.68 3.56 23.02
N ASP B 140 -20.00 3.60 21.87
CA ASP B 140 -19.11 4.72 21.58
C ASP B 140 -18.81 4.88 20.08
N LYS B 141 -18.21 6.02 19.74
CA LYS B 141 -17.93 6.39 18.35
C LYS B 141 -16.97 5.44 17.64
N ASN B 142 -16.04 4.87 18.40
CA ASN B 142 -15.14 3.86 17.86
C ASN B 142 -15.89 2.64 17.38
N LEU B 143 -16.65 2.01 18.29
CA LEU B 143 -17.39 0.80 17.95
C LEU B 143 -18.42 1.02 16.84
N TYR B 144 -18.99 2.22 16.79
CA TYR B 144 -19.98 2.54 15.77
C TYR B 144 -19.43 2.26 14.37
N LEU B 145 -18.16 2.58 14.17
CA LEU B 145 -17.55 2.57 12.84
C LEU B 145 -17.37 1.17 12.27
N THR B 146 -17.17 0.18 13.14
CA THR B 146 -16.86 -1.17 12.70
C THR B 146 -18.04 -2.14 12.87
N ARG B 147 -19.09 -1.70 13.52
CA ARG B 147 -20.22 -2.59 13.83
C ARG B 147 -21.55 -1.99 13.39
N PRO B 148 -21.79 -1.94 12.07
CA PRO B 148 -23.07 -1.47 11.56
C PRO B 148 -24.25 -2.28 12.08
N ASP B 149 -24.04 -3.58 12.31
CA ASP B 149 -25.09 -4.45 12.79
C ASP B 149 -25.65 -4.04 14.16
N MET B 150 -24.86 -3.34 14.96
CA MET B 150 -25.29 -2.92 16.28
C MET B 150 -25.92 -1.53 16.24
N GLY B 151 -25.51 -0.73 15.27
CA GLY B 151 -26.15 0.56 15.04
C GLY B 151 -27.56 0.43 14.48
N ARG B 152 -27.90 -0.76 14.00
CA ARG B 152 -29.24 -1.03 13.44
C ARG B 152 -30.19 -1.61 14.48
N ARG B 153 -29.68 -1.82 15.70
CA ARG B 153 -30.48 -2.38 16.79
C ARG B 153 -30.56 -1.44 17.99
N LEU B 154 -31.69 -1.49 18.70
CA LEU B 154 -31.84 -0.73 19.93
C LEU B 154 -31.31 -1.51 21.12
N CYS B 155 -30.62 -0.81 22.02
CA CYS B 155 -30.21 -1.40 23.28
C CYS B 155 -31.44 -1.77 24.12
N ALA B 156 -31.26 -2.66 25.08
CA ALA B 156 -32.38 -3.18 25.87
C ALA B 156 -33.15 -2.08 26.59
N GLU B 157 -32.47 -0.97 26.87
CA GLU B 157 -33.09 0.11 27.63
C GLU B 157 -33.75 1.16 26.74
N ALA B 158 -33.30 1.27 25.51
CA ALA B 158 -33.90 2.19 24.54
C ALA B 158 -35.34 1.78 24.23
N VAL B 159 -35.57 0.49 24.07
CA VAL B 159 -36.90 -0.02 23.79
C VAL B 159 -37.87 0.35 24.90
N GLU B 160 -37.51 0.02 26.13
CA GLU B 160 -38.35 0.30 27.28
C GLU B 160 -38.63 1.79 27.41
N ALA B 161 -37.64 2.61 27.07
CA ALA B 161 -37.82 4.06 27.09
C ALA B 161 -38.87 4.50 26.08
N LEU B 162 -38.79 3.96 24.87
CA LEU B 162 -39.68 4.36 23.79
C LEU B 162 -41.15 4.02 24.11
N LYS B 163 -41.37 2.88 24.76
CA LYS B 163 -42.72 2.46 25.13
C LYS B 163 -43.24 3.26 26.32
N ALA B 164 -42.34 3.68 27.19
CA ALA B 164 -42.71 4.45 28.36
C ALA B 164 -43.03 5.91 28.02
N GLN B 165 -42.35 6.47 27.03
CA GLN B 165 -42.31 7.91 26.87
C GLN B 165 -42.84 8.51 25.57
N CYS B 166 -43.00 7.68 24.53
CA CYS B 166 -43.51 8.16 23.24
C CYS B 166 -44.95 7.76 22.99
N VAL B 167 -45.65 8.54 22.17
CA VAL B 167 -47.03 8.22 21.81
C VAL B 167 -47.09 6.90 21.05
N ALA B 168 -48.12 6.11 21.33
CA ALA B 168 -48.32 4.84 20.64
C ALA B 168 -49.01 5.06 19.30
N ASN B 169 -48.66 4.23 18.32
CA ASN B 169 -49.35 4.22 17.02
C ASN B 169 -49.56 5.59 16.39
N PRO B 170 -48.47 6.34 16.17
CA PRO B 170 -48.65 7.58 15.43
C PRO B 170 -48.78 7.30 13.94
N ASP B 171 -49.32 8.25 13.20
CA ASP B 171 -49.33 8.18 11.74
C ASP B 171 -47.93 8.45 11.17
N VAL B 172 -47.26 9.43 11.76
CA VAL B 172 -45.94 9.85 11.31
C VAL B 172 -45.00 9.92 12.50
N GLN B 173 -43.85 9.26 12.38
CA GLN B 173 -42.87 9.26 13.45
C GLN B 173 -41.56 9.86 12.98
N VAL B 174 -41.13 10.94 13.63
CA VAL B 174 -39.83 11.51 13.35
C VAL B 174 -38.79 10.95 14.30
N VAL B 175 -37.66 10.54 13.73
CA VAL B 175 -36.50 10.13 14.52
C VAL B 175 -35.26 10.89 14.03
N ILE B 176 -34.41 11.32 14.96
CA ILE B 176 -33.18 11.99 14.57
C ILE B 176 -31.94 11.30 15.14
N SER B 177 -30.93 11.13 14.30
CA SER B 177 -29.69 10.51 14.73
C SER B 177 -28.46 11.16 14.10
N ASP B 178 -27.37 11.19 14.86
CA ASP B 178 -26.12 11.75 14.38
C ASP B 178 -25.60 11.02 13.15
N GLY B 179 -25.83 9.71 13.10
CA GLY B 179 -25.39 8.91 11.97
C GLY B 179 -23.89 9.04 11.79
N LEU B 180 -23.46 9.50 10.62
CA LEU B 180 -22.04 9.61 10.33
C LEU B 180 -21.53 11.06 10.30
N SER B 181 -22.41 12.02 10.61
CA SER B 181 -22.01 13.42 10.72
C SER B 181 -22.85 14.23 11.70
N THR B 182 -22.31 14.39 12.89
CA THR B 182 -22.89 15.26 13.90
C THR B 182 -23.21 16.66 13.37
N ASP B 183 -22.23 17.30 12.73
CA ASP B 183 -22.44 18.60 12.09
C ASP B 183 -23.73 18.67 11.26
N ALA B 184 -24.07 17.57 10.60
CA ALA B 184 -25.28 17.51 9.78
C ALA B 184 -26.55 17.74 10.60
N ILE B 185 -26.52 17.31 11.87
CA ILE B 185 -27.66 17.48 12.75
C ILE B 185 -27.68 18.88 13.34
N THR B 186 -26.56 19.25 13.96
CA THR B 186 -26.49 20.43 14.82
C THR B 186 -26.64 21.73 14.03
N VAL B 187 -26.07 21.76 12.83
CA VAL B 187 -26.14 22.94 11.99
C VAL B 187 -27.54 23.12 11.39
N ASN B 188 -28.16 22.01 10.99
CA ASN B 188 -29.42 22.03 10.26
C ASN B 188 -30.68 22.00 11.14
N TYR B 189 -30.50 21.65 12.40
CA TYR B 189 -31.61 21.23 13.27
C TYR B 189 -32.72 22.27 13.38
N GLU B 190 -32.42 23.36 14.06
CA GLU B 190 -33.44 24.36 14.39
C GLU B 190 -34.22 24.79 13.15
N GLU B 191 -33.67 24.45 11.98
CA GLU B 191 -34.17 24.95 10.71
C GLU B 191 -35.09 23.96 9.98
N ILE B 192 -34.74 22.67 10.05
CA ILE B 192 -35.58 21.64 9.43
C ILE B 192 -36.69 21.14 10.36
N LEU B 193 -36.37 20.96 11.63
CA LEU B 193 -37.21 20.18 12.54
C LEU B 193 -38.55 20.84 12.88
N PRO B 194 -38.54 22.10 13.34
CA PRO B 194 -39.82 22.73 13.69
C PRO B 194 -40.81 22.86 12.53
N PRO B 195 -40.35 23.31 11.35
CA PRO B 195 -41.30 23.41 10.23
C PRO B 195 -41.80 22.04 9.80
N LEU B 196 -41.00 21.01 10.08
CA LEU B 196 -41.41 19.65 9.83
C LEU B 196 -42.57 19.26 10.72
N MET B 197 -42.39 19.38 12.03
CA MET B 197 -43.43 19.01 13.00
C MET B 197 -44.65 19.92 12.93
N ALA B 198 -44.45 21.15 12.46
CA ALA B 198 -45.56 22.07 12.26
C ALA B 198 -46.37 21.65 11.04
N GLY B 199 -45.68 21.24 9.98
CA GLY B 199 -46.35 20.76 8.77
C GLY B 199 -47.21 19.54 9.04
N LEU B 200 -46.61 18.56 9.71
CA LEU B 200 -47.27 17.28 9.97
C LEU B 200 -48.56 17.45 10.78
N LYS B 201 -48.53 18.36 11.74
CA LYS B 201 -49.71 18.66 12.53
C LYS B 201 -50.64 19.63 11.78
N GLN B 202 -50.06 20.60 11.08
CA GLN B 202 -50.84 21.67 10.47
C GLN B 202 -51.60 21.22 9.22
N ALA B 203 -52.92 21.09 9.37
CA ALA B 203 -53.73 20.29 8.45
C ALA B 203 -53.21 18.86 8.41
N GLY B 204 -52.61 18.43 9.52
CA GLY B 204 -51.99 17.11 9.60
C GLY B 204 -52.70 16.17 10.57
N LEU B 205 -51.94 15.25 11.14
CA LEU B 205 -52.53 14.04 11.73
C LEU B 205 -51.96 13.72 13.11
N LYS B 206 -51.95 12.43 13.44
CA LYS B 206 -51.42 11.98 14.72
C LYS B 206 -49.88 11.92 14.66
N VAL B 207 -49.24 12.97 15.19
CA VAL B 207 -47.79 13.09 15.14
C VAL B 207 -47.11 12.41 16.33
N GLY B 208 -46.18 11.50 16.05
CA GLY B 208 -45.43 10.81 17.10
C GLY B 208 -44.58 11.74 17.95
N THR B 209 -43.96 11.20 18.99
CA THR B 209 -43.04 11.96 19.83
C THR B 209 -41.61 11.88 19.32
N PRO B 210 -41.06 13.01 18.85
CA PRO B 210 -39.75 13.01 18.21
C PRO B 210 -38.62 12.82 19.23
N PHE B 211 -37.62 12.00 18.87
CA PHE B 211 -36.51 11.72 19.76
C PHE B 211 -35.18 11.55 19.02
N PHE B 212 -34.10 11.49 19.79
CA PHE B 212 -32.75 11.33 19.23
C PHE B 212 -32.19 9.95 19.55
N VAL B 213 -31.76 9.23 18.52
CA VAL B 213 -31.03 7.98 18.71
C VAL B 213 -29.55 8.18 18.42
N ARG B 214 -28.72 8.01 19.46
CA ARG B 214 -27.29 8.08 19.30
C ARG B 214 -26.78 6.81 18.64
N TYR B 215 -25.80 6.95 17.76
CA TYR B 215 -25.13 5.80 17.17
C TYR B 215 -26.09 4.97 16.33
N GLY B 216 -26.90 5.66 15.52
CA GLY B 216 -27.95 5.00 14.76
C GLY B 216 -27.52 4.70 13.33
N ARG B 217 -27.95 3.53 12.83
CA ARG B 217 -27.85 3.19 11.41
C ARG B 217 -29.23 3.09 10.81
N VAL B 218 -29.33 3.31 9.49
CA VAL B 218 -30.62 3.55 8.85
C VAL B 218 -31.67 2.49 9.17
N LYS B 219 -31.27 1.22 9.18
CA LYS B 219 -32.23 0.13 9.39
C LYS B 219 -32.87 0.10 10.78
N ILE B 220 -32.27 0.79 11.74
CA ILE B 220 -32.83 0.85 13.09
C ILE B 220 -34.26 1.41 13.08
N GLU B 221 -34.62 2.12 12.01
CA GLU B 221 -35.96 2.71 11.91
C GLU B 221 -37.04 1.66 11.73
N ASP B 222 -36.67 0.44 11.37
CA ASP B 222 -37.65 -0.64 11.23
C ASP B 222 -38.08 -1.19 12.58
N GLN B 223 -37.15 -1.25 13.53
CA GLN B 223 -37.45 -1.65 14.89
C GLN B 223 -38.30 -0.58 15.57
N ILE B 224 -37.89 0.67 15.40
CA ILE B 224 -38.63 1.81 15.91
C ILE B 224 -40.07 1.81 15.39
N GLY B 225 -40.25 1.52 14.11
CA GLY B 225 -41.57 1.36 13.54
C GLY B 225 -42.44 0.38 14.31
N GLU B 226 -41.83 -0.74 14.70
CA GLU B 226 -42.59 -1.89 15.21
C GLU B 226 -42.97 -1.69 16.66
N ILE B 227 -42.04 -1.14 17.44
CA ILE B 227 -42.26 -0.83 18.84
C ILE B 227 -43.34 0.25 19.01
N LEU B 228 -43.33 1.24 18.13
CA LEU B 228 -44.27 2.37 18.26
C LEU B 228 -45.50 2.23 17.37
N GLY B 229 -45.48 1.23 16.48
CA GLY B 229 -46.59 1.00 15.56
C GLY B 229 -46.87 2.22 14.68
N ALA B 230 -45.81 2.82 14.17
CA ALA B 230 -45.92 4.03 13.37
C ALA B 230 -46.21 3.67 11.92
N LYS B 231 -47.21 4.34 11.34
CA LYS B 231 -47.58 4.10 9.95
C LYS B 231 -46.44 4.54 9.01
N VAL B 232 -45.82 5.66 9.36
CA VAL B 232 -44.65 6.15 8.64
C VAL B 232 -43.57 6.54 9.63
N VAL B 233 -42.33 6.14 9.34
CA VAL B 233 -41.18 6.56 10.13
C VAL B 233 -40.25 7.44 9.30
N ILE B 234 -40.03 8.67 9.77
CA ILE B 234 -39.10 9.60 9.14
C ILE B 234 -37.80 9.65 9.94
N LEU B 235 -36.69 9.36 9.29
CA LEU B 235 -35.39 9.42 9.95
C LEU B 235 -34.50 10.49 9.35
N LEU B 236 -34.04 11.40 10.18
CA LEU B 236 -32.99 12.34 9.77
C LEU B 236 -31.66 11.88 10.35
N VAL B 237 -30.63 11.86 9.51
CA VAL B 237 -29.36 11.25 9.88
C VAL B 237 -28.21 11.83 9.06
N GLY B 238 -27.06 12.01 9.71
CA GLY B 238 -25.87 12.51 9.04
C GLY B 238 -25.26 11.49 8.10
N GLU B 239 -25.10 11.89 6.84
CA GLU B 239 -24.36 11.07 5.87
C GLU B 239 -22.87 11.17 6.18
N ARG B 240 -22.08 10.22 5.67
CA ARG B 240 -20.64 10.25 5.90
C ARG B 240 -20.07 11.57 5.36
N PRO B 241 -19.10 12.14 6.09
CA PRO B 241 -18.63 13.49 5.81
C PRO B 241 -17.84 13.57 4.51
N GLY B 242 -18.10 14.60 3.71
CA GLY B 242 -17.29 14.89 2.55
C GLY B 242 -16.00 15.57 2.93
N LEU B 243 -15.11 15.76 1.95
CA LEU B 243 -13.79 16.32 2.20
C LEU B 243 -13.89 17.72 2.77
N GLY B 244 -14.73 18.54 2.13
CA GLY B 244 -14.83 19.95 2.47
C GLY B 244 -16.16 20.30 3.12
N GLN B 245 -16.88 19.29 3.57
CA GLN B 245 -18.25 19.50 4.03
C GLN B 245 -18.75 18.39 4.97
N SER B 246 -19.36 18.78 6.08
CA SER B 246 -19.98 17.82 7.00
C SER B 246 -21.42 18.16 7.35
N GLU B 247 -22.00 19.12 6.64
CA GLU B 247 -23.36 19.55 6.93
C GLU B 247 -24.44 18.71 6.23
N SER B 248 -24.03 17.76 5.40
CA SER B 248 -24.99 17.01 4.58
C SER B 248 -25.88 16.06 5.39
N LEU B 249 -27.16 16.41 5.49
CA LEU B 249 -28.14 15.55 6.11
C LEU B 249 -28.97 14.88 5.02
N SER B 250 -29.39 13.63 5.24
CA SER B 250 -30.51 13.10 4.48
C SER B 250 -31.66 12.53 5.32
N CYS B 251 -32.73 12.19 4.60
CA CYS B 251 -33.94 11.65 5.19
C CYS B 251 -34.20 10.27 4.62
N TYR B 252 -34.36 9.29 5.51
CA TYR B 252 -34.83 7.97 5.11
C TYR B 252 -36.18 7.70 5.74
N ALA B 253 -37.19 7.48 4.89
CA ALA B 253 -38.56 7.35 5.36
C ALA B 253 -39.16 6.07 4.81
N VAL B 254 -39.97 5.41 5.63
CA VAL B 254 -40.53 4.13 5.26
C VAL B 254 -41.95 3.97 5.81
N TYR B 255 -42.85 3.46 4.96
CA TYR B 255 -44.21 3.16 5.38
C TYR B 255 -44.28 1.80 6.06
N SER B 256 -44.82 1.78 7.28
CA SER B 256 -45.11 0.54 7.99
C SER B 256 -44.01 -0.49 7.91
N PRO B 257 -42.80 -0.14 8.38
CA PRO B 257 -41.67 -1.03 8.26
C PRO B 257 -41.79 -2.24 9.18
N ARG B 258 -41.32 -3.39 8.69
CA ARG B 258 -41.21 -4.59 9.50
C ARG B 258 -39.79 -5.14 9.37
N MET B 259 -39.17 -5.41 10.51
CA MET B 259 -37.76 -5.78 10.54
C MET B 259 -37.47 -6.98 9.67
N ALA B 260 -38.41 -7.92 9.62
CA ALA B 260 -38.16 -9.24 9.05
C ALA B 260 -38.58 -9.36 7.59
N THR B 261 -38.86 -8.23 6.94
CA THR B 261 -39.35 -8.24 5.56
C THR B 261 -38.98 -6.98 4.79
N THR B 262 -38.90 -5.85 5.49
CA THR B 262 -38.56 -4.58 4.86
C THR B 262 -37.18 -4.65 4.23
N VAL B 263 -37.08 -4.20 2.99
CA VAL B 263 -35.78 -4.05 2.35
C VAL B 263 -35.47 -2.59 2.02
N GLU B 264 -34.21 -2.32 1.75
CA GLU B 264 -33.76 -0.95 1.55
C GLU B 264 -34.58 -0.23 0.48
N ALA B 265 -34.88 -0.94 -0.61
CA ALA B 265 -35.66 -0.37 -1.71
C ALA B 265 -37.04 0.17 -1.28
N ASP B 266 -37.56 -0.35 -0.17
CA ASP B 266 -38.84 0.11 0.36
C ASP B 266 -38.76 1.50 0.98
N ARG B 267 -37.54 2.01 1.16
CA ARG B 267 -37.35 3.32 1.74
C ARG B 267 -37.29 4.41 0.69
N THR B 268 -37.72 5.61 1.07
CA THR B 268 -37.58 6.77 0.21
C THR B 268 -36.50 7.68 0.79
N CYS B 269 -35.52 8.01 -0.02
CA CYS B 269 -34.39 8.77 0.45
C CYS B 269 -34.46 10.19 -0.08
N ILE B 270 -34.32 11.16 0.83
CA ILE B 270 -34.07 12.54 0.45
C ILE B 270 -32.71 12.97 0.97
N SER B 271 -31.77 13.21 0.05
CA SER B 271 -30.36 13.32 0.41
C SER B 271 -29.85 14.75 0.26
N ASN B 272 -28.63 14.97 0.73
CA ASN B 272 -27.95 16.25 0.55
C ASN B 272 -28.81 17.45 0.98
N ILE B 273 -29.33 17.36 2.20
CA ILE B 273 -30.01 18.48 2.83
C ILE B 273 -28.99 19.32 3.60
N HIS B 274 -28.96 20.61 3.26
CA HIS B 274 -28.09 21.58 3.91
C HIS B 274 -28.02 22.84 3.05
N GLN B 275 -27.32 23.86 3.52
CA GLN B 275 -27.36 25.16 2.88
C GLN B 275 -26.68 25.15 1.51
N GLY B 276 -25.78 24.19 1.29
CA GLY B 276 -25.10 24.03 0.00
C GLY B 276 -25.84 23.09 -0.92
N GLY B 277 -26.99 22.59 -0.46
CA GLY B 277 -27.82 21.71 -1.26
C GLY B 277 -29.27 22.12 -1.19
N THR B 278 -30.13 21.21 -0.77
CA THR B 278 -31.51 21.55 -0.49
C THR B 278 -31.59 22.16 0.90
N PRO B 279 -31.91 23.47 0.98
CA PRO B 279 -32.03 24.16 2.25
C PRO B 279 -32.95 23.39 3.20
N PRO B 280 -32.52 23.20 4.45
CA PRO B 280 -33.32 22.53 5.48
C PRO B 280 -34.79 22.95 5.53
N VAL B 281 -35.07 24.25 5.53
CA VAL B 281 -36.46 24.73 5.56
C VAL B 281 -37.25 24.19 4.38
N GLU B 282 -36.66 24.29 3.18
CA GLU B 282 -37.28 23.80 1.95
C GLU B 282 -37.49 22.29 2.01
N ALA B 283 -36.50 21.58 2.55
CA ALA B 283 -36.57 20.13 2.71
C ALA B 283 -37.74 19.73 3.59
N ALA B 284 -37.88 20.40 4.73
CA ALA B 284 -38.93 20.09 5.68
C ALA B 284 -40.28 19.89 4.99
N ALA B 285 -40.64 20.82 4.12
CA ALA B 285 -41.93 20.79 3.42
C ALA B 285 -42.02 19.67 2.39
N VAL B 286 -40.86 19.27 1.84
CA VAL B 286 -40.78 18.13 0.94
C VAL B 286 -41.02 16.82 1.70
N ILE B 287 -40.45 16.74 2.90
CA ILE B 287 -40.62 15.58 3.77
C ILE B 287 -42.05 15.43 4.29
N VAL B 288 -42.69 16.55 4.63
CA VAL B 288 -44.09 16.51 5.07
C VAL B 288 -44.99 16.02 3.94
N ASP B 289 -44.80 16.61 2.76
CA ASP B 289 -45.49 16.18 1.55
C ASP B 289 -45.33 14.68 1.28
N LEU B 290 -44.10 14.18 1.40
CA LEU B 290 -43.82 12.76 1.18
C LEU B 290 -44.53 11.88 2.20
N ALA B 291 -44.56 12.32 3.45
CA ALA B 291 -45.27 11.60 4.50
C ALA B 291 -46.76 11.46 4.16
N LYS B 292 -47.37 12.54 3.67
CA LYS B 292 -48.76 12.52 3.22
C LYS B 292 -49.00 11.45 2.15
N ARG B 293 -48.11 11.42 1.15
CA ARG B 293 -48.25 10.50 0.03
C ARG B 293 -48.06 9.05 0.48
N MET B 294 -47.10 8.82 1.36
CA MET B 294 -46.91 7.49 1.94
C MET B 294 -48.17 6.95 2.59
N LEU B 295 -48.91 7.81 3.28
CA LEU B 295 -50.10 7.39 4.01
C LEU B 295 -51.31 7.17 3.10
N GLU B 296 -51.43 7.99 2.08
CA GLU B 296 -52.47 7.84 1.06
C GLU B 296 -52.26 6.55 0.26
N GLN B 297 -51.03 6.35 -0.20
CA GLN B 297 -50.71 5.21 -1.07
C GLN B 297 -50.45 3.96 -0.24
N LYS B 298 -50.30 4.13 1.07
CA LYS B 298 -49.78 3.06 1.92
C LYS B 298 -48.57 2.37 1.29
N ALA B 299 -47.63 3.18 0.81
CA ALA B 299 -46.42 2.65 0.17
C ALA B 299 -45.27 3.64 0.30
N SER B 300 -44.05 3.15 0.18
CA SER B 300 -42.87 3.99 0.17
C SER B 300 -41.80 3.44 -0.78
N GLY B 301 -40.75 4.21 -1.00
CA GLY B 301 -39.61 3.74 -1.80
C GLY B 301 -40.01 3.33 -3.20
N ILE B 302 -39.56 2.16 -3.63
CA ILE B 302 -39.84 1.70 -4.99
C ILE B 302 -41.32 1.39 -5.19
N ASN B 303 -42.06 1.32 -4.10
CA ASN B 303 -43.46 0.91 -4.15
C ASN B 303 -44.45 2.08 -4.34
N MET B 304 -43.92 3.30 -4.44
CA MET B 304 -44.76 4.48 -4.66
C MET B 304 -44.93 4.80 -6.13
N THR B 305 -46.03 5.48 -6.48
CA THR B 305 -46.24 5.91 -7.86
C THR B 305 -45.32 7.06 -8.28
N ARG B 306 -45.08 7.17 -9.58
CA ARG B 306 -44.09 8.10 -10.15
C ARG B 306 -42.70 7.90 -9.58
N MET C 1 12.34 35.17 6.17
CA MET C 1 11.83 33.77 6.21
C MET C 1 10.75 33.65 7.27
N LYS C 2 9.54 33.30 6.85
CA LYS C 2 8.43 33.08 7.78
C LYS C 2 8.43 31.65 8.30
N LEU C 3 8.38 31.51 9.63
CA LEU C 3 8.31 30.21 10.27
C LEU C 3 6.93 29.97 10.89
N LYS C 4 5.90 30.50 10.24
CA LYS C 4 4.57 30.57 10.83
C LYS C 4 3.50 30.71 9.73
N THR C 5 2.35 30.07 9.93
CA THR C 5 1.14 30.38 9.15
C THR C 5 -0.11 30.10 9.98
N THR C 6 -1.26 30.47 9.44
CA THR C 6 -2.54 30.25 10.09
C THR C 6 -3.38 29.24 9.30
N LEU C 7 -3.81 28.17 9.95
CA LEU C 7 -4.66 27.16 9.31
C LEU C 7 -5.99 27.07 10.08
N PHE C 8 -7.09 27.39 9.39
CA PHE C 8 -8.41 27.45 10.01
C PHE C 8 -8.45 28.35 11.24
N GLY C 9 -7.73 29.46 11.16
CA GLY C 9 -7.75 30.45 12.23
C GLY C 9 -6.79 30.16 13.36
N ASN C 10 -6.11 29.02 13.29
CA ASN C 10 -5.11 28.68 14.30
C ASN C 10 -3.70 28.97 13.81
N VAL C 11 -2.91 29.64 14.67
CA VAL C 11 -1.54 30.01 14.35
C VAL C 11 -0.59 28.84 14.60
N TYR C 12 0.17 28.47 13.57
CA TYR C 12 1.15 27.39 13.71
C TYR C 12 2.56 27.93 13.52
N GLN C 13 3.29 28.05 14.63
CA GLN C 13 4.67 28.49 14.57
C GLN C 13 5.65 27.38 14.93
N PHE C 14 6.76 27.35 14.21
CA PHE C 14 7.80 26.34 14.39
C PHE C 14 9.12 27.01 14.78
N LYS C 15 9.97 26.28 15.50
CA LYS C 15 11.23 26.80 16.00
C LYS C 15 12.18 27.23 14.88
N ASP C 16 12.39 26.35 13.91
CA ASP C 16 13.41 26.59 12.89
C ASP C 16 13.11 25.80 11.62
N VAL C 17 14.03 25.87 10.67
CA VAL C 17 13.89 25.10 9.43
C VAL C 17 13.84 23.60 9.72
N LYS C 18 14.71 23.16 10.62
CA LYS C 18 14.82 21.74 10.97
C LYS C 18 13.52 21.17 11.50
N GLU C 19 12.81 21.94 12.31
CA GLU C 19 11.51 21.50 12.81
C GLU C 19 10.48 21.41 11.67
N VAL C 20 10.47 22.43 10.81
CA VAL C 20 9.59 22.45 9.64
C VAL C 20 9.79 21.23 8.77
N LEU C 21 11.05 20.87 8.52
CA LEU C 21 11.38 19.71 7.72
C LEU C 21 10.87 18.42 8.36
N ALA C 22 11.03 18.32 9.68
CA ALA C 22 10.58 17.16 10.43
C ALA C 22 9.06 17.00 10.40
N LYS C 23 8.34 18.05 10.79
CA LYS C 23 6.90 17.97 11.00
C LYS C 23 6.10 18.03 9.70
N ALA C 24 6.80 18.23 8.59
CA ALA C 24 6.16 18.19 7.26
C ALA C 24 6.05 16.77 6.73
N ASN C 25 6.91 15.87 7.23
CA ASN C 25 6.85 14.46 6.85
C ASN C 25 5.45 13.89 7.04
N GLU C 26 5.05 13.03 6.11
CA GLU C 26 3.99 12.06 6.36
C GLU C 26 4.35 11.23 7.58
N LEU C 27 3.34 10.93 8.39
CA LEU C 27 3.50 10.13 9.61
C LEU C 27 4.32 8.85 9.42
N ARG C 28 5.34 8.68 10.24
CA ARG C 28 6.05 7.40 10.32
C ARG C 28 6.54 7.09 11.73
N SER C 29 6.75 5.79 11.96
CA SER C 29 7.22 5.27 13.21
C SER C 29 8.42 6.03 13.76
N GLY C 30 9.46 6.18 12.94
CA GLY C 30 10.74 6.72 13.38
C GLY C 30 10.70 8.18 13.81
N ASP C 31 9.95 9.00 13.08
CA ASP C 31 9.76 10.40 13.45
C ASP C 31 9.16 10.57 14.85
N VAL C 32 8.12 9.78 15.15
CA VAL C 32 7.58 9.79 16.50
C VAL C 32 8.66 9.40 17.52
N LEU C 33 9.40 8.34 17.21
CA LEU C 33 10.48 7.87 18.07
C LEU C 33 11.54 8.95 18.28
N ALA C 34 11.96 9.63 17.21
CA ALA C 34 12.96 10.71 17.34
C ALA C 34 12.39 11.94 18.06
N GLY C 35 11.07 12.01 18.18
CA GLY C 35 10.42 13.05 18.97
C GLY C 35 10.18 14.30 18.16
N VAL C 36 10.14 14.16 16.84
CA VAL C 36 10.23 15.30 15.95
C VAL C 36 9.00 15.42 15.04
N ALA C 37 8.08 14.46 15.18
CA ALA C 37 6.92 14.38 14.30
C ALA C 37 5.92 15.50 14.60
N ALA C 38 4.91 15.63 13.74
CA ALA C 38 3.82 16.56 14.00
C ALA C 38 2.98 16.08 15.18
N ALA C 39 2.32 17.01 15.87
CA ALA C 39 1.41 16.65 16.95
C ALA C 39 0.02 16.25 16.42
N SER C 40 -0.29 16.71 15.20
CA SER C 40 -1.60 16.46 14.62
C SER C 40 -1.57 16.63 13.11
N SER C 41 -2.66 16.25 12.46
CA SER C 41 -2.76 16.31 11.00
C SER C 41 -2.67 17.75 10.51
N GLN C 42 -3.33 18.65 11.24
CA GLN C 42 -3.35 20.06 10.88
C GLN C 42 -1.96 20.65 10.96
N GLU C 43 -1.21 20.28 11.99
CA GLU C 43 0.14 20.80 12.18
C GLU C 43 1.08 20.27 11.10
N ARG C 44 0.85 19.04 10.66
CA ARG C 44 1.60 18.48 9.54
C ARG C 44 1.37 19.28 8.25
N VAL C 45 0.12 19.60 7.99
CA VAL C 45 -0.26 20.41 6.83
C VAL C 45 0.34 21.81 6.93
N ALA C 46 0.27 22.39 8.13
CA ALA C 46 0.82 23.72 8.37
C ALA C 46 2.34 23.75 8.18
N ALA C 47 3.02 22.71 8.66
CA ALA C 47 4.45 22.54 8.38
C ALA C 47 4.74 22.40 6.88
N LYS C 48 3.88 21.69 6.17
CA LYS C 48 4.02 21.55 4.71
C LYS C 48 3.90 22.88 3.99
N GLN C 49 2.91 23.68 4.36
CA GLN C 49 2.69 24.97 3.72
C GLN C 49 3.81 25.96 4.04
N VAL C 50 4.13 26.11 5.33
CA VAL C 50 5.30 26.88 5.75
C VAL C 50 6.53 26.52 4.94
N LEU C 51 6.78 25.21 4.78
CA LEU C 51 7.95 24.73 4.04
C LEU C 51 7.87 25.06 2.55
N SER C 52 6.69 24.86 1.97
CA SER C 52 6.44 25.13 0.55
C SER C 52 6.71 26.61 0.24
N GLU C 53 6.68 27.45 1.28
CA GLU C 53 6.85 28.89 1.12
C GLU C 53 8.29 29.36 1.31
N MET C 54 9.07 28.58 2.06
CA MET C 54 10.51 28.82 2.15
C MET C 54 11.17 28.80 0.77
N THR C 55 12.30 29.46 0.66
CA THR C 55 13.03 29.48 -0.58
C THR C 55 14.12 28.42 -0.56
N VAL C 56 14.58 28.04 -1.75
CA VAL C 56 15.80 27.25 -1.85
C VAL C 56 16.89 27.83 -0.95
N ALA C 57 17.05 29.15 -0.97
CA ALA C 57 18.05 29.82 -0.13
C ALA C 57 17.83 29.59 1.36
N ASP C 58 16.57 29.66 1.80
CA ASP C 58 16.23 29.39 3.19
C ASP C 58 16.73 28.04 3.66
N ILE C 59 16.54 27.01 2.83
CA ILE C 59 16.85 25.64 3.21
C ILE C 59 18.33 25.34 3.07
N ARG C 60 18.92 25.81 1.96
CA ARG C 60 20.33 25.60 1.70
C ARG C 60 21.19 26.19 2.82
N ASN C 61 20.78 27.36 3.31
CA ASN C 61 21.54 28.08 4.31
C ASN C 61 21.27 27.62 5.74
N ASN C 62 20.41 26.61 5.89
CA ASN C 62 20.19 25.99 7.21
C ASN C 62 20.28 24.47 7.16
N PRO C 63 21.49 23.93 6.88
CA PRO C 63 21.68 22.48 6.92
C PRO C 63 21.38 21.94 8.31
N VAL C 64 21.07 20.65 8.41
CA VAL C 64 20.65 20.06 9.68
C VAL C 64 21.81 19.97 10.66
N ILE C 65 23.03 19.85 10.13
CA ILE C 65 24.24 19.95 10.94
C ILE C 65 25.23 20.93 10.32
N ALA C 66 25.84 21.77 11.16
CA ALA C 66 26.62 22.91 10.70
C ALA C 66 27.80 22.51 9.85
N TYR C 67 28.18 23.41 8.94
CA TYR C 67 29.33 23.22 8.07
C TYR C 67 30.58 22.87 8.88
N GLU C 68 30.92 23.71 9.86
CA GLU C 68 32.19 23.58 10.59
C GLU C 68 32.27 22.29 11.41
N ASP C 69 31.10 21.71 11.71
CA ASP C 69 31.01 20.59 12.65
C ASP C 69 30.86 19.25 11.93
N ASP C 70 30.63 19.28 10.62
CA ASP C 70 30.26 18.06 9.91
C ASP C 70 30.89 17.98 8.53
N CYS C 71 31.70 16.96 8.30
CA CYS C 71 32.37 16.76 7.02
C CYS C 71 31.40 16.37 5.90
N VAL C 72 30.26 15.80 6.25
CA VAL C 72 29.28 15.46 5.22
C VAL C 72 28.55 16.70 4.74
N THR C 73 28.18 17.58 5.67
CA THR C 73 27.66 18.89 5.28
C THR C 73 28.67 19.61 4.38
N ARG C 74 29.95 19.58 4.75
CA ARG C 74 30.95 20.28 3.96
C ARG C 74 31.00 19.73 2.55
N LEU C 75 31.01 18.39 2.45
CA LEU C 75 31.09 17.72 1.17
C LEU C 75 29.94 18.11 0.27
N ILE C 76 28.74 18.19 0.84
CA ILE C 76 27.53 18.51 0.10
C ILE C 76 27.51 19.96 -0.35
N GLN C 77 27.90 20.86 0.56
CA GLN C 77 27.92 22.29 0.26
C GLN C 77 29.01 22.62 -0.76
N ASP C 78 30.17 22.01 -0.60
CA ASP C 78 31.30 22.28 -1.49
C ASP C 78 31.07 21.75 -2.91
N ASP C 79 30.03 20.95 -3.10
CA ASP C 79 29.76 20.33 -4.40
C ASP C 79 28.78 21.15 -5.24
N VAL C 80 28.10 22.09 -4.59
CA VAL C 80 27.13 22.96 -5.24
C VAL C 80 27.73 23.75 -6.41
N ASN C 81 27.11 23.63 -7.58
CA ASN C 81 27.31 24.61 -8.65
C ASN C 81 26.64 25.93 -8.28
N GLU C 82 27.44 26.92 -7.89
CA GLU C 82 26.86 28.16 -7.35
C GLU C 82 26.13 28.96 -8.44
N THR C 83 26.46 28.72 -9.70
CA THR C 83 25.78 29.40 -10.79
C THR C 83 24.33 28.90 -10.96
N ALA C 84 24.15 27.58 -10.81
CA ALA C 84 22.83 26.97 -10.79
C ALA C 84 22.06 27.35 -9.54
N TYR C 85 22.76 27.38 -8.41
CA TYR C 85 22.15 27.78 -7.15
C TYR C 85 21.60 29.20 -7.23
N ASN C 86 22.41 30.12 -7.77
CA ASN C 86 22.02 31.50 -7.88
C ASN C 86 20.78 31.72 -8.74
N GLN C 87 20.60 30.87 -9.76
CA GLN C 87 19.41 30.94 -10.58
C GLN C 87 18.14 30.62 -9.80
N ILE C 88 18.24 29.71 -8.82
CA ILE C 88 17.05 29.18 -8.17
C ILE C 88 16.87 29.55 -6.69
N LYS C 89 17.83 30.26 -6.12
CA LYS C 89 17.88 30.44 -4.67
C LYS C 89 16.66 31.21 -4.14
N ASN C 90 16.01 31.95 -5.01
CA ASN C 90 14.85 32.74 -4.64
C ASN C 90 13.52 32.03 -4.95
N TRP C 91 13.61 30.85 -5.54
CA TRP C 91 12.43 30.00 -5.72
C TRP C 91 11.93 29.54 -4.37
N SER C 92 10.61 29.49 -4.22
CA SER C 92 10.00 28.76 -3.12
C SER C 92 10.05 27.26 -3.42
N ILE C 93 10.03 26.45 -2.38
CA ILE C 93 10.01 25.00 -2.53
C ILE C 93 8.80 24.54 -3.35
N SER C 94 7.70 25.29 -3.24
CA SER C 94 6.52 25.05 -4.06
C SER C 94 6.79 25.23 -5.55
N GLU C 95 7.57 26.25 -5.89
CA GLU C 95 7.91 26.51 -7.28
C GLU C 95 8.88 25.48 -7.82
N LEU C 96 9.76 24.98 -6.94
CA LEU C 96 10.68 23.91 -7.28
C LEU C 96 9.97 22.58 -7.49
N ARG C 97 9.00 22.25 -6.61
CA ARG C 97 8.17 21.08 -6.80
C ARG C 97 7.48 21.13 -8.16
N GLU C 98 6.84 22.26 -8.46
CA GLU C 98 6.08 22.40 -9.69
C GLU C 98 6.98 22.35 -10.92
N TYR C 99 8.22 22.80 -10.76
CA TYR C 99 9.20 22.80 -11.84
C TYR C 99 9.67 21.39 -12.15
N VAL C 100 9.98 20.63 -11.10
CA VAL C 100 10.40 19.24 -11.26
C VAL C 100 9.33 18.43 -11.99
N LEU C 101 8.06 18.70 -11.66
CA LEU C 101 6.95 17.91 -12.14
C LEU C 101 6.51 18.29 -13.54
N SER C 102 6.86 19.50 -13.96
CA SER C 102 6.41 20.04 -15.24
C SER C 102 6.91 19.19 -16.41
N ASP C 103 6.03 18.96 -17.38
CA ASP C 103 6.41 18.31 -18.63
C ASP C 103 7.25 19.21 -19.53
N GLU C 104 7.27 20.51 -19.25
CA GLU C 104 8.10 21.45 -19.98
C GLU C 104 9.50 21.57 -19.38
N THR C 105 9.71 20.88 -18.26
CA THR C 105 11.05 20.70 -17.68
C THR C 105 11.65 19.40 -18.23
N SER C 106 12.72 19.53 -19.00
CA SER C 106 13.33 18.38 -19.67
C SER C 106 14.38 17.72 -18.78
N VAL C 107 14.86 16.55 -19.19
CA VAL C 107 15.99 15.91 -18.51
C VAL C 107 17.22 16.81 -18.43
N ASP C 108 17.47 17.60 -19.47
CA ASP C 108 18.64 18.49 -19.51
C ASP C 108 18.45 19.74 -18.66
N ASP C 109 17.22 20.23 -18.58
CA ASP C 109 16.89 21.28 -17.63
C ASP C 109 17.23 20.84 -16.21
N ILE C 110 16.73 19.67 -15.83
CA ILE C 110 16.97 19.11 -14.49
C ILE C 110 18.45 18.80 -14.25
N ALA C 111 19.15 18.37 -15.30
CA ALA C 111 20.59 18.17 -15.25
C ALA C 111 21.30 19.37 -14.61
N PHE C 112 21.01 20.58 -15.08
CA PHE C 112 21.71 21.75 -14.56
C PHE C 112 21.12 22.20 -13.22
N THR C 113 19.80 22.25 -13.13
CA THR C 113 19.12 22.70 -11.92
C THR C 113 19.53 21.91 -10.68
N ARG C 114 19.62 20.59 -10.81
CA ARG C 114 19.94 19.76 -9.66
C ARG C 114 21.33 20.05 -9.06
N LYS C 115 22.22 20.64 -9.85
CA LYS C 115 23.56 20.96 -9.36
C LYS C 115 23.52 22.13 -8.38
N GLY C 116 22.40 22.84 -8.35
CA GLY C 116 22.23 23.97 -7.43
C GLY C 116 21.53 23.58 -6.14
N LEU C 117 21.24 22.30 -5.97
CA LEU C 117 20.55 21.86 -4.76
C LEU C 117 21.54 21.34 -3.73
N THR C 118 21.16 21.42 -2.47
CA THR C 118 21.74 20.55 -1.45
C THR C 118 20.68 19.55 -1.00
N SER C 119 21.09 18.55 -0.22
CA SER C 119 20.22 17.43 0.09
C SER C 119 19.01 17.88 0.91
N GLU C 120 19.20 18.89 1.74
CA GLU C 120 18.10 19.44 2.52
C GLU C 120 17.01 19.96 1.59
N VAL C 121 17.41 20.60 0.49
CA VAL C 121 16.45 21.08 -0.51
C VAL C 121 15.76 19.93 -1.26
N VAL C 122 16.54 18.93 -1.67
CA VAL C 122 16.01 17.67 -2.21
C VAL C 122 14.91 17.14 -1.27
N ALA C 123 15.22 17.09 0.02
CA ALA C 123 14.31 16.56 1.02
C ALA C 123 13.03 17.39 1.17
N ALA C 124 13.20 18.70 1.30
CA ALA C 124 12.11 19.64 1.31
C ALA C 124 11.12 19.39 0.17
N VAL C 125 11.64 19.28 -1.05
CA VAL C 125 10.80 19.03 -2.23
C VAL C 125 9.99 17.75 -2.05
N ALA C 126 10.65 16.69 -1.59
CA ALA C 126 10.00 15.40 -1.43
C ALA C 126 8.83 15.47 -0.44
N LYS C 127 8.97 16.30 0.59
CA LYS C 127 8.03 16.34 1.71
C LYS C 127 6.66 16.89 1.30
N ILE C 128 6.65 17.68 0.23
CA ILE C 128 5.42 18.27 -0.26
C ILE C 128 4.93 17.58 -1.54
N CYS C 129 5.42 16.36 -1.77
CA CYS C 129 4.98 15.53 -2.89
C CYS C 129 4.07 14.39 -2.43
N SER C 130 2.95 14.23 -3.12
CA SER C 130 2.10 13.06 -2.91
C SER C 130 2.79 11.82 -3.45
N ASN C 131 2.20 10.65 -3.26
CA ASN C 131 2.87 9.42 -3.71
C ASN C 131 3.03 9.40 -5.23
N ALA C 132 2.02 9.88 -5.94
CA ALA C 132 2.07 9.90 -7.39
C ALA C 132 3.04 10.97 -7.89
N ASP C 133 3.19 12.06 -7.13
CA ASP C 133 4.20 13.06 -7.41
C ASP C 133 5.59 12.43 -7.36
N LEU C 134 5.85 11.64 -6.33
CA LEU C 134 7.17 11.03 -6.16
C LEU C 134 7.49 10.07 -7.29
N ILE C 135 6.49 9.32 -7.71
CA ILE C 135 6.65 8.35 -8.80
C ILE C 135 6.87 9.04 -10.15
N TYR C 136 6.02 10.01 -10.49
CA TYR C 136 6.09 10.65 -11.80
C TYR C 136 7.31 11.56 -11.89
N GLY C 137 7.57 12.31 -10.83
CA GLY C 137 8.79 13.11 -10.72
C GLY C 137 10.06 12.30 -10.88
N ALA C 138 10.13 11.16 -10.21
CA ALA C 138 11.29 10.30 -10.33
C ALA C 138 11.45 9.73 -11.75
N LYS C 139 10.34 9.36 -12.38
CA LYS C 139 10.36 8.75 -13.70
C LYS C 139 10.93 9.69 -14.76
N LYS C 140 10.69 10.98 -14.61
CA LYS C 140 11.21 11.95 -15.56
C LYS C 140 12.63 12.43 -15.21
N MET C 141 13.27 11.78 -14.23
CA MET C 141 14.67 12.06 -13.92
C MET C 141 15.53 10.78 -13.95
N PRO C 142 15.75 10.22 -15.16
CA PRO C 142 16.59 9.05 -15.32
C PRO C 142 18.04 9.32 -14.94
N VAL C 143 18.71 8.34 -14.34
CA VAL C 143 20.12 8.47 -14.04
C VAL C 143 20.79 7.20 -14.52
N ILE C 144 21.77 7.36 -15.42
CA ILE C 144 22.31 6.26 -16.18
C ILE C 144 23.80 6.12 -15.89
N LYS C 145 24.22 4.94 -15.48
CA LYS C 145 25.62 4.64 -15.23
C LYS C 145 26.06 3.37 -15.95
N LYS C 146 27.35 3.09 -15.90
CA LYS C 146 27.89 2.03 -16.70
C LYS C 146 29.09 1.39 -16.01
N ALA C 147 28.96 0.10 -15.71
CA ALA C 147 30.07 -0.73 -15.30
C ALA C 147 30.46 -1.68 -16.44
N ASN C 148 30.18 -2.97 -16.29
CA ASN C 148 30.15 -3.86 -17.45
C ASN C 148 28.75 -3.97 -18.05
N THR C 149 27.77 -3.49 -17.30
CA THR C 149 26.44 -3.25 -17.83
C THR C 149 26.08 -1.78 -17.73
N THR C 150 25.11 -1.36 -18.56
CA THR C 150 24.53 -0.06 -18.45
C THR C 150 23.22 -0.16 -17.68
N ILE C 151 23.05 0.73 -16.71
CA ILE C 151 21.89 0.68 -15.85
C ILE C 151 21.18 2.03 -15.89
N GLY C 152 19.86 2.02 -15.84
CA GLY C 152 19.09 3.23 -15.66
C GLY C 152 18.49 3.79 -16.94
N ILE C 153 18.84 3.20 -18.08
CA ILE C 153 18.20 3.59 -19.33
C ILE C 153 16.71 3.34 -19.22
N PRO C 154 15.90 4.39 -19.45
CA PRO C 154 14.45 4.31 -19.49
C PRO C 154 13.97 3.19 -20.39
N GLY C 155 13.04 2.37 -19.90
CA GLY C 155 12.65 1.18 -20.64
C GLY C 155 13.41 -0.07 -20.23
N THR C 156 14.44 0.09 -19.40
CA THR C 156 15.12 -1.05 -18.79
C THR C 156 14.90 -1.15 -17.27
N PHE C 157 15.31 -2.28 -16.71
CA PHE C 157 15.09 -2.58 -15.29
C PHE C 157 16.07 -3.67 -14.89
N SER C 158 16.93 -3.37 -13.91
CA SER C 158 18.01 -4.29 -13.53
C SER C 158 17.77 -4.93 -12.16
N ALA C 159 18.59 -5.92 -11.83
CA ALA C 159 18.47 -6.64 -10.55
C ALA C 159 19.82 -7.09 -9.97
N ARG C 160 19.96 -6.94 -8.65
CA ARG C 160 21.09 -7.53 -7.95
C ARG C 160 20.77 -8.99 -7.61
N LEU C 161 21.67 -9.89 -7.98
CA LEU C 161 21.61 -11.28 -7.53
C LEU C 161 22.30 -11.35 -6.18
N GLN C 162 21.52 -11.68 -5.15
CA GLN C 162 22.02 -11.68 -3.77
C GLN C 162 22.14 -13.11 -3.24
N PRO C 163 23.23 -13.81 -3.59
CA PRO C 163 23.26 -15.21 -3.23
C PRO C 163 23.91 -15.43 -1.87
N ASN C 164 23.23 -15.01 -0.80
CA ASN C 164 23.80 -15.09 0.55
C ASN C 164 23.73 -16.47 1.18
N ASP C 165 24.77 -16.85 1.93
CA ASP C 165 24.77 -18.12 2.65
C ASP C 165 25.21 -18.02 4.11
N THR C 166 24.53 -18.78 4.96
CA THR C 166 24.85 -18.86 6.40
C THR C 166 26.32 -19.18 6.69
N ARG C 167 26.93 -20.03 5.88
CA ARG C 167 28.30 -20.46 6.12
C ARG C 167 29.29 -19.93 5.08
N ASP C 168 28.82 -19.02 4.22
CA ASP C 168 29.56 -18.66 3.01
C ASP C 168 29.93 -19.91 2.20
N ASP C 169 29.06 -20.91 2.19
CA ASP C 169 29.34 -22.14 1.46
C ASP C 169 29.28 -21.90 -0.04
N VAL C 170 30.41 -22.10 -0.72
CA VAL C 170 30.54 -21.77 -2.14
C VAL C 170 29.54 -22.56 -2.99
N GLN C 171 29.09 -23.70 -2.48
CA GLN C 171 28.14 -24.54 -3.19
C GLN C 171 26.77 -23.92 -3.15
N SER C 172 26.40 -23.44 -1.96
CA SER C 172 25.14 -22.75 -1.77
C SER C 172 25.11 -21.43 -2.53
N ILE C 173 26.19 -20.67 -2.45
CA ILE C 173 26.30 -19.43 -3.22
C ILE C 173 26.18 -19.67 -4.72
N ALA C 174 26.96 -20.62 -5.24
CA ALA C 174 26.87 -21.01 -6.65
C ALA C 174 25.45 -21.45 -7.05
N ALA C 175 24.80 -22.21 -6.19
CA ALA C 175 23.48 -22.72 -6.50
C ALA C 175 22.52 -21.56 -6.75
N GLN C 176 22.57 -20.56 -5.87
CA GLN C 176 21.68 -19.42 -5.95
C GLN C 176 21.98 -18.49 -7.13
N ILE C 177 23.26 -18.43 -7.51
CA ILE C 177 23.66 -17.68 -8.69
C ILE C 177 23.03 -18.29 -9.95
N TYR C 178 23.22 -19.58 -10.16
CA TYR C 178 22.65 -20.27 -11.31
C TYR C 178 21.14 -20.10 -11.39
N GLU C 179 20.48 -20.14 -10.23
CA GLU C 179 19.04 -19.95 -10.16
C GLU C 179 18.66 -18.53 -10.59
N GLY C 180 19.36 -17.55 -10.05
CA GLY C 180 19.10 -16.15 -10.37
C GLY C 180 19.31 -15.83 -11.83
N LEU C 181 20.45 -16.24 -12.38
CA LEU C 181 20.71 -16.08 -13.81
C LEU C 181 19.56 -16.64 -14.66
N SER C 182 18.98 -17.76 -14.23
CA SER C 182 17.93 -18.42 -15.02
C SER C 182 16.66 -17.59 -15.12
N PHE C 183 16.50 -16.63 -14.20
CA PHE C 183 15.39 -15.70 -14.25
C PHE C 183 15.79 -14.34 -14.84
N GLY C 184 17.04 -14.21 -15.26
CA GLY C 184 17.54 -12.94 -15.79
C GLY C 184 17.92 -11.91 -14.74
N VAL C 185 18.22 -12.37 -13.54
CA VAL C 185 18.71 -11.50 -12.48
C VAL C 185 20.25 -11.45 -12.46
N GLY C 186 20.79 -10.27 -12.21
CA GLY C 186 22.24 -10.15 -12.02
C GLY C 186 22.89 -9.07 -12.88
N ASP C 187 22.07 -8.32 -13.63
CA ASP C 187 22.60 -7.25 -14.46
C ASP C 187 23.13 -6.04 -13.69
N ALA C 188 22.63 -5.82 -12.48
CA ALA C 188 23.16 -4.76 -11.63
C ALA C 188 24.49 -5.18 -11.01
N VAL C 189 24.48 -6.36 -10.39
CA VAL C 189 25.67 -6.92 -9.75
C VAL C 189 25.32 -8.31 -9.23
N ILE C 190 26.33 -9.17 -9.09
CA ILE C 190 26.22 -10.39 -8.29
C ILE C 190 26.95 -10.19 -6.94
N GLY C 191 26.17 -9.88 -5.91
CA GLY C 191 26.71 -9.29 -4.68
C GLY C 191 26.38 -10.06 -3.42
N VAL C 192 27.41 -10.46 -2.68
CA VAL C 192 27.26 -11.29 -1.49
C VAL C 192 27.60 -10.52 -0.21
N ASN C 193 26.69 -10.55 0.76
CA ASN C 193 27.06 -10.26 2.15
C ASN C 193 27.67 -11.48 2.80
N PRO C 194 28.99 -11.47 3.03
CA PRO C 194 29.72 -12.60 3.56
C PRO C 194 29.46 -12.75 5.06
N VAL C 195 29.73 -13.93 5.60
CA VAL C 195 29.61 -14.16 7.03
C VAL C 195 30.87 -13.71 7.78
N THR C 196 32.04 -13.93 7.17
CA THR C 196 33.29 -13.51 7.80
C THR C 196 33.99 -12.45 6.98
N ASP C 197 34.41 -11.38 7.67
CA ASP C 197 35.12 -10.28 7.03
C ASP C 197 36.61 -10.55 7.13
N ASP C 198 37.09 -11.56 6.42
CA ASP C 198 38.53 -11.75 6.24
C ASP C 198 38.93 -11.98 4.79
N VAL C 199 40.20 -11.72 4.47
CA VAL C 199 40.62 -11.61 3.08
C VAL C 199 40.50 -12.93 2.35
N GLU C 200 40.94 -14.01 2.99
CA GLU C 200 40.94 -15.34 2.38
C GLU C 200 39.52 -15.74 2.04
N ASN C 201 38.60 -15.46 2.95
CA ASN C 201 37.18 -15.73 2.70
C ASN C 201 36.56 -14.83 1.63
N LEU C 202 36.99 -13.57 1.60
CA LEU C 202 36.49 -12.67 0.57
C LEU C 202 36.97 -13.10 -0.80
N SER C 203 38.24 -13.48 -0.88
CA SER C 203 38.82 -13.96 -2.13
C SER C 203 38.10 -15.21 -2.62
N ARG C 204 37.76 -16.11 -1.70
CA ARG C 204 37.09 -17.35 -2.07
C ARG C 204 35.68 -17.09 -2.60
N VAL C 205 34.98 -16.14 -1.99
CA VAL C 205 33.64 -15.80 -2.43
C VAL C 205 33.69 -15.12 -3.81
N LEU C 206 34.58 -14.15 -3.96
CA LEU C 206 34.84 -13.57 -5.28
C LEU C 206 35.22 -14.62 -6.33
N ASP C 207 36.14 -15.52 -5.99
CA ASP C 207 36.51 -16.59 -6.91
C ASP C 207 35.29 -17.42 -7.33
N THR C 208 34.32 -17.57 -6.43
CA THR C 208 33.10 -18.32 -6.73
C THR C 208 32.22 -17.58 -7.72
N ILE C 209 31.96 -16.30 -7.45
CA ILE C 209 31.17 -15.46 -8.34
C ILE C 209 31.85 -15.36 -9.70
N TYR C 210 33.15 -15.10 -9.72
CA TYR C 210 33.85 -14.89 -10.97
C TYR C 210 34.08 -16.17 -11.79
N GLY C 211 34.21 -17.30 -11.10
CA GLY C 211 34.15 -18.61 -11.74
C GLY C 211 32.96 -18.78 -12.67
N VAL C 212 31.79 -18.30 -12.23
CA VAL C 212 30.59 -18.35 -13.05
C VAL C 212 30.58 -17.30 -14.17
N ILE C 213 30.82 -16.05 -13.81
CA ILE C 213 31.00 -14.96 -14.80
C ILE C 213 31.98 -15.35 -15.91
N ASP C 214 33.16 -15.86 -15.52
CA ASP C 214 34.20 -16.18 -16.49
C ASP C 214 33.86 -17.40 -17.36
N LYS C 215 33.18 -18.38 -16.78
CA LYS C 215 32.85 -19.61 -17.50
C LYS C 215 31.80 -19.37 -18.59
N PHE C 216 30.83 -18.52 -18.30
CA PHE C 216 29.73 -18.28 -19.24
C PHE C 216 29.87 -16.94 -19.95
N ASN C 217 30.99 -16.27 -19.69
CA ASN C 217 31.29 -14.93 -20.22
C ASN C 217 30.15 -13.94 -20.05
N ILE C 218 29.68 -13.84 -18.80
CA ILE C 218 28.57 -12.96 -18.45
C ILE C 218 29.02 -11.51 -18.39
N PRO C 219 28.35 -10.62 -19.15
CA PRO C 219 28.61 -9.20 -18.96
C PRO C 219 27.93 -8.72 -17.69
N THR C 220 28.70 -8.66 -16.60
CA THR C 220 28.23 -8.17 -15.32
C THR C 220 29.42 -7.95 -14.39
N GLN C 221 29.16 -7.75 -13.10
CA GLN C 221 30.23 -7.57 -12.13
C GLN C 221 29.90 -8.19 -10.78
N GLY C 222 30.92 -8.65 -10.08
CA GLY C 222 30.74 -9.24 -8.76
C GLY C 222 31.02 -8.25 -7.65
N CYS C 223 30.64 -8.61 -6.43
CA CYS C 223 30.87 -7.75 -5.27
C CYS C 223 30.75 -8.56 -3.99
N VAL C 224 31.63 -8.32 -3.04
CA VAL C 224 31.47 -8.88 -1.70
C VAL C 224 31.29 -7.76 -0.68
N LEU C 225 30.15 -7.76 -0.01
CA LEU C 225 29.70 -6.58 0.72
C LEU C 225 30.22 -6.58 2.14
N ALA C 226 31.54 -6.63 2.27
CA ALA C 226 32.19 -6.48 3.54
C ALA C 226 32.62 -5.03 3.71
N HIS C 227 33.38 -4.75 4.76
CA HIS C 227 33.84 -3.40 4.98
C HIS C 227 34.78 -3.03 3.84
N VAL C 228 34.73 -1.77 3.44
CA VAL C 228 35.49 -1.32 2.28
C VAL C 228 37.00 -1.60 2.44
N THR C 229 37.52 -1.47 3.66
CA THR C 229 38.95 -1.75 3.92
C THR C 229 39.33 -3.17 3.56
N THR C 230 38.45 -4.12 3.87
CA THR C 230 38.70 -5.53 3.61
C THR C 230 38.63 -5.87 2.12
N GLN C 231 37.67 -5.26 1.41
CA GLN C 231 37.58 -5.41 -0.03
C GLN C 231 38.84 -4.90 -0.72
N ILE C 232 39.26 -3.68 -0.35
CA ILE C 232 40.47 -3.10 -0.89
C ILE C 232 41.65 -4.07 -0.68
N GLU C 233 41.75 -4.61 0.53
CA GLU C 233 42.80 -5.57 0.85
C GLU C 233 42.78 -6.75 -0.11
N ALA C 234 41.65 -7.46 -0.15
CA ALA C 234 41.48 -8.58 -1.06
C ALA C 234 41.88 -8.22 -2.50
N ILE C 235 41.37 -7.12 -3.01
CA ILE C 235 41.62 -6.73 -4.40
C ILE C 235 43.10 -6.40 -4.67
N ARG C 236 43.72 -5.63 -3.77
CA ARG C 236 45.16 -5.37 -3.85
C ARG C 236 45.97 -6.65 -3.86
N ARG C 237 45.53 -7.63 -3.08
CA ARG C 237 46.23 -8.90 -2.95
C ARG C 237 45.85 -9.89 -4.04
N GLY C 238 44.99 -9.47 -4.98
CA GLY C 238 44.79 -10.23 -6.20
C GLY C 238 43.39 -10.74 -6.52
N ALA C 239 42.43 -10.52 -5.62
CA ALA C 239 41.06 -10.92 -5.89
C ALA C 239 40.47 -10.13 -7.07
N PRO C 240 39.54 -10.73 -7.83
CA PRO C 240 38.85 -10.00 -8.88
C PRO C 240 37.96 -8.89 -8.33
N GLY C 241 38.31 -7.64 -8.67
CA GLY C 241 37.56 -6.48 -8.24
C GLY C 241 36.48 -6.14 -9.26
N GLY C 242 35.24 -6.07 -8.78
CA GLY C 242 34.12 -5.63 -9.58
C GLY C 242 33.60 -4.27 -9.14
N LEU C 243 32.55 -4.28 -8.33
CA LEU C 243 32.10 -3.08 -7.65
C LEU C 243 32.71 -3.04 -6.26
N ILE C 244 33.03 -1.85 -5.76
CA ILE C 244 33.47 -1.71 -4.37
C ILE C 244 32.35 -1.13 -3.51
N PHE C 245 31.98 -1.85 -2.44
CA PHE C 245 30.79 -1.52 -1.64
C PHE C 245 31.08 -0.84 -0.31
N GLN C 246 30.19 0.08 0.07
CA GLN C 246 30.20 0.62 1.44
C GLN C 246 28.81 1.13 1.81
N SER C 247 28.33 0.71 2.97
CA SER C 247 27.16 1.32 3.59
C SER C 247 27.55 2.71 4.05
N ILE C 248 26.65 3.68 3.93
CA ILE C 248 26.95 5.04 4.35
C ILE C 248 25.87 5.65 5.26
N CYS C 249 26.24 6.73 5.93
CA CYS C 249 25.30 7.48 6.76
C CYS C 249 25.45 8.97 6.50
N GLY C 250 24.42 9.74 6.84
CA GLY C 250 24.30 11.12 6.36
C GLY C 250 24.89 12.16 7.29
N SER C 251 25.64 11.71 8.29
CA SER C 251 26.36 12.63 9.16
C SER C 251 27.76 12.10 9.46
N GLU C 252 28.62 12.99 9.96
CA GLU C 252 29.97 12.61 10.32
C GLU C 252 29.96 11.62 11.49
N LYS C 253 29.08 11.88 12.46
CA LYS C 253 28.90 10.98 13.60
C LYS C 253 28.46 9.59 13.11
N GLY C 254 27.47 9.57 12.22
CA GLY C 254 27.00 8.33 11.62
C GLY C 254 28.06 7.53 10.88
N LEU C 255 28.94 8.24 10.18
CA LEU C 255 30.03 7.56 9.48
C LEU C 255 30.96 6.91 10.51
N LYS C 256 31.24 7.61 11.60
CA LYS C 256 32.05 7.05 12.67
C LYS C 256 31.44 5.76 13.22
N GLU C 257 30.15 5.80 13.55
CA GLU C 257 29.42 4.60 13.93
C GLU C 257 29.69 3.41 13.00
N PHE C 258 29.74 3.67 11.68
CA PHE C 258 29.94 2.63 10.68
C PHE C 258 31.42 2.25 10.48
N GLY C 259 32.32 3.05 11.03
CA GLY C 259 33.76 2.80 10.91
C GLY C 259 34.35 3.25 9.58
N VAL C 260 33.74 4.28 9.00
CA VAL C 260 34.13 4.73 7.66
C VAL C 260 34.67 6.17 7.62
N GLU C 261 35.83 6.33 6.99
CA GLU C 261 36.42 7.64 6.76
C GLU C 261 36.27 7.97 5.29
N LEU C 262 36.11 9.24 4.97
CA LEU C 262 35.87 9.63 3.59
C LEU C 262 37.08 9.27 2.74
N ALA C 263 38.26 9.33 3.35
CA ALA C 263 39.49 8.95 2.66
C ALA C 263 39.45 7.50 2.13
N MET C 264 38.73 6.61 2.83
CA MET C 264 38.53 5.24 2.39
C MET C 264 37.79 5.18 1.04
N LEU C 265 36.84 6.07 0.84
CA LEU C 265 36.07 6.08 -0.41
C LEU C 265 36.88 6.67 -1.56
N ASP C 266 37.73 7.65 -1.25
CA ASP C 266 38.71 8.13 -2.22
C ASP C 266 39.57 6.98 -2.69
N GLU C 267 40.04 6.18 -1.73
CA GLU C 267 41.01 5.12 -1.98
C GLU C 267 40.35 4.02 -2.80
N ALA C 268 39.09 3.75 -2.45
CA ALA C 268 38.27 2.76 -3.17
C ALA C 268 38.17 3.09 -4.65
N ARG C 269 37.93 4.36 -4.93
CA ARG C 269 37.92 4.84 -6.31
C ARG C 269 39.29 4.68 -7.00
N ALA C 270 40.36 5.03 -6.30
CA ALA C 270 41.73 4.81 -6.81
C ALA C 270 42.04 3.34 -7.06
N VAL C 271 41.57 2.48 -6.16
CA VAL C 271 41.83 1.05 -6.26
C VAL C 271 41.03 0.44 -7.41
N GLY C 272 39.77 0.84 -7.53
CA GLY C 272 38.97 0.50 -8.72
C GLY C 272 39.66 0.82 -10.04
N ALA C 273 40.29 1.98 -10.11
CA ALA C 273 40.88 2.47 -11.35
C ALA C 273 42.14 1.69 -11.73
N GLU C 274 42.83 1.17 -10.73
CA GLU C 274 44.06 0.42 -10.96
C GLU C 274 43.79 -1.08 -11.17
N PHE C 275 42.77 -1.61 -10.49
CA PHE C 275 42.61 -3.06 -10.40
C PHE C 275 41.34 -3.62 -11.02
N ASN C 276 40.26 -2.85 -11.05
CA ASN C 276 38.95 -3.46 -11.26
C ASN C 276 38.61 -3.84 -12.69
N ARG C 277 37.88 -4.94 -12.83
CA ARG C 277 37.57 -5.52 -14.13
C ARG C 277 36.30 -4.89 -14.68
N ILE C 278 36.34 -3.57 -14.87
CA ILE C 278 35.17 -2.78 -15.28
C ILE C 278 35.46 -1.99 -16.55
N ALA C 279 34.56 -2.10 -17.54
CA ALA C 279 34.74 -1.43 -18.84
C ALA C 279 34.34 0.03 -18.76
N GLY C 280 33.20 0.29 -18.14
CA GLY C 280 32.72 1.65 -17.94
C GLY C 280 33.47 2.40 -16.84
N GLU C 281 32.96 3.57 -16.49
CA GLU C 281 33.69 4.48 -15.62
C GLU C 281 33.19 4.46 -14.18
N ASN C 282 32.12 3.70 -13.90
CA ASN C 282 31.58 3.64 -12.55
C ASN C 282 31.82 2.28 -11.90
N CYS C 283 32.26 2.29 -10.64
CA CYS C 283 32.55 1.04 -9.96
C CYS C 283 32.21 1.00 -8.46
N LEU C 284 31.56 2.04 -7.95
CA LEU C 284 31.21 2.07 -6.52
C LEU C 284 29.75 1.67 -6.30
N TYR C 285 29.48 1.10 -5.12
CA TYR C 285 28.14 0.64 -4.75
C TYR C 285 27.87 1.09 -3.33
N PHE C 286 26.90 1.97 -3.12
CA PHE C 286 26.53 2.37 -1.76
C PHE C 286 25.16 1.83 -1.39
N GLU C 287 24.95 1.59 -0.10
CA GLU C 287 23.63 1.23 0.42
C GLU C 287 23.23 2.18 1.57
N THR C 288 21.93 2.49 1.62
CA THR C 288 21.42 3.47 2.58
C THR C 288 20.14 2.93 3.22
N GLY C 289 19.45 3.75 4.01
CA GLY C 289 18.09 3.44 4.45
C GLY C 289 17.68 4.26 5.66
N GLN C 290 16.41 4.66 5.71
CA GLN C 290 15.88 5.53 6.76
C GLN C 290 16.00 4.90 8.14
N GLY C 291 16.54 5.65 9.10
CA GLY C 291 16.65 5.18 10.47
C GLY C 291 18.08 4.99 10.95
N SER C 292 19.02 4.81 10.00
CA SER C 292 20.42 4.54 10.34
C SER C 292 21.04 5.62 11.20
N ALA C 293 20.84 6.88 10.80
CA ALA C 293 21.37 8.00 11.58
C ALA C 293 20.75 8.02 12.98
N LEU C 294 19.43 7.92 13.04
CA LEU C 294 18.72 7.97 14.31
C LEU C 294 19.21 6.87 15.24
N SER C 295 19.38 5.66 14.70
CA SER C 295 19.94 4.55 15.45
C SER C 295 21.32 4.86 16.00
N ALA C 296 22.11 5.61 15.24
CA ALA C 296 23.49 5.89 15.61
C ALA C 296 23.58 7.12 16.53
N GLY C 297 22.43 7.63 16.95
CA GLY C 297 22.38 8.86 17.73
C GLY C 297 22.98 10.02 16.95
N ALA C 298 22.75 10.03 15.64
CA ALA C 298 23.55 10.86 14.74
C ALA C 298 22.67 11.68 13.80
N ASN C 299 21.42 11.89 14.19
CA ASN C 299 20.46 12.64 13.39
C ASN C 299 20.33 14.09 13.89
N PHE C 300 20.96 14.36 15.03
CA PHE C 300 20.99 15.70 15.62
C PHE C 300 19.64 16.38 15.56
N GLY C 301 18.59 15.63 15.87
CA GLY C 301 17.26 16.20 15.98
C GLY C 301 16.57 16.38 14.65
N ALA C 302 17.24 15.99 13.57
CA ALA C 302 16.63 15.99 12.23
C ALA C 302 15.86 14.69 12.01
N ASP C 303 14.92 14.73 11.07
CA ASP C 303 14.11 13.55 10.75
C ASP C 303 14.89 12.60 9.84
N GLN C 304 14.33 11.41 9.61
CA GLN C 304 15.06 10.34 8.91
C GLN C 304 15.00 10.50 7.39
N VAL C 305 14.00 11.22 6.90
CA VAL C 305 13.94 11.58 5.48
C VAL C 305 14.99 12.61 5.09
N THR C 306 15.05 13.70 5.85
CA THR C 306 16.10 14.70 5.65
C THR C 306 17.49 14.07 5.77
N MET C 307 17.68 13.17 6.73
CA MET C 307 18.97 12.51 6.91
C MET C 307 19.32 11.55 5.77
N GLU C 308 18.33 10.82 5.30
CA GLU C 308 18.49 9.91 4.16
C GLU C 308 18.92 10.68 2.92
N ALA C 309 18.23 11.78 2.61
CA ALA C 309 18.62 12.61 1.48
C ALA C 309 20.09 13.02 1.53
N ARG C 310 20.64 13.19 2.74
CA ARG C 310 22.06 13.55 2.90
C ARG C 310 23.00 12.40 2.53
N ASN C 311 22.51 11.17 2.69
CA ASN C 311 23.19 10.00 2.14
C ASN C 311 23.44 10.14 0.65
N TYR C 312 22.45 10.71 -0.07
CA TYR C 312 22.54 10.83 -1.52
C TYR C 312 23.48 11.95 -1.96
N GLY C 313 23.52 13.03 -1.19
CA GLY C 313 24.45 14.12 -1.47
C GLY C 313 25.89 13.68 -1.29
N LEU C 314 26.11 12.86 -0.27
CA LEU C 314 27.39 12.23 -0.03
C LEU C 314 27.75 11.32 -1.20
N ALA C 315 26.90 10.33 -1.48
CA ALA C 315 27.18 9.37 -2.53
C ALA C 315 27.47 10.06 -3.87
N ARG C 316 26.70 11.11 -4.18
CA ARG C 316 26.80 11.74 -5.49
C ARG C 316 28.23 12.19 -5.73
N HIS C 317 28.91 12.61 -4.66
CA HIS C 317 30.30 13.09 -4.75
C HIS C 317 31.25 12.04 -5.34
N TYR C 318 30.88 10.78 -5.22
CA TYR C 318 31.75 9.68 -5.64
C TYR C 318 31.29 8.98 -6.91
N ASP C 319 30.24 9.51 -7.55
CA ASP C 319 29.73 9.00 -8.82
C ASP C 319 29.68 7.46 -8.89
N PRO C 320 28.85 6.85 -8.01
CA PRO C 320 28.73 5.39 -7.91
C PRO C 320 28.00 4.78 -9.10
N PHE C 321 28.28 3.52 -9.40
CA PHE C 321 27.53 2.80 -10.41
C PHE C 321 26.08 2.59 -9.98
N ILE C 322 25.88 2.25 -8.70
CA ILE C 322 24.55 2.05 -8.14
C ILE C 322 24.49 2.46 -6.68
N VAL C 323 23.31 2.91 -6.27
CA VAL C 323 23.03 3.15 -4.86
C VAL C 323 21.64 2.58 -4.63
N ASN C 324 21.43 1.89 -3.52
CA ASN C 324 20.07 1.55 -3.13
C ASN C 324 19.78 1.76 -1.67
N THR C 325 18.54 2.13 -1.37
CA THR C 325 18.06 2.10 -0.01
C THR C 325 17.72 0.64 0.28
N VAL C 326 17.83 0.24 1.53
CA VAL C 326 17.30 -1.03 1.97
C VAL C 326 16.10 -0.72 2.83
N VAL C 327 14.97 -0.54 2.16
CA VAL C 327 13.95 0.38 2.61
C VAL C 327 13.38 -0.01 3.97
N GLY C 328 13.15 -1.30 4.17
CA GLY C 328 12.56 -1.79 5.42
C GLY C 328 13.47 -2.77 6.15
N PHE C 329 14.77 -2.53 6.06
CA PHE C 329 15.76 -3.51 6.48
C PHE C 329 15.84 -3.62 8.00
N ILE C 330 15.48 -2.56 8.70
CA ILE C 330 15.79 -2.47 10.11
C ILE C 330 14.69 -3.02 11.02
N GLY C 331 13.54 -2.37 11.03
CA GLY C 331 12.44 -2.82 11.88
C GLY C 331 11.35 -1.80 12.03
N PRO C 332 10.26 -2.18 12.72
CA PRO C 332 9.03 -1.41 12.85
C PRO C 332 9.25 -0.09 13.56
N GLU C 333 10.37 0.04 14.32
CA GLU C 333 10.66 1.25 15.09
C GLU C 333 10.89 2.49 14.22
N TYR C 334 11.30 2.27 12.95
CA TYR C 334 11.55 3.41 12.06
C TYR C 334 10.50 3.51 10.95
N LEU C 335 10.07 2.35 10.45
CA LEU C 335 8.95 2.29 9.52
C LEU C 335 8.06 1.12 9.92
N TYR C 336 6.84 1.42 10.35
CA TYR C 336 6.00 0.46 11.06
C TYR C 336 5.33 -0.60 10.19
N ASN C 337 4.80 -0.18 9.02
CA ASN C 337 3.89 -1.04 8.26
C ASN C 337 4.01 -0.87 6.73
N ASP C 338 3.09 -1.51 6.00
CA ASP C 338 3.02 -1.39 4.53
C ASP C 338 3.04 0.06 4.08
N ARG C 339 2.05 0.81 4.58
CA ARG C 339 1.86 2.21 4.22
C ARG C 339 3.16 3.01 4.35
N GLN C 340 3.82 2.88 5.49
CA GLN C 340 5.01 3.65 5.80
C GLN C 340 6.22 3.19 4.99
N ILE C 341 6.32 1.89 4.76
CA ILE C 341 7.42 1.36 3.98
C ILE C 341 7.34 1.74 2.50
N ILE C 342 6.12 1.73 1.95
CA ILE C 342 5.88 2.18 0.57
C ILE C 342 6.26 3.66 0.38
N ARG C 343 5.63 4.52 1.18
CA ARG C 343 5.96 5.94 1.19
C ARG C 343 7.48 6.17 1.28
N ALA C 344 8.15 5.51 2.22
CA ALA C 344 9.61 5.68 2.37
C ALA C 344 10.40 5.29 1.12
N GLY C 345 10.01 4.16 0.54
CA GLY C 345 10.60 3.71 -0.72
C GLY C 345 10.42 4.69 -1.85
N LEU C 346 9.25 5.31 -1.94
CA LEU C 346 8.99 6.30 -2.96
C LEU C 346 9.79 7.59 -2.72
N GLU C 347 9.84 8.01 -1.46
CA GLU C 347 10.68 9.14 -1.04
C GLU C 347 12.15 8.91 -1.37
N ASP C 348 12.69 7.79 -0.89
CA ASP C 348 14.12 7.49 -1.02
C ASP C 348 14.47 7.50 -2.50
N HIS C 349 13.67 6.81 -3.30
CA HIS C 349 13.94 6.72 -4.73
C HIS C 349 13.85 8.07 -5.43
N PHE C 350 12.81 8.84 -5.12
CA PHE C 350 12.66 10.17 -5.71
C PHE C 350 13.84 11.05 -5.33
N MET C 351 14.27 10.99 -4.08
CA MET C 351 15.34 11.84 -3.58
C MET C 351 16.69 11.48 -4.20
N GLY C 352 16.91 10.19 -4.43
CA GLY C 352 18.15 9.75 -5.04
C GLY C 352 18.24 10.23 -6.48
N LYS C 353 17.14 10.07 -7.22
CA LYS C 353 17.09 10.52 -8.62
C LYS C 353 17.24 12.04 -8.73
N LEU C 354 16.61 12.77 -7.82
CA LEU C 354 16.73 14.21 -7.80
C LEU C 354 18.16 14.63 -7.47
N SER C 355 18.83 13.85 -6.61
CA SER C 355 20.24 14.12 -6.29
C SER C 355 21.18 13.70 -7.40
N GLY C 356 20.65 13.02 -8.42
CA GLY C 356 21.45 12.65 -9.58
C GLY C 356 22.28 11.40 -9.37
N ILE C 357 21.78 10.48 -8.57
CA ILE C 357 22.43 9.18 -8.43
C ILE C 357 21.66 8.00 -9.00
N SER C 358 22.39 6.91 -9.18
CA SER C 358 21.86 5.73 -9.86
C SER C 358 21.05 4.91 -8.88
N MET C 359 19.82 5.35 -8.63
CA MET C 359 19.10 4.96 -7.44
C MET C 359 18.22 3.71 -7.65
N GLY C 360 18.44 2.70 -6.82
CA GLY C 360 17.54 1.55 -6.77
C GLY C 360 16.96 1.36 -5.38
N CYS C 361 16.23 0.26 -5.19
CA CYS C 361 15.64 -0.01 -3.89
C CYS C 361 15.62 -1.51 -3.64
N ASP C 362 16.12 -1.92 -2.48
CA ASP C 362 15.81 -3.24 -1.94
C ASP C 362 14.45 -3.18 -1.24
N CYS C 363 13.39 -3.55 -1.96
CA CYS C 363 12.05 -3.57 -1.39
C CYS C 363 11.93 -4.77 -0.49
N CYS C 364 11.90 -4.51 0.81
CA CYS C 364 12.07 -5.54 1.82
C CYS C 364 11.29 -5.17 3.07
N TYR C 365 11.14 -6.15 3.97
CA TYR C 365 10.56 -5.90 5.28
C TYR C 365 11.14 -6.92 6.25
N THR C 366 10.82 -6.78 7.53
CA THR C 366 11.26 -7.73 8.54
C THR C 366 10.06 -8.42 9.18
N ASN C 367 10.31 -9.47 9.94
CA ASN C 367 9.24 -10.25 10.53
C ASN C 367 8.69 -9.65 11.82
N HIS C 368 9.43 -8.70 12.39
CA HIS C 368 8.91 -7.95 13.54
C HIS C 368 8.14 -6.68 13.15
N ALA C 369 8.16 -6.36 11.87
CA ALA C 369 7.34 -5.28 11.29
C ALA C 369 5.97 -5.76 10.80
N ASP C 370 5.01 -4.84 10.77
CA ASP C 370 3.64 -5.14 10.33
C ASP C 370 3.55 -5.20 8.81
N ALA C 371 4.18 -6.21 8.23
CA ALA C 371 4.36 -6.26 6.79
C ALA C 371 4.39 -7.69 6.32
N ASP C 372 4.12 -7.90 5.04
CA ASP C 372 4.26 -9.22 4.44
C ASP C 372 4.71 -9.14 2.99
N GLN C 373 4.72 -10.29 2.32
CA GLN C 373 5.35 -10.37 1.03
C GLN C 373 4.57 -9.59 -0.03
N ASN C 374 3.25 -9.55 0.12
CA ASN C 374 2.41 -8.69 -0.70
C ASN C 374 2.84 -7.21 -0.70
N LEU C 375 3.38 -6.75 0.42
CA LEU C 375 3.99 -5.42 0.47
C LEU C 375 5.17 -5.26 -0.49
N ASN C 376 6.08 -6.23 -0.51
CA ASN C 376 7.23 -6.13 -1.39
C ASN C 376 6.82 -6.06 -2.85
N GLU C 377 5.76 -6.79 -3.19
CA GLU C 377 5.22 -6.82 -4.55
C GLU C 377 4.48 -5.55 -4.95
N ASN C 378 3.71 -4.98 -4.03
CA ASN C 378 3.16 -3.62 -4.21
C ASN C 378 4.25 -2.59 -4.50
N LEU C 379 5.25 -2.52 -3.62
CA LEU C 379 6.28 -1.48 -3.68
C LEU C 379 7.17 -1.65 -4.90
N MET C 380 7.60 -2.88 -5.16
CA MET C 380 8.47 -3.15 -6.30
C MET C 380 7.81 -2.73 -7.62
N ILE C 381 6.49 -2.91 -7.73
CA ILE C 381 5.80 -2.52 -8.96
C ILE C 381 5.70 -0.99 -9.07
N LEU C 382 5.33 -0.34 -7.98
CA LEU C 382 5.29 1.12 -7.94
C LEU C 382 6.66 1.72 -8.29
N LEU C 383 7.71 1.16 -7.69
CA LEU C 383 9.06 1.67 -7.94
C LEU C 383 9.51 1.42 -9.37
N ALA C 384 9.07 0.31 -9.95
CA ALA C 384 9.37 0.04 -11.35
C ALA C 384 8.73 1.10 -12.25
N THR C 385 7.46 1.43 -11.99
CA THR C 385 6.80 2.49 -12.75
C THR C 385 7.53 3.83 -12.58
N ALA C 386 8.18 4.02 -11.43
CA ALA C 386 8.95 5.24 -11.17
C ALA C 386 10.34 5.23 -11.82
N GLY C 387 10.71 4.11 -12.44
CA GLY C 387 12.00 4.00 -13.12
C GLY C 387 13.13 3.63 -12.18
N CYS C 388 12.79 3.01 -11.05
CA CYS C 388 13.78 2.36 -10.18
C CYS C 388 14.84 1.64 -11.00
N ASN C 389 16.11 1.95 -10.75
CA ASN C 389 17.19 1.37 -11.55
C ASN C 389 17.33 -0.15 -11.35
N TYR C 390 17.08 -0.62 -10.12
CA TYR C 390 17.21 -2.04 -9.80
C TYR C 390 16.59 -2.43 -8.46
N ILE C 391 16.24 -3.70 -8.33
CA ILE C 391 15.88 -4.28 -7.02
C ILE C 391 16.79 -5.46 -6.73
N MET C 392 16.52 -6.17 -5.64
CA MET C 392 17.28 -7.38 -5.35
C MET C 392 16.57 -8.62 -5.88
N GLY C 393 17.28 -9.73 -5.87
CA GLY C 393 16.69 -11.02 -6.15
C GLY C 393 17.32 -12.06 -5.25
N MET C 394 16.47 -12.80 -4.54
CA MET C 394 16.85 -14.03 -3.85
C MET C 394 15.79 -15.08 -4.13
N PRO C 395 16.12 -16.37 -3.94
CA PRO C 395 15.10 -17.39 -4.15
C PRO C 395 13.87 -17.16 -3.29
N LEU C 396 12.74 -16.87 -3.94
CA LEU C 396 11.50 -16.49 -3.26
C LEU C 396 11.63 -15.30 -2.32
N GLY C 397 12.80 -14.68 -2.29
CA GLY C 397 13.02 -13.49 -1.48
C GLY C 397 13.46 -13.77 -0.06
N ASP C 398 13.77 -15.03 0.23
CA ASP C 398 14.12 -15.45 1.59
C ASP C 398 15.64 -15.47 1.77
N ASP C 399 16.13 -14.47 2.51
CA ASP C 399 17.54 -14.40 2.84
C ASP C 399 17.81 -15.20 4.11
N ILE C 400 18.53 -16.30 3.96
CA ILE C 400 18.77 -17.26 5.03
C ILE C 400 19.75 -16.77 6.11
N MET C 401 20.41 -15.63 5.88
CA MET C 401 21.44 -15.19 6.80
C MET C 401 21.35 -13.73 7.24
N LEU C 402 20.61 -12.93 6.47
CA LEU C 402 20.33 -11.55 6.91
C LEU C 402 18.97 -11.45 7.59
N ASN C 403 18.21 -12.55 7.55
CA ASN C 403 16.99 -12.68 8.33
C ASN C 403 15.99 -11.58 7.98
N TYR C 404 15.67 -11.48 6.69
CA TYR C 404 14.59 -10.64 6.24
C TYR C 404 14.09 -11.19 4.92
N GLN C 405 13.05 -10.57 4.37
CA GLN C 405 12.56 -10.97 3.06
C GLN C 405 12.61 -9.82 2.08
N THR C 406 13.27 -10.08 0.96
CA THR C 406 13.37 -9.13 -0.12
C THR C 406 12.53 -9.66 -1.29
N THR C 407 12.77 -9.16 -2.49
CA THR C 407 12.05 -9.62 -3.67
C THR C 407 12.63 -10.92 -4.22
N ALA C 408 11.77 -11.74 -4.83
CA ALA C 408 12.16 -13.02 -5.42
C ALA C 408 12.79 -12.77 -6.78
N PHE C 409 13.53 -13.76 -7.30
CA PHE C 409 13.96 -13.72 -8.69
C PHE C 409 12.74 -13.54 -9.61
N HIS C 410 11.66 -14.23 -9.26
CA HIS C 410 10.40 -14.18 -10.01
C HIS C 410 9.89 -12.77 -10.20
N ASP C 411 10.25 -11.89 -9.28
CA ASP C 411 9.68 -10.56 -9.24
C ASP C 411 10.25 -9.67 -10.33
N THR C 412 11.54 -9.83 -10.61
CA THR C 412 12.18 -9.11 -11.70
C THR C 412 11.62 -9.54 -13.06
N ALA C 413 11.48 -10.84 -13.27
CA ALA C 413 10.90 -11.34 -14.51
C ALA C 413 9.47 -10.85 -14.64
N THR C 414 8.76 -10.80 -13.51
CA THR C 414 7.37 -10.39 -13.47
C THR C 414 7.24 -8.92 -13.89
N VAL C 415 8.01 -8.08 -13.23
CA VAL C 415 8.07 -6.65 -13.51
C VAL C 415 8.45 -6.35 -14.96
N ARG C 416 9.47 -7.04 -15.46
CA ARG C 416 9.89 -6.84 -16.85
C ARG C 416 8.79 -7.19 -17.86
N GLN C 417 8.15 -8.34 -17.68
CA GLN C 417 7.10 -8.78 -18.61
C GLN C 417 5.78 -8.02 -18.45
N LEU C 418 5.52 -7.55 -17.24
CA LEU C 418 4.33 -6.75 -16.94
C LEU C 418 4.43 -5.37 -17.57
N LEU C 419 5.61 -4.76 -17.48
CA LEU C 419 5.81 -3.37 -17.92
C LEU C 419 6.61 -3.24 -19.23
N ASN C 420 6.85 -4.35 -19.91
CA ASN C 420 7.60 -4.34 -21.16
C ASN C 420 8.93 -3.63 -20.94
N LEU C 421 9.64 -3.97 -19.87
CA LEU C 421 10.96 -3.43 -19.62
C LEU C 421 12.02 -4.50 -19.90
N ARG C 422 13.21 -4.06 -20.28
CA ARG C 422 14.29 -4.95 -20.69
C ARG C 422 15.41 -4.91 -19.64
N PRO C 423 16.23 -5.97 -19.58
CA PRO C 423 17.42 -5.88 -18.73
C PRO C 423 18.37 -4.84 -19.28
N SER C 424 19.48 -4.62 -18.57
CA SER C 424 20.60 -3.90 -19.14
C SER C 424 20.89 -4.50 -20.53
N PRO C 425 21.17 -3.63 -21.51
CA PRO C 425 21.30 -4.16 -22.86
C PRO C 425 22.42 -5.20 -23.04
N GLU C 426 23.55 -5.04 -22.35
CA GLU C 426 24.65 -6.00 -22.50
C GLU C 426 24.27 -7.39 -21.92
N PHE C 427 23.58 -7.37 -20.78
CA PHE C 427 23.11 -8.59 -20.12
C PHE C 427 21.96 -9.24 -20.90
N GLU C 428 21.06 -8.43 -21.44
CA GLU C 428 20.00 -8.96 -22.29
C GLU C 428 20.59 -9.78 -23.42
N ARG C 429 21.59 -9.22 -24.11
CA ARG C 429 22.27 -9.94 -25.18
C ARG C 429 22.77 -11.30 -24.66
N TRP C 430 23.35 -11.31 -23.46
CA TRP C 430 23.86 -12.54 -22.88
C TRP C 430 22.75 -13.55 -22.62
N LEU C 431 21.65 -13.08 -22.05
CA LEU C 431 20.46 -13.90 -21.82
C LEU C 431 19.91 -14.52 -23.11
N GLU C 432 19.95 -13.77 -24.20
CA GLU C 432 19.40 -14.26 -25.46
C GLU C 432 20.31 -15.32 -26.05
N SER C 433 21.62 -15.11 -25.94
CA SER C 433 22.56 -16.10 -26.39
C SER C 433 22.58 -17.34 -25.50
N MET C 434 22.12 -17.22 -24.25
CA MET C 434 21.97 -18.42 -23.39
C MET C 434 20.67 -19.21 -23.62
N GLY C 435 19.78 -18.64 -24.43
CA GLY C 435 18.47 -19.23 -24.65
C GLY C 435 17.52 -19.03 -23.48
N ILE C 436 17.82 -18.05 -22.63
CA ILE C 436 17.02 -17.76 -21.44
C ILE C 436 15.94 -16.69 -21.67
N MET C 437 16.22 -15.74 -22.56
CA MET C 437 15.30 -14.65 -22.85
C MET C 437 15.08 -14.47 -24.35
N ALA C 438 13.83 -14.23 -24.74
CA ALA C 438 13.53 -13.85 -26.12
C ALA C 438 12.52 -12.71 -26.16
N ASN C 439 12.89 -11.61 -26.82
CA ASN C 439 12.02 -10.44 -26.85
C ASN C 439 11.63 -9.96 -25.46
N GLY C 440 12.58 -9.98 -24.53
CA GLY C 440 12.32 -9.49 -23.19
C GLY C 440 11.55 -10.43 -22.28
N ARG C 441 11.21 -11.62 -22.79
CA ARG C 441 10.49 -12.63 -22.00
C ARG C 441 11.28 -13.91 -21.75
N LEU C 442 11.08 -14.50 -20.58
CA LEU C 442 11.63 -15.83 -20.30
C LEU C 442 11.11 -16.86 -21.29
N THR C 443 12.05 -17.55 -21.94
CA THR C 443 11.73 -18.72 -22.75
C THR C 443 11.14 -19.86 -21.90
N LYS C 444 10.67 -20.91 -22.56
CA LYS C 444 10.25 -22.11 -21.85
C LYS C 444 11.38 -22.71 -20.99
N ARG C 445 12.60 -22.69 -21.51
CA ARG C 445 13.78 -23.24 -20.81
C ARG C 445 14.26 -22.41 -19.62
N ALA C 446 13.75 -21.19 -19.47
CA ALA C 446 14.19 -20.31 -18.40
C ALA C 446 13.73 -20.81 -17.02
N GLY C 447 14.28 -20.25 -15.95
CA GLY C 447 13.83 -20.56 -14.60
C GLY C 447 14.31 -21.90 -14.06
N ASP C 448 15.28 -22.48 -14.75
CA ASP C 448 15.80 -23.80 -14.42
C ASP C 448 17.33 -23.68 -14.30
N PRO C 449 17.85 -23.64 -13.06
CA PRO C 449 19.29 -23.44 -12.89
C PRO C 449 20.09 -24.59 -13.50
N SER C 450 19.45 -25.75 -13.64
CA SER C 450 20.12 -26.91 -14.21
C SER C 450 20.51 -26.72 -15.68
N LEU C 451 20.12 -25.58 -16.25
CA LEU C 451 20.35 -25.32 -17.67
C LEU C 451 21.82 -24.98 -17.94
N PHE C 452 22.52 -24.60 -16.87
CA PHE C 452 23.92 -24.22 -16.95
C PHE C 452 24.81 -25.43 -16.82
N PHE C 453 24.19 -26.60 -16.68
CA PHE C 453 24.91 -27.84 -16.40
C PHE C 453 24.69 -28.83 -17.53
N ALA D 55 -1.39 -35.45 0.66
CA ALA D 55 -1.43 -35.25 2.13
C ALA D 55 -0.13 -34.65 2.67
N LEU D 56 0.21 -33.47 2.16
CA LEU D 56 1.49 -32.81 2.44
C LEU D 56 1.39 -31.76 3.56
N ASP D 57 2.20 -31.94 4.59
CA ASP D 57 2.40 -30.91 5.61
C ASP D 57 3.45 -29.93 5.08
N LEU D 58 3.09 -28.66 5.03
CA LEU D 58 3.95 -27.64 4.44
C LEU D 58 5.19 -27.39 5.30
N GLY D 59 5.14 -27.77 6.57
CA GLY D 59 6.30 -27.68 7.44
C GLY D 59 7.21 -28.91 7.40
N SER D 60 6.81 -29.93 6.64
CA SER D 60 7.53 -31.21 6.63
C SER D 60 8.86 -31.10 5.91
N ALA D 61 9.75 -32.07 6.17
CA ALA D 61 11.01 -32.12 5.45
C ALA D 61 10.79 -32.37 3.96
N GLU D 62 9.69 -33.05 3.61
CA GLU D 62 9.36 -33.33 2.22
C GLU D 62 8.98 -32.05 1.48
N ALA D 63 8.13 -31.24 2.10
CA ALA D 63 7.80 -29.92 1.55
C ALA D 63 9.05 -29.08 1.31
N LYS D 64 10.02 -29.16 2.22
CA LYS D 64 11.24 -28.36 2.06
C LYS D 64 12.08 -28.77 0.85
N ALA D 65 12.14 -30.07 0.60
CA ALA D 65 13.00 -30.62 -0.44
C ALA D 65 12.34 -30.67 -1.81
N TRP D 66 11.11 -30.17 -1.90
CA TRP D 66 10.33 -30.23 -3.14
C TRP D 66 10.97 -29.46 -4.30
N ILE D 67 11.21 -30.17 -5.39
CA ILE D 67 11.66 -29.55 -6.63
C ILE D 67 10.50 -29.41 -7.61
N GLY D 68 10.29 -28.18 -8.08
CA GLY D 68 9.08 -27.86 -8.84
C GLY D 68 9.33 -27.44 -10.27
N VAL D 69 10.59 -27.52 -10.70
CA VAL D 69 10.94 -27.24 -12.09
C VAL D 69 10.24 -28.23 -13.03
N GLU D 70 9.56 -27.69 -14.05
CA GLU D 70 8.63 -28.49 -14.83
C GLU D 70 9.31 -29.52 -15.74
N ASN D 71 10.01 -29.05 -16.76
CA ASN D 71 10.73 -29.95 -17.67
C ASN D 71 12.24 -29.74 -17.57
N PRO D 72 12.81 -30.12 -16.43
CA PRO D 72 14.18 -29.71 -16.10
C PRO D 72 15.18 -30.26 -17.09
N HIS D 73 16.20 -29.47 -17.39
CA HIS D 73 17.30 -29.89 -18.24
C HIS D 73 18.04 -31.07 -17.64
N ARG D 74 18.25 -31.04 -16.31
CA ARG D 74 18.97 -32.09 -15.60
C ARG D 74 18.50 -32.23 -14.16
N ALA D 75 17.43 -33.00 -13.96
CA ALA D 75 16.79 -33.13 -12.66
C ALA D 75 17.71 -33.62 -11.53
N ASP D 76 18.68 -34.46 -11.87
CA ASP D 76 19.69 -34.89 -10.90
C ASP D 76 20.52 -33.73 -10.35
N VAL D 77 20.84 -32.77 -11.21
CA VAL D 77 21.49 -31.53 -10.79
C VAL D 77 20.62 -30.72 -9.84
N LEU D 78 19.33 -30.60 -10.15
CA LEU D 78 18.40 -29.92 -9.26
C LEU D 78 18.35 -30.49 -7.83
N THR D 79 18.38 -31.82 -7.71
CA THR D 79 18.41 -32.46 -6.39
C THR D 79 19.71 -32.10 -5.66
N GLU D 80 20.81 -32.18 -6.40
CA GLU D 80 22.10 -31.75 -5.88
C GLU D 80 22.09 -30.28 -5.44
N LEU D 81 21.49 -29.42 -6.26
CA LEU D 81 21.44 -27.99 -5.95
C LEU D 81 20.58 -27.73 -4.71
N ARG D 82 19.42 -28.39 -4.64
CA ARG D 82 18.50 -28.19 -3.52
C ARG D 82 19.13 -28.63 -2.21
N ARG D 83 20.00 -29.63 -2.28
CA ARG D 83 20.74 -30.14 -1.14
C ARG D 83 21.88 -29.21 -0.72
N SER D 84 22.34 -28.39 -1.67
CA SER D 84 23.50 -27.52 -1.45
C SER D 84 23.18 -26.42 -0.44
N THR D 85 21.89 -26.13 -0.28
CA THR D 85 21.46 -24.85 0.26
C THR D 85 20.19 -24.96 1.10
N VAL D 86 20.07 -24.10 2.09
CA VAL D 86 18.79 -23.90 2.77
C VAL D 86 17.91 -22.89 2.04
N ALA D 87 18.46 -22.25 1.01
CA ALA D 87 17.71 -21.28 0.24
C ALA D 87 16.68 -21.95 -0.67
N ARG D 88 15.57 -21.25 -0.90
CA ARG D 88 14.41 -21.82 -1.58
C ARG D 88 14.59 -21.92 -3.10
N VAL D 89 15.62 -22.66 -3.51
CA VAL D 89 15.94 -22.84 -4.92
C VAL D 89 15.10 -23.97 -5.56
N CYS D 90 15.17 -24.06 -6.88
CA CYS D 90 14.61 -25.18 -7.67
C CYS D 90 13.09 -25.39 -7.57
N THR D 91 12.35 -24.37 -7.16
CA THR D 91 10.90 -24.52 -7.04
C THR D 91 10.18 -24.20 -8.35
N GLY D 92 10.91 -23.75 -9.36
CA GLY D 92 10.33 -23.50 -10.67
C GLY D 92 9.44 -22.26 -10.73
N ARG D 93 8.41 -22.30 -11.57
CA ARG D 93 7.64 -21.10 -11.86
C ARG D 93 6.32 -21.40 -12.58
N ALA D 94 5.38 -20.47 -12.47
CA ALA D 94 4.20 -20.46 -13.34
C ALA D 94 4.23 -19.14 -14.08
N GLY D 95 4.49 -19.18 -15.38
CA GLY D 95 4.99 -17.98 -16.07
C GLY D 95 6.16 -17.40 -15.28
N PRO D 96 6.07 -16.12 -14.90
CA PRO D 96 7.14 -15.47 -14.15
C PRO D 96 6.92 -15.49 -12.63
N ARG D 97 5.83 -16.14 -12.19
CA ARG D 97 5.36 -16.12 -10.81
C ARG D 97 5.67 -17.43 -10.11
N PRO D 98 5.75 -17.42 -8.77
CA PRO D 98 6.05 -18.66 -8.05
C PRO D 98 4.99 -19.74 -8.26
N ARG D 99 5.41 -21.00 -8.21
CA ARG D 99 4.48 -22.13 -8.20
C ARG D 99 3.67 -22.12 -6.91
N THR D 100 2.45 -22.65 -7.01
CA THR D 100 1.49 -22.55 -5.92
C THR D 100 2.05 -23.14 -4.62
N GLN D 101 2.72 -24.28 -4.72
CA GLN D 101 3.26 -24.95 -3.53
C GLN D 101 4.35 -24.15 -2.84
N ALA D 102 5.17 -23.45 -3.63
CA ALA D 102 6.25 -22.62 -3.11
C ALA D 102 5.70 -21.39 -2.39
N LEU D 103 4.66 -20.79 -2.96
CA LEU D 103 3.95 -19.68 -2.31
C LEU D 103 3.34 -20.13 -0.98
N LEU D 104 2.64 -21.27 -1.02
CA LEU D 104 2.00 -21.83 0.16
C LEU D 104 2.98 -22.05 1.33
N ARG D 105 4.14 -22.64 1.04
CA ARG D 105 5.11 -22.94 2.11
C ARG D 105 5.72 -21.66 2.65
N PHE D 106 5.98 -20.71 1.75
CA PHE D 106 6.41 -19.38 2.12
C PHE D 106 5.44 -18.78 3.13
N LEU D 107 4.16 -18.80 2.80
CA LEU D 107 3.13 -18.21 3.64
C LEU D 107 3.00 -18.95 4.96
N ALA D 108 3.21 -20.27 4.93
CA ALA D 108 3.18 -21.11 6.13
C ALA D 108 4.32 -20.73 7.06
N ASP D 109 5.53 -20.64 6.49
CA ASP D 109 6.72 -20.23 7.23
C ASP D 109 6.54 -18.83 7.82
N HIS D 110 5.95 -17.93 7.05
CA HIS D 110 5.74 -16.58 7.55
C HIS D 110 4.84 -16.54 8.78
N SER D 111 3.75 -17.31 8.78
CA SER D 111 2.91 -17.40 9.97
C SER D 111 3.69 -17.85 11.20
N ARG D 112 4.59 -18.81 11.02
CA ARG D 112 5.41 -19.32 12.12
C ARG D 112 6.43 -18.27 12.58
N SER D 113 6.92 -17.49 11.63
CA SER D 113 7.96 -16.49 11.90
C SER D 113 7.46 -15.39 12.81
N LYS D 114 6.31 -14.83 12.46
CA LYS D 114 5.66 -13.79 13.27
C LYS D 114 5.52 -14.21 14.72
N ASP D 115 5.14 -15.47 14.92
CA ASP D 115 4.91 -16.02 16.26
C ASP D 115 6.19 -16.00 17.10
N THR D 116 7.33 -16.19 16.45
CA THR D 116 8.62 -16.22 17.14
C THR D 116 9.11 -14.85 17.56
N VAL D 117 8.58 -13.81 16.91
CA VAL D 117 8.90 -12.43 17.29
C VAL D 117 8.38 -12.09 18.69
N LEU D 118 7.15 -12.48 18.99
CA LEU D 118 6.49 -12.09 20.23
C LEU D 118 6.70 -13.10 21.36
N LYS D 119 7.42 -14.17 21.05
CA LYS D 119 7.56 -15.30 21.97
C LYS D 119 8.61 -14.99 23.03
N GLU D 120 8.26 -15.21 24.29
CA GLU D 120 9.15 -14.85 25.39
C GLU D 120 9.55 -16.06 26.23
N VAL D 121 10.76 -15.98 26.80
CA VAL D 121 11.25 -17.00 27.73
C VAL D 121 10.57 -16.86 29.09
N PRO D 122 10.17 -17.99 29.69
CA PRO D 122 9.76 -17.97 31.08
C PRO D 122 10.88 -17.49 32.00
N GLU D 123 10.56 -16.67 32.99
CA GLU D 123 11.49 -16.35 34.07
C GLU D 123 11.80 -17.62 34.85
N GLU D 124 10.90 -18.61 34.71
CA GLU D 124 11.11 -19.94 35.29
C GLU D 124 12.29 -20.64 34.64
N TRP D 125 12.46 -20.43 33.34
CA TRP D 125 13.55 -21.03 32.59
C TRP D 125 14.89 -20.40 32.95
N VAL D 126 14.94 -19.08 33.02
CA VAL D 126 16.19 -18.38 33.35
C VAL D 126 16.58 -18.58 34.81
N LYS D 127 15.57 -18.62 35.69
CA LYS D 127 15.80 -18.91 37.10
C LYS D 127 16.40 -20.31 37.29
N ALA D 128 15.99 -21.24 36.43
CA ALA D 128 16.50 -22.61 36.48
C ALA D 128 17.91 -22.69 35.89
N GLN D 129 18.24 -21.76 35.01
CA GLN D 129 19.60 -21.65 34.48
C GLN D 129 20.56 -21.11 35.53
N GLY D 130 20.02 -20.74 36.69
CA GLY D 130 20.81 -20.14 37.76
C GLY D 130 21.32 -18.75 37.40
N LEU D 131 20.71 -18.15 36.37
CA LEU D 131 21.06 -16.79 35.97
C LEU D 131 20.23 -15.77 36.74
N LEU D 132 20.88 -14.71 37.20
CA LEU D 132 20.19 -13.50 37.62
C LEU D 132 19.44 -12.93 36.44
N GLU D 133 18.20 -12.50 36.67
CA GLU D 133 17.44 -11.79 35.65
C GLU D 133 17.28 -10.32 35.97
N VAL D 134 17.69 -9.48 35.03
CA VAL D 134 17.46 -8.04 35.11
C VAL D 134 16.80 -7.61 33.79
N ARG D 135 16.30 -6.37 33.72
CA ARG D 135 15.75 -5.87 32.46
C ARG D 135 16.08 -4.41 32.16
N SER D 136 16.00 -4.05 30.88
CA SER D 136 16.11 -2.67 30.44
C SER D 136 14.91 -1.85 30.93
N GLU D 137 14.84 -0.59 30.50
CA GLU D 137 13.72 0.28 30.86
C GLU D 137 12.40 -0.20 30.27
N ILE D 138 12.49 -1.02 29.22
CA ILE D 138 11.30 -1.64 28.63
C ILE D 138 10.55 -2.52 29.64
N SER D 139 9.23 -2.53 29.54
CA SER D 139 8.40 -3.34 30.42
C SER D 139 7.73 -4.53 29.71
N ASP D 140 7.59 -4.45 28.39
CA ASP D 140 6.89 -5.51 27.64
C ASP D 140 7.39 -5.71 26.21
N LYS D 141 6.93 -6.79 25.57
CA LYS D 141 7.34 -7.11 24.20
C LYS D 141 6.91 -6.07 23.17
N ASN D 142 5.72 -5.50 23.36
CA ASN D 142 5.19 -4.51 22.41
C ASN D 142 5.98 -3.21 22.43
N LEU D 143 6.42 -2.80 23.62
CA LEU D 143 7.17 -1.56 23.76
C LEU D 143 8.62 -1.74 23.33
N TYR D 144 9.15 -2.94 23.55
CA TYR D 144 10.49 -3.27 23.07
C TYR D 144 10.64 -3.01 21.58
N LEU D 145 9.64 -3.45 20.82
CA LEU D 145 9.67 -3.38 19.36
C LEU D 145 9.64 -1.95 18.85
N THR D 146 9.12 -1.04 19.67
CA THR D 146 8.94 0.34 19.23
C THR D 146 9.88 1.37 19.89
N ARG D 147 10.59 0.95 20.93
CA ARG D 147 11.47 1.87 21.66
C ARG D 147 12.88 1.32 21.85
N PRO D 148 13.71 1.42 20.81
CA PRO D 148 15.13 0.99 20.85
C PRO D 148 15.91 1.70 21.96
N ASP D 149 15.57 2.96 22.19
CA ASP D 149 16.31 3.81 23.11
C ASP D 149 16.17 3.31 24.55
N MET D 150 15.06 2.62 24.81
CA MET D 150 14.75 2.16 26.15
C MET D 150 15.39 0.81 26.45
N GLY D 151 15.43 -0.07 25.46
CA GLY D 151 16.12 -1.34 25.59
C GLY D 151 17.63 -1.21 25.53
N ARG D 152 18.11 0.01 25.30
CA ARG D 152 19.54 0.30 25.38
C ARG D 152 19.95 0.88 26.73
N ARG D 153 18.99 1.02 27.64
CA ARG D 153 19.25 1.54 28.98
C ARG D 153 18.74 0.58 30.05
N LEU D 154 19.49 0.45 31.14
CA LEU D 154 19.04 -0.33 32.28
C LEU D 154 17.99 0.44 33.07
N CYS D 155 16.96 -0.27 33.55
CA CYS D 155 16.02 0.33 34.49
C CYS D 155 16.73 0.56 35.82
N ALA D 156 16.16 1.44 36.65
CA ALA D 156 16.88 1.97 37.81
C ALA D 156 17.10 0.94 38.91
N GLU D 157 16.48 -0.24 38.78
CA GLU D 157 16.68 -1.31 39.76
C GLU D 157 17.64 -2.35 39.22
N ALA D 158 17.74 -2.43 37.89
CA ALA D 158 18.76 -3.24 37.24
C ALA D 158 20.18 -2.86 37.70
N VAL D 159 20.48 -1.57 37.63
CA VAL D 159 21.77 -1.04 38.07
C VAL D 159 22.09 -1.48 39.51
N GLU D 160 21.09 -1.41 40.37
CA GLU D 160 21.28 -1.69 41.79
C GLU D 160 21.41 -3.18 42.09
N ALA D 161 20.78 -4.01 41.24
CA ALA D 161 20.93 -5.45 41.36
C ALA D 161 22.32 -5.91 40.92
N LEU D 162 22.80 -5.32 39.83
CA LEU D 162 24.12 -5.65 39.27
C LEU D 162 25.28 -5.23 40.17
N LYS D 163 25.12 -4.10 40.85
CA LYS D 163 26.15 -3.62 41.77
C LYS D 163 26.19 -4.43 43.05
N ALA D 164 25.07 -5.07 43.37
CA ALA D 164 24.94 -5.80 44.63
C ALA D 164 25.19 -7.30 44.49
N GLN D 165 25.16 -7.81 43.25
CA GLN D 165 25.15 -9.26 43.04
C GLN D 165 26.24 -9.79 42.10
N CYS D 166 26.84 -8.91 41.30
CA CYS D 166 27.89 -9.32 40.36
C CYS D 166 29.27 -8.87 40.81
N VAL D 167 30.30 -9.64 40.44
CA VAL D 167 31.67 -9.29 40.78
C VAL D 167 32.10 -7.99 40.09
N ALA D 168 32.86 -7.17 40.82
CA ALA D 168 33.30 -5.88 40.31
C ALA D 168 34.58 -6.03 39.51
N ASN D 169 34.69 -5.25 38.44
CA ASN D 169 35.90 -5.18 37.64
C ASN D 169 36.45 -6.53 37.16
N PRO D 170 35.62 -7.32 36.48
CA PRO D 170 36.12 -8.54 35.85
C PRO D 170 36.88 -8.24 34.57
N ASP D 171 37.73 -9.18 34.15
CA ASP D 171 38.41 -9.07 32.85
C ASP D 171 37.43 -9.35 31.71
N VAL D 172 36.53 -10.31 31.93
CA VAL D 172 35.57 -10.72 30.92
C VAL D 172 34.17 -10.89 31.53
N GLN D 173 33.19 -10.19 30.96
CA GLN D 173 31.82 -10.27 31.46
C GLN D 173 30.89 -10.82 30.40
N VAL D 174 30.24 -11.95 30.69
CA VAL D 174 29.20 -12.44 29.80
C VAL D 174 27.84 -11.92 30.23
N VAL D 175 27.10 -11.41 29.24
CA VAL D 175 25.75 -10.87 29.45
C VAL D 175 24.84 -11.50 28.39
N ILE D 176 23.66 -11.95 28.81
CA ILE D 176 22.78 -12.65 27.89
C ILE D 176 21.38 -12.03 27.78
N SER D 177 20.91 -11.81 26.56
CA SER D 177 19.60 -11.21 26.34
C SER D 177 18.79 -11.94 25.28
N ASP D 178 17.48 -11.89 25.41
CA ASP D 178 16.58 -12.43 24.38
C ASP D 178 16.56 -11.56 23.13
N GLY D 179 16.74 -10.25 23.32
CA GLY D 179 16.79 -9.32 22.19
C GLY D 179 15.57 -9.45 21.29
N LEU D 180 15.80 -9.87 20.04
CA LEU D 180 14.72 -9.97 19.07
C LEU D 180 14.21 -11.38 18.83
N SER D 181 14.91 -12.37 19.37
CA SER D 181 14.49 -13.76 19.21
C SER D 181 14.86 -14.63 20.41
N THR D 182 13.86 -14.91 21.24
CA THR D 182 13.98 -15.81 22.37
C THR D 182 14.55 -17.17 21.99
N ASP D 183 14.06 -17.73 20.88
CA ASP D 183 14.48 -19.05 20.42
C ASP D 183 15.99 -19.17 20.27
N ALA D 184 16.63 -18.09 19.82
CA ALA D 184 18.09 -18.05 19.64
C ALA D 184 18.88 -18.38 20.91
N ILE D 185 18.37 -17.98 22.07
CA ILE D 185 19.06 -18.31 23.31
C ILE D 185 18.60 -19.61 23.96
N THR D 186 17.34 -19.96 23.75
CA THR D 186 16.77 -21.16 24.39
C THR D 186 17.31 -22.44 23.74
N VAL D 187 17.26 -22.48 22.41
CA VAL D 187 17.79 -23.59 21.61
C VAL D 187 19.30 -23.75 21.77
N ASN D 188 20.02 -22.64 21.93
CA ASN D 188 21.47 -22.66 21.81
C ASN D 188 22.19 -22.75 23.15
N TYR D 189 21.48 -22.47 24.24
CA TYR D 189 22.08 -21.99 25.48
C TYR D 189 22.98 -22.99 26.18
N GLU D 190 22.44 -24.17 26.49
CA GLU D 190 23.20 -25.18 27.21
C GLU D 190 24.48 -25.53 26.47
N GLU D 191 24.49 -25.26 25.17
CA GLU D 191 25.58 -25.72 24.30
C GLU D 191 26.68 -24.67 24.14
N ILE D 192 26.34 -23.40 24.24
CA ILE D 192 27.32 -22.32 24.06
C ILE D 192 27.82 -21.77 25.39
N LEU D 193 26.92 -21.62 26.36
CA LEU D 193 27.21 -20.87 27.57
C LEU D 193 28.25 -21.52 28.49
N PRO D 194 28.04 -22.79 28.87
CA PRO D 194 28.99 -23.47 29.76
C PRO D 194 30.42 -23.58 29.23
N PRO D 195 30.59 -24.02 27.96
CA PRO D 195 31.95 -24.16 27.44
C PRO D 195 32.65 -22.81 27.26
N LEU D 196 31.85 -21.77 27.01
CA LEU D 196 32.37 -20.41 26.93
C LEU D 196 33.03 -20.00 28.25
N MET D 197 32.27 -20.09 29.34
CA MET D 197 32.77 -19.69 30.65
C MET D 197 33.64 -20.77 31.28
N ALA D 198 33.71 -21.93 30.63
CA ALA D 198 34.76 -22.90 30.94
C ALA D 198 36.08 -22.42 30.34
N GLY D 199 36.05 -22.10 29.05
CA GLY D 199 37.23 -21.58 28.35
C GLY D 199 37.83 -20.36 29.02
N LEU D 200 36.99 -19.44 29.47
CA LEU D 200 37.45 -18.19 30.07
C LEU D 200 38.23 -18.41 31.37
N LYS D 201 37.72 -19.27 32.24
CA LYS D 201 38.43 -19.63 33.47
C LYS D 201 39.58 -20.59 33.19
N GLN D 202 39.31 -21.62 32.38
CA GLN D 202 40.31 -22.60 31.97
C GLN D 202 41.28 -22.02 30.95
N ALA D 203 42.35 -21.38 31.45
CA ALA D 203 43.17 -20.54 30.60
C ALA D 203 42.50 -19.17 30.53
N GLY D 204 42.86 -18.30 31.47
CA GLY D 204 42.23 -16.98 31.56
C GLY D 204 42.42 -16.43 32.95
N LEU D 205 41.43 -15.67 33.40
CA LEU D 205 41.51 -14.99 34.69
C LEU D 205 40.12 -14.65 35.24
N LYS D 206 39.88 -13.37 35.49
CA LYS D 206 38.75 -12.96 36.30
C LYS D 206 37.45 -13.02 35.51
N VAL D 207 36.71 -14.11 35.69
CA VAL D 207 35.45 -14.33 35.00
C VAL D 207 34.31 -13.71 35.79
N GLY D 208 33.62 -12.75 35.18
CA GLY D 208 32.48 -12.11 35.83
C GLY D 208 31.30 -13.05 35.99
N THR D 209 30.32 -12.65 36.80
CA THR D 209 29.12 -13.47 36.95
C THR D 209 28.07 -13.14 35.90
N PRO D 210 27.67 -14.16 35.12
CA PRO D 210 26.76 -14.05 33.97
C PRO D 210 25.32 -13.80 34.41
N PHE D 211 24.57 -13.08 33.58
CA PHE D 211 23.18 -12.75 33.92
C PHE D 211 22.34 -12.50 32.68
N PHE D 212 21.03 -12.51 32.86
CA PHE D 212 20.08 -12.34 31.76
C PHE D 212 19.47 -10.94 31.79
N VAL D 213 19.60 -10.21 30.70
CA VAL D 213 18.87 -8.94 30.54
C VAL D 213 17.66 -9.13 29.65
N ARG D 214 16.47 -8.94 30.24
CA ARG D 214 15.24 -8.96 29.46
C ARG D 214 15.13 -7.70 28.61
N TYR D 215 14.59 -7.84 27.40
CA TYR D 215 14.31 -6.70 26.54
C TYR D 215 15.56 -5.87 26.26
N GLY D 216 16.68 -6.54 26.01
CA GLY D 216 17.95 -5.85 25.78
C GLY D 216 18.21 -5.47 24.33
N ARG D 217 18.93 -4.37 24.14
CA ARG D 217 19.52 -4.07 22.85
C ARG D 217 21.03 -3.90 23.04
N VAL D 218 21.80 -4.11 21.97
CA VAL D 218 23.25 -4.29 22.07
C VAL D 218 23.94 -3.18 22.88
N LYS D 219 23.54 -1.93 22.65
CA LYS D 219 24.20 -0.78 23.26
C LYS D 219 24.06 -0.74 24.79
N ILE D 220 23.17 -1.56 25.33
CA ILE D 220 22.99 -1.66 26.78
C ILE D 220 24.23 -2.26 27.45
N GLU D 221 25.09 -2.89 26.65
CA GLU D 221 26.32 -3.47 27.15
C GLU D 221 27.40 -2.43 27.46
N ASP D 222 27.17 -1.17 27.07
CA ASP D 222 28.09 -0.09 27.36
C ASP D 222 27.89 0.43 28.78
N GLN D 223 26.63 0.65 29.15
CA GLN D 223 26.26 0.94 30.53
C GLN D 223 26.70 -0.19 31.47
N ILE D 224 26.41 -1.43 31.08
CA ILE D 224 26.77 -2.59 31.86
C ILE D 224 28.26 -2.64 32.17
N GLY D 225 29.07 -2.39 31.13
CA GLY D 225 30.53 -2.39 31.29
C GLY D 225 31.03 -1.26 32.16
N GLU D 226 30.28 -0.16 32.20
CA GLU D 226 30.65 0.98 33.05
C GLU D 226 30.34 0.70 34.51
N ILE D 227 29.19 0.08 34.76
CA ILE D 227 28.73 -0.22 36.11
C ILE D 227 29.60 -1.29 36.76
N LEU D 228 29.98 -2.29 35.99
CA LEU D 228 30.79 -3.40 36.50
C LEU D 228 32.29 -3.20 36.26
N GLY D 229 32.64 -2.16 35.52
CA GLY D 229 34.03 -1.89 35.18
C GLY D 229 34.71 -3.04 34.45
N ALA D 230 33.97 -3.68 33.54
CA ALA D 230 34.49 -4.80 32.77
C ALA D 230 35.51 -4.34 31.72
N LYS D 231 36.66 -5.01 31.68
CA LYS D 231 37.66 -4.77 30.65
C LYS D 231 37.12 -5.22 29.29
N VAL D 232 36.45 -6.37 29.28
CA VAL D 232 35.74 -6.83 28.10
C VAL D 232 34.30 -7.19 28.45
N VAL D 233 33.37 -6.83 27.56
CA VAL D 233 31.97 -7.21 27.72
C VAL D 233 31.55 -8.03 26.51
N ILE D 234 31.00 -9.21 26.74
CA ILE D 234 30.45 -10.00 25.64
C ILE D 234 28.95 -10.27 25.77
N LEU D 235 28.22 -10.09 24.68
CA LEU D 235 26.77 -10.13 24.70
C LEU D 235 26.20 -11.13 23.70
N LEU D 236 25.54 -12.16 24.22
CA LEU D 236 24.79 -13.09 23.39
C LEU D 236 23.32 -12.65 23.30
N VAL D 237 22.86 -12.38 22.09
CA VAL D 237 21.56 -11.76 21.89
C VAL D 237 20.87 -12.30 20.63
N GLY D 238 19.57 -12.56 20.74
CA GLY D 238 18.78 -12.97 19.59
C GLY D 238 18.74 -11.89 18.50
N GLU D 239 19.12 -12.26 17.29
CA GLU D 239 18.94 -11.37 16.15
C GLU D 239 17.56 -11.55 15.55
N ARG D 240 17.06 -10.55 14.82
CA ARG D 240 15.69 -10.60 14.31
C ARG D 240 15.45 -11.92 13.56
N PRO D 241 14.26 -12.52 13.73
CA PRO D 241 14.03 -13.85 13.16
C PRO D 241 13.95 -13.80 11.63
N GLY D 242 14.52 -14.80 10.97
CA GLY D 242 14.35 -14.98 9.54
C GLY D 242 13.06 -15.74 9.22
N LEU D 243 12.75 -15.86 7.94
CA LEU D 243 11.50 -16.49 7.50
C LEU D 243 11.38 -17.91 8.01
N GLY D 244 12.46 -18.68 7.88
CA GLY D 244 12.40 -20.12 8.14
C GLY D 244 13.16 -20.52 9.39
N GLN D 245 13.70 -19.53 10.10
CA GLN D 245 14.61 -19.79 11.21
C GLN D 245 14.56 -18.66 12.24
N SER D 246 14.54 -19.04 13.52
CA SER D 246 14.60 -18.06 14.59
C SER D 246 15.67 -18.42 15.62
N GLU D 247 16.54 -19.36 15.28
CA GLU D 247 17.57 -19.84 16.21
C GLU D 247 18.84 -19.00 16.15
N SER D 248 18.93 -18.09 15.21
CA SER D 248 20.19 -17.41 14.92
C SER D 248 20.63 -16.45 16.03
N LEU D 249 21.77 -16.75 16.63
CA LEU D 249 22.28 -15.95 17.74
C LEU D 249 23.50 -15.16 17.30
N SER D 250 23.65 -13.96 17.83
CA SER D 250 24.88 -13.18 17.63
C SER D 250 25.59 -12.91 18.95
N CYS D 251 26.85 -12.50 18.83
CA CYS D 251 27.61 -11.99 19.96
C CYS D 251 28.13 -10.59 19.62
N TYR D 252 27.96 -9.66 20.56
CA TYR D 252 28.50 -8.32 20.41
C TYR D 252 29.42 -8.04 21.60
N ALA D 253 30.68 -7.73 21.31
CA ALA D 253 31.69 -7.66 22.35
C ALA D 253 32.49 -6.37 22.25
N VAL D 254 32.80 -5.78 23.41
CA VAL D 254 33.56 -4.53 23.46
C VAL D 254 34.65 -4.57 24.50
N TYR D 255 35.80 -3.99 24.16
CA TYR D 255 36.82 -3.70 25.15
C TYR D 255 36.53 -2.38 25.84
N SER D 256 36.43 -2.44 27.17
CA SER D 256 36.34 -1.24 28.01
C SER D 256 35.41 -0.18 27.44
N PRO D 257 34.14 -0.53 27.23
CA PRO D 257 33.20 0.39 26.61
C PRO D 257 32.87 1.58 27.52
N ARG D 258 32.46 2.69 26.89
CA ARG D 258 31.91 3.84 27.59
C ARG D 258 30.70 4.33 26.80
N MET D 259 29.62 4.66 27.49
CA MET D 259 28.40 5.09 26.81
C MET D 259 28.66 6.34 25.97
N ALA D 260 29.44 7.26 26.51
CA ALA D 260 29.56 8.59 25.93
C ALA D 260 30.59 8.67 24.80
N THR D 261 31.30 7.57 24.54
CA THR D 261 32.45 7.60 23.63
C THR D 261 32.44 6.45 22.61
N THR D 262 32.08 5.26 23.07
CA THR D 262 32.14 4.08 22.22
C THR D 262 31.10 4.13 21.10
N VAL D 263 31.54 3.76 19.90
CA VAL D 263 30.66 3.74 18.74
C VAL D 263 30.48 2.29 18.29
N GLU D 264 29.53 2.07 17.37
CA GLU D 264 29.18 0.71 16.96
C GLU D 264 30.39 -0.04 16.38
N ALA D 265 31.22 0.68 15.63
CA ALA D 265 32.40 0.09 15.01
C ALA D 265 33.44 -0.40 16.03
N ASP D 266 33.34 0.08 17.27
CA ASP D 266 34.22 -0.39 18.35
C ASP D 266 33.92 -1.83 18.81
N ARG D 267 32.82 -2.38 18.31
CA ARG D 267 32.43 -3.74 18.68
C ARG D 267 32.89 -4.75 17.64
N THR D 268 33.20 -5.96 18.10
CA THR D 268 33.34 -7.11 17.21
C THR D 268 32.05 -7.91 17.21
N CYS D 269 31.58 -8.28 16.02
CA CYS D 269 30.35 -9.04 15.88
C CYS D 269 30.65 -10.46 15.41
N ILE D 270 29.98 -11.43 16.03
CA ILE D 270 29.93 -12.79 15.50
C ILE D 270 28.47 -13.27 15.41
N SER D 271 27.97 -13.29 14.19
CA SER D 271 26.54 -13.44 13.96
C SER D 271 26.24 -14.84 13.46
N ASN D 272 24.96 -15.16 13.28
CA ASN D 272 24.57 -16.45 12.71
C ASN D 272 25.09 -17.65 13.51
N ILE D 273 25.00 -17.55 14.84
CA ILE D 273 25.32 -18.67 15.69
C ILE D 273 24.09 -19.56 15.81
N HIS D 274 24.24 -20.81 15.38
CA HIS D 274 23.22 -21.84 15.54
C HIS D 274 23.64 -23.07 14.73
N GLN D 275 22.89 -24.14 14.88
CA GLN D 275 23.28 -25.42 14.28
C GLN D 275 23.43 -25.34 12.75
N GLY D 276 22.75 -24.37 12.13
CA GLY D 276 22.75 -24.25 10.67
C GLY D 276 23.75 -23.23 10.15
N GLY D 277 24.45 -22.58 11.07
CA GLY D 277 25.57 -21.72 10.71
C GLY D 277 26.83 -22.13 11.44
N THR D 278 27.27 -21.30 12.36
CA THR D 278 28.38 -21.67 13.21
C THR D 278 27.90 -22.31 14.53
N PRO D 279 28.21 -23.60 14.72
CA PRO D 279 27.76 -24.39 15.88
C PRO D 279 28.11 -23.77 17.22
N PRO D 280 27.15 -23.71 18.14
CA PRO D 280 27.29 -23.13 19.49
C PRO D 280 28.56 -23.57 20.23
N VAL D 281 28.84 -24.88 20.26
CA VAL D 281 30.07 -25.36 20.88
C VAL D 281 31.29 -24.70 20.26
N GLU D 282 31.35 -24.72 18.93
CA GLU D 282 32.47 -24.18 18.18
C GLU D 282 32.55 -22.66 18.32
N ALA D 283 31.41 -22.00 18.35
CA ALA D 283 31.34 -20.54 18.50
C ALA D 283 31.91 -20.10 19.84
N ALA D 284 31.60 -20.85 20.89
CA ALA D 284 32.07 -20.56 22.24
C ALA D 284 33.60 -20.51 22.33
N ALA D 285 34.26 -21.34 21.52
CA ALA D 285 35.72 -21.36 21.50
C ALA D 285 36.31 -20.15 20.78
N VAL D 286 35.61 -19.67 19.76
CA VAL D 286 36.08 -18.50 19.02
C VAL D 286 35.85 -17.21 19.81
N ILE D 287 34.86 -17.24 20.69
CA ILE D 287 34.58 -16.10 21.56
C ILE D 287 35.58 -16.01 22.69
N VAL D 288 35.93 -17.17 23.27
CA VAL D 288 37.00 -17.22 24.26
C VAL D 288 38.29 -16.68 23.67
N ASP D 289 38.63 -17.16 22.47
CA ASP D 289 39.80 -16.67 21.75
C ASP D 289 39.74 -15.16 21.54
N LEU D 290 38.62 -14.68 21.02
CA LEU D 290 38.45 -13.25 20.76
C LEU D 290 38.67 -12.44 22.04
N ALA D 291 38.04 -12.87 23.13
CA ALA D 291 38.16 -12.18 24.41
C ALA D 291 39.61 -11.93 24.79
N LYS D 292 40.43 -12.98 24.76
CA LYS D 292 41.82 -12.88 25.22
C LYS D 292 42.68 -12.03 24.29
N ARG D 293 42.28 -11.94 23.03
CA ARG D 293 42.94 -11.06 22.07
C ARG D 293 42.57 -9.60 22.32
N MET D 294 41.35 -9.36 22.77
CA MET D 294 40.94 -8.02 23.16
C MET D 294 41.69 -7.49 24.39
N LEU D 295 41.96 -8.38 25.35
CA LEU D 295 42.64 -7.99 26.58
C LEU D 295 44.12 -7.77 26.35
N GLU D 296 44.69 -8.56 25.45
CA GLU D 296 46.06 -8.37 25.00
C GLU D 296 46.21 -7.05 24.25
N GLN D 297 45.30 -6.80 23.32
CA GLN D 297 45.41 -5.68 22.39
C GLN D 297 44.82 -4.38 22.92
N LYS D 298 44.17 -4.43 24.08
CA LYS D 298 43.42 -3.29 24.61
C LYS D 298 42.49 -2.65 23.56
N ALA D 299 41.90 -3.48 22.72
CA ALA D 299 41.10 -3.00 21.61
C ALA D 299 40.12 -4.05 21.08
N SER D 300 39.03 -3.60 20.47
CA SER D 300 38.06 -4.52 19.87
C SER D 300 37.54 -4.06 18.52
N GLY D 301 36.87 -4.97 17.82
CA GLY D 301 36.27 -4.67 16.53
C GLY D 301 37.23 -4.07 15.53
N ILE D 302 37.03 -2.79 15.22
CA ILE D 302 37.75 -2.13 14.14
C ILE D 302 39.11 -1.61 14.59
N ASN D 303 39.48 -1.92 15.83
CA ASN D 303 40.79 -1.54 16.35
C ASN D 303 41.69 -2.76 16.62
N MET D 304 41.28 -3.91 16.13
CA MET D 304 42.01 -5.16 16.36
C MET D 304 42.81 -5.55 15.11
N THR D 305 44.05 -5.97 15.32
CA THR D 305 44.93 -6.33 14.21
C THR D 305 44.33 -7.42 13.32
N ARG D 306 45.01 -7.70 12.20
CA ARG D 306 44.42 -8.34 11.03
C ARG D 306 42.90 -8.45 11.05
C1 GOL E . -25.61 -0.98 -28.22
O1 GOL E . -25.39 -2.15 -27.45
C2 GOL E . -27.12 -0.83 -28.31
O2 GOL E . -27.67 -2.13 -28.31
C3 GOL E . -27.50 -0.06 -29.58
O3 GOL E . -27.43 -0.94 -30.70
C1 GOL F . -19.83 -20.67 -27.10
O1 GOL F . -19.46 -19.53 -26.36
C2 GOL F . -20.61 -20.18 -28.31
O2 GOL F . -21.75 -19.45 -27.92
C3 GOL F . -19.72 -19.25 -29.12
O3 GOL F . -20.58 -18.29 -29.73
C1 GOL G . -22.59 8.17 -32.28
O1 GOL G . -23.45 7.06 -32.46
C2 GOL G . -23.45 9.37 -31.94
O2 GOL G . -23.05 9.94 -30.71
C3 GOL G . -24.91 8.94 -31.85
O3 GOL G . -25.57 9.40 -33.02
NA NA H . -23.30 -4.60 7.58
NA NA I . -34.28 8.30 -25.96
NA NA J . -15.18 21.61 -2.88
CO B12 K . -26.54 4.72 -2.40
N21 B12 K . -27.53 6.22 -2.98
N22 B12 K . -27.36 3.59 -3.67
N23 B12 K . -25.34 3.40 -1.77
N24 B12 K . -25.69 6.05 -1.37
C1 B12 K . -27.30 7.51 -2.34
C20 B12 K . -28.23 7.63 -1.14
C2 B12 K . -27.73 8.50 -3.44
C25 B12 K . -28.32 9.77 -2.83
C26 B12 K . -26.53 8.85 -4.30
C27 B12 K . -26.96 9.53 -5.58
O28 B12 K . -27.15 8.89 -6.60
N29 B12 K . -27.11 10.85 -5.53
C3 B12 K . -28.80 7.73 -4.26
C30 B12 K . -30.21 7.83 -3.67
C31 B12 K . -31.11 8.68 -4.56
C32 B12 K . -32.51 8.66 -3.97
O34 B12 K . -33.11 7.60 -3.86
N33 B12 K . -33.02 9.85 -3.62
C4 B12 K . -28.29 6.33 -4.16
C5 B12 K . -28.62 5.22 -5.02
C35 B12 K . -29.56 5.49 -6.17
C6 B12 K . -28.16 3.98 -4.77
C7 B12 K . -28.52 2.76 -5.61
C36 B12 K . -30.03 2.67 -5.86
C37 B12 K . -27.79 2.91 -6.95
C38 B12 K . -26.29 2.96 -6.77
O39 B12 K . -25.66 4.01 -6.93
N40 B12 K . -25.67 1.83 -6.43
C8 B12 K . -27.97 1.56 -4.83
C41 B12 K . -29.02 0.69 -4.13
C42 B12 K . -29.36 1.22 -2.73
C43 B12 K . -30.25 0.23 -1.99
O44 B12 K . -29.78 -0.54 -1.16
N45 B12 K . -31.53 0.25 -2.31
C9 B12 K . -27.11 2.20 -3.80
C10 B12 K . -26.08 1.46 -3.06
C11 B12 K . -25.32 2.03 -2.12
C12 B12 K . -24.24 1.28 -1.44
C46 B12 K . -22.89 1.47 -2.07
C47 B12 K . -24.49 -0.11 -0.93
C13 B12 K . -24.06 2.16 -0.18
C48 B12 K . -24.79 1.65 1.06
C49 B12 K . -24.05 1.97 2.36
C50 B12 K . -23.77 0.66 3.03
O51 B12 K . -23.22 0.59 4.11
N52 B12 K . -24.19 -0.40 2.35
C14 B12 K . -24.54 3.52 -0.62
C15 B12 K . -24.12 4.80 -0.02
C53 B12 K . -23.03 4.78 1.02
C16 B12 K . -24.65 5.95 -0.44
C17 B12 K . -24.32 7.35 0.04
C54 B12 K . -22.97 7.72 -0.60
C55 B12 K . -24.21 7.45 1.56
C56 B12 K . -25.53 7.46 2.32
C57 B12 K . -25.16 7.56 3.79
O58 B12 K . -24.08 8.04 4.12
N59 B12 K . -26.02 7.09 4.69
C18 B12 K . -25.43 8.22 -0.60
C60 B12 K . -24.95 9.61 -1.02
C61 B12 K . -25.06 10.60 0.12
O63 B12 K . -25.53 10.27 1.19
N62 B12 K . -24.62 11.84 -0.09
C19 B12 K . -25.90 7.39 -1.79
C1P B12 K . -25.86 7.46 6.08
C2P B12 K . -25.45 6.27 6.92
C3P B12 K . -25.42 6.68 8.39
O3 B12 K . -26.40 5.23 6.74
O4 B12 K . -27.04 3.00 7.88
O5 B12 K . -24.64 3.40 7.44
P B12 K . -26.04 3.65 6.95
O2 B12 K . -26.21 3.12 5.41
C3R B12 K . -27.50 2.96 4.84
C2R B12 K . -27.81 3.97 3.73
O7R B12 K . -26.59 4.28 3.06
C1R B12 K . -28.67 3.15 2.80
O6R B12 K . -28.11 1.84 2.87
C4R B12 K . -27.69 1.59 4.21
C5R B12 K . -28.89 0.92 4.89
O8R B12 K . -28.42 -0.26 5.55
N1B B12 K . -28.65 3.62 1.39
C8B B12 K . -29.74 3.78 0.62
C2B B12 K . -27.57 3.92 0.66
N3B B12 K . -27.91 4.29 -0.61
C9B B12 K . -29.25 4.21 -0.71
C4B B12 K . -30.15 4.47 -1.73
C5B B12 K . -31.53 4.29 -1.50
C5M B12 K . -32.50 4.58 -2.62
C6B B12 K . -32.00 3.86 -0.17
C6M B12 K . -33.48 3.68 0.09
C7B B12 K . -31.10 3.60 0.86
NA NA L . -4.49 16.30 5.67
C1 GOL M . 26.67 5.89 -20.52
O1 GOL M . 26.22 4.58 -20.21
C2 GOL M . 26.83 6.65 -19.23
O2 GOL M . 26.74 5.70 -18.18
C3 GOL M . 25.66 7.63 -19.07
O3 GOL M . 25.35 8.17 -20.35
C1 GOL N . 23.68 11.21 -13.86
O1 GOL N . 24.42 11.30 -15.05
C2 GOL N . 23.32 12.62 -13.48
O2 GOL N . 23.48 13.37 -14.67
C3 GOL N . 24.34 13.03 -12.45
O3 GOL N . 25.10 11.88 -12.12
C1 GOL O . 24.84 31.03 0.20
O1 GOL O . 24.38 29.82 0.76
C2 GOL O . 26.33 30.91 -0.01
O2 GOL O . 26.57 30.98 -1.41
C3 GOL O . 26.75 29.53 0.51
O3 GOL O . 28.12 29.53 0.86
NA NA P . 32.97 23.25 15.58
CO B12 Q . 24.38 -4.43 9.98
N21 B12 Q . 25.57 -5.90 9.91
N22 B12 Q . 25.70 -3.27 9.26
N23 B12 Q . 22.98 -3.18 9.96
N24 B12 Q . 23.19 -5.80 10.49
C1 B12 Q . 25.06 -7.20 10.35
C20 B12 Q . 25.30 -7.29 11.85
C2 B12 Q . 25.98 -8.21 9.67
C25 B12 Q . 26.25 -9.38 10.61
C26 B12 Q . 25.32 -8.70 8.39
C27 B12 Q . 26.34 -9.22 7.41
O28 B12 Q . 26.96 -8.44 6.70
N29 B12 Q . 26.49 -10.55 7.29
C3 B12 Q . 27.29 -7.43 9.38
C30 B12 Q . 28.30 -7.54 10.54
C31 B12 Q . 29.50 -8.42 10.19
C32 B12 Q . 30.53 -8.42 11.29
O34 B12 Q . 31.32 -7.47 11.41
N33 B12 Q . 30.58 -9.48 12.13
C4 B12 Q . 26.76 -6.01 9.22
C5 B12 Q . 27.47 -4.88 8.63
C35 B12 Q . 28.84 -5.16 8.06
C6 B12 Q . 26.93 -3.64 8.63
C7 B12 Q . 27.61 -2.36 8.11
C36 B12 Q . 29.08 -2.21 8.49
C37 B12 Q . 27.46 -2.20 6.59
C38 B12 Q . 27.33 -3.48 5.82
O39 B12 Q . 26.25 -4.04 5.71
N40 B12 Q . 28.47 -3.93 5.30
C8 B12 Q . 26.75 -1.22 8.64
C41 B12 Q . 27.39 -0.52 9.83
C42 B12 Q . 27.54 -1.48 11.01
C43 B12 Q . 28.03 -0.67 12.16
O44 B12 Q . 27.21 -0.02 12.80
N45 B12 Q . 29.35 -0.69 12.38
C9 B12 Q . 25.48 -1.91 9.05
C10 B12 Q . 24.21 -1.20 9.20
C11 B12 Q . 23.10 -1.82 9.64
C12 B12 Q . 21.85 -1.06 9.80
C46 B12 Q . 20.86 -1.08 8.66
C47 B12 Q . 22.33 0.26 10.39
C13 B12 Q . 21.21 -1.90 10.92
C48 B12 Q . 21.64 -1.31 12.27
C49 B12 Q . 21.20 -2.13 13.46
C50 B12 Q . 19.69 -2.15 13.60
O51 B12 Q . 19.08 -1.28 14.21
N52 B12 Q . 19.11 -3.18 13.01
C14 B12 Q . 21.78 -3.28 10.68
C15 B12 Q . 21.15 -4.57 10.98
C53 B12 Q . 19.71 -4.62 11.39
C16 B12 Q . 21.84 -5.72 10.85
C17 B12 Q . 21.34 -7.13 11.09
C54 B12 Q . 20.48 -7.46 9.86
C55 B12 Q . 20.49 -7.31 12.36
C56 B12 Q . 21.29 -7.38 13.66
C57 B12 Q . 20.35 -7.54 14.84
O58 B12 Q . 19.18 -7.78 14.68
N59 B12 Q . 20.88 -7.41 16.07
C18 B12 Q . 22.62 -7.98 10.98
C60 B12 Q . 22.42 -9.34 10.30
C61 B12 Q . 22.20 -10.44 11.32
O63 B12 Q . 22.03 -10.18 12.51
N62 B12 Q . 22.20 -11.68 10.84
C19 B12 Q . 23.55 -7.12 10.16
C1P B12 Q . 20.11 -7.74 17.25
C2P B12 Q . 19.35 -6.50 17.73
C3P B12 Q . 18.43 -6.87 18.90
O3 B12 Q . 20.29 -5.52 18.15
O4 B12 Q . 20.41 -3.17 19.23
O5 B12 Q . 18.49 -3.74 17.74
P B12 Q . 19.96 -3.95 18.00
O2 B12 Q . 20.87 -3.64 16.71
C3R B12 Q . 22.26 -3.37 16.86
C2R B12 Q . 23.06 -4.35 16.03
O7R B12 Q . 22.28 -4.68 14.88
C1R B12 Q . 24.26 -3.53 15.58
O6R B12 Q . 23.75 -2.20 15.43
C4R B12 Q . 22.59 -2.01 16.25
C5R B12 Q . 22.88 -0.96 17.30
O8R B12 Q . 21.96 0.14 17.11
N1B B12 Q . 24.86 -3.94 14.29
C8B B12 Q . 26.18 -4.12 14.06
C2B B12 Q . 24.20 -4.14 13.14
N3B B12 Q . 25.05 -4.48 12.13
C9B B12 Q . 26.31 -4.49 12.64
C4B B12 Q . 27.58 -4.75 12.10
C5B B12 Q . 28.71 -4.66 12.89
C5M B12 Q . 30.07 -4.94 12.30
C6B B12 Q . 28.57 -4.30 14.32
C6M B12 Q . 29.80 -4.20 15.21
C7B B12 Q . 27.31 -4.03 14.85
NA NA R . 17.23 -14.77 15.68
NA NA S . 28.44 -17.01 12.38
#